data_8TAA
# 
_entry.id   8TAA 
# 
_audit_conform.dict_name       mmcif_pdbx.dic 
_audit_conform.dict_version    5.401 
_audit_conform.dict_location   http://mmcif.pdb.org/dictionaries/ascii/mmcif_pdbx.dic 
# 
loop_
_database_2.database_id 
_database_2.database_code 
_database_2.pdbx_database_accession 
_database_2.pdbx_DOI 
PDB   8TAA         pdb_00008taa 10.2210/pdb8taa/pdb 
WWPDB D_1000274691 ?            ?                   
# 
loop_
_pdbx_audit_revision_history.ordinal 
_pdbx_audit_revision_history.data_content_type 
_pdbx_audit_revision_history.major_revision 
_pdbx_audit_revision_history.minor_revision 
_pdbx_audit_revision_history.revision_date 
1 'Structure model' 1 0 2024-07-03 
2 'Structure model' 2 0 2024-10-16 
3 'Structure model' 2 1 2025-01-15 
4 'Structure model' 2 2 2025-02-05 
# 
loop_
_pdbx_audit_revision_details.ordinal 
_pdbx_audit_revision_details.revision_ordinal 
_pdbx_audit_revision_details.data_content_type 
_pdbx_audit_revision_details.provider 
_pdbx_audit_revision_details.type 
_pdbx_audit_revision_details.description 
_pdbx_audit_revision_details.details 
1 1 'Structure model' repository 'Initial release'        ?                    ? 
2 2 'Structure model' author     'Coordinate replacement' 'Model completeness' 
;Added more atoms to the ligand and additional waters. Split four nucleotides due to two different positions for the phosphate backbones.
;
# 
loop_
_pdbx_audit_revision_group.ordinal 
_pdbx_audit_revision_group.revision_ordinal 
_pdbx_audit_revision_group.data_content_type 
_pdbx_audit_revision_group.group 
1  2 'Structure model' Advisory                     
2  2 'Structure model' 'Atomic model'               
3  2 'Structure model' 'Author supporting evidence' 
4  2 'Structure model' 'Data collection'            
5  2 'Structure model' 'Derived calculations'       
6  2 'Structure model' 'Experimental preparation'   
7  2 'Structure model' 'Non-polymer description'    
8  2 'Structure model' 'Refinement description'     
9  2 'Structure model' 'Structure summary'          
10 3 'Structure model' 'Database references'        
11 4 'Structure model' 'Database references'        
# 
loop_
_pdbx_audit_revision_category.ordinal 
_pdbx_audit_revision_category.revision_ordinal 
_pdbx_audit_revision_category.data_content_type 
_pdbx_audit_revision_category.category 
1  2 'Structure model' atom_site                    
2  2 'Structure model' atom_site_anisotrop          
3  2 'Structure model' atom_type                    
4  2 'Structure model' chem_comp                    
5  2 'Structure model' chem_comp_atom               
6  2 'Structure model' chem_comp_bond               
7  2 'Structure model' entity                       
8  2 'Structure model' exptl_crystal_grow           
9  2 'Structure model' ndb_struct_conf_na           
10 2 'Structure model' ndb_struct_na_base_pair      
11 2 'Structure model' ndb_struct_na_base_pair_step 
12 2 'Structure model' pdbx_contact_author          
13 2 'Structure model' pdbx_entity_instance_feature 
14 2 'Structure model' pdbx_entity_nonpoly          
15 2 'Structure model' pdbx_entry_details           
16 2 'Structure model' pdbx_nonpoly_scheme          
17 2 'Structure model' pdbx_refine_tls              
18 2 'Structure model' pdbx_refine_tls_group        
19 2 'Structure model' pdbx_struct_conn_angle       
20 2 'Structure model' pdbx_unobs_or_zero_occ_atoms 
21 2 'Structure model' pdbx_validate_rmsd_angle     
22 2 'Structure model' pdbx_validate_rmsd_bond      
23 2 'Structure model' refine                       
24 2 'Structure model' refine_hist                  
25 2 'Structure model' refine_ls_restr              
26 2 'Structure model' refine_ls_shell              
27 2 'Structure model' software                     
28 2 'Structure model' struct_conn                  
29 3 'Structure model' citation                     
30 3 'Structure model' citation_author              
31 4 'Structure model' citation                     
32 4 'Structure model' citation_author              
# 
loop_
_pdbx_audit_revision_item.ordinal 
_pdbx_audit_revision_item.revision_ordinal 
_pdbx_audit_revision_item.data_content_type 
_pdbx_audit_revision_item.item 
1  2 'Structure model' '_chem_comp.formula'                           
2  2 'Structure model' '_chem_comp.formula_weight'                    
3  2 'Structure model' '_chem_comp.id'                                
4  2 'Structure model' '_chem_comp.name'                              
5  2 'Structure model' '_entity.formula_weight'                       
6  2 'Structure model' '_entity.pdbx_description'                     
7  2 'Structure model' '_entity.pdbx_number_of_molecules'             
8  2 'Structure model' '_exptl_crystal_grow.pdbx_details'             
9  2 'Structure model' '_pdbx_entity_nonpoly.comp_id'                 
10 2 'Structure model' '_pdbx_entity_nonpoly.name'                    
11 2 'Structure model' '_pdbx_entry_details.has_ligand_of_interest'   
12 2 'Structure model' '_pdbx_entry_details.has_protein_modification' 
13 2 'Structure model' '_refine.B_iso_mean'                           
14 2 'Structure model' '_refine.ls_R_factor_R_free'                   
15 2 'Structure model' '_refine.ls_R_factor_R_work'                   
16 2 'Structure model' '_refine.ls_R_factor_obs'                      
17 2 'Structure model' '_refine.overall_SU_ML'                        
18 2 'Structure model' '_refine.pdbx_R_Free_selection_details'        
19 2 'Structure model' '_refine.pdbx_overall_phase_error'             
20 2 'Structure model' '_refine_hist.number_atoms_solvent'            
21 2 'Structure model' '_refine_hist.number_atoms_total'              
22 2 'Structure model' '_refine_hist.pdbx_number_atoms_ligand'        
23 2 'Structure model' '_refine_ls_restr.dev_ideal'                   
24 2 'Structure model' '_refine_ls_restr.number'                      
25 2 'Structure model' '_refine_ls_shell.R_factor_R_free'             
26 2 'Structure model' '_refine_ls_shell.R_factor_R_work'             
27 3 'Structure model' '_citation.country'                            
28 3 'Structure model' '_citation.journal_abbrev'                     
29 3 'Structure model' '_citation.journal_id_ASTM'                    
30 3 'Structure model' '_citation.journal_id_CSD'                     
31 3 'Structure model' '_citation.journal_id_ISSN'                    
32 3 'Structure model' '_citation.pdbx_database_id_DOI'               
33 3 'Structure model' '_citation.pdbx_database_id_PubMed'            
34 3 'Structure model' '_citation.title'                              
35 3 'Structure model' '_citation.year'                               
36 4 'Structure model' '_citation.journal_volume'                     
37 4 'Structure model' '_citation.year'                               
38 4 'Structure model' '_citation_author.identifier_ORCID'            
# 
_pdbx_database_status.status_code                     REL 
_pdbx_database_status.status_code_sf                  REL 
_pdbx_database_status.status_code_mr                  ? 
_pdbx_database_status.entry_id                        8TAA 
_pdbx_database_status.recvd_initial_deposition_date   2023-06-27 
_pdbx_database_status.SG_entry                        N 
_pdbx_database_status.deposit_site                    RCSB 
_pdbx_database_status.process_site                    RCSB 
_pdbx_database_status.status_code_cs                  ? 
_pdbx_database_status.status_code_nmr_data            ? 
_pdbx_database_status.methods_development_category    ? 
_pdbx_database_status.pdb_format_compatible           Y 
# 
_pdbx_contact_author.id                 2 
_pdbx_contact_author.email              lyatsun1@swarthmore.edu 
_pdbx_contact_author.name_first         Liliya 
_pdbx_contact_author.name_last          Yatsunyk 
_pdbx_contact_author.name_mi            ? 
_pdbx_contact_author.role               'principal investigator/group leader' 
_pdbx_contact_author.identifier_ORCID   0000-0003-3946-0939 
# 
loop_
_audit_author.name 
_audit_author.pdbx_ordinal 
_audit_author.identifier_ORCID 
'Seth, P.C.'     1 0000-0003-4071-6970 
'Yatsunyk, L.A.' 2 0000-0003-3946-0939 
# 
_citation.abstract                  ? 
_citation.abstract_id_CAS           ? 
_citation.book_id_ISBN              ? 
_citation.book_publisher            ? 
_citation.book_publisher_city       ? 
_citation.book_title                ? 
_citation.coordinate_linkage        ? 
_citation.country                   UK 
_citation.database_id_Medline       ? 
_citation.details                   ? 
_citation.id                        primary 
_citation.journal_abbrev            'Nucleic Acids Res.' 
_citation.journal_id_ASTM           NARHAD 
_citation.journal_id_CSD            0389 
_citation.journal_id_ISSN           1362-4962 
_citation.journal_full              ? 
_citation.journal_issue             ? 
_citation.journal_volume            53 
_citation.language                  ? 
_citation.page_first                ? 
_citation.page_last                 ? 
_citation.title                     
'Interaction of N-methylmesoporphyrin IX with a hybrid left-/right-handed G-quadruplex motif from the promoter of the SLC2A1 gene.' 
_citation.year                      2025 
_citation.database_id_CSD           ? 
_citation.pdbx_database_id_DOI      10.1093/nar/gkae1208 
_citation.pdbx_database_id_PubMed   39704129 
_citation.pdbx_database_id_patent   ? 
_citation.unpublished_flag          ? 
# 
loop_
_citation_author.citation_id 
_citation_author.name 
_citation_author.ordinal 
_citation_author.identifier_ORCID 
primary 'Seth, P.'          1 ? 
primary 'Xing, E.'          2 ? 
primary 'Hendrickson, A.D.' 3 ? 
primary 'Li, K.'            4 ? 
primary 'Monsen, R.'        5 ? 
primary 'Chaires, J.B.'     6 ? 
primary 'Neidle, S.'        7 ? 
primary 'Yatsunyk, L.A.'    8 ? 
# 
loop_
_entity.id 
_entity.type 
_entity.src_method 
_entity.pdbx_description 
_entity.formula_weight 
_entity.pdbx_number_of_molecules 
_entity.pdbx_ec 
_entity.pdbx_mutation 
_entity.pdbx_fragment 
_entity.details 
1 polymer     syn 'DNA (25-MER)'                     7969.085 1  ? ? ? ? 
2 non-polymer syn 'SPERMINE (FULLY PROTONATED FORM)' 206.372  1  ? ? ? ? 
3 non-polymer syn '(4S)-2-METHYL-2,4-PENTANEDIOL'    118.174  1  ? ? ? ? 
4 non-polymer syn N-METHYLMESOPORPHYRIN              580.716  1  ? ? ? ? 
5 non-polymer syn 'POTASSIUM ION'                    39.098   3  ? ? ? ? 
6 water       nat water                              18.015   62 ? ? ? ? 
# 
_entity_poly.entity_id                      1 
_entity_poly.type                           polydeoxyribonucleotide 
_entity_poly.nstd_linkage                   no 
_entity_poly.nstd_monomer                   no 
_entity_poly.pdbx_seq_one_letter_code       
;(DG)(DT)(DG)(DG)(DT)(DG)(DG)(DT)(DG)(DG)(DT)(DG)(DA)(DT)(DG)(DG)(DT)(DG)(DG)(DT)
(DG)(DG)(DT)(DG)(DG)
;
_entity_poly.pdbx_seq_one_letter_code_can   GTGGTGGTGGTGATGGTGGTGGTGG 
_entity_poly.pdbx_strand_id                 A 
_entity_poly.pdbx_target_identifier         ? 
# 
loop_
_pdbx_entity_nonpoly.entity_id 
_pdbx_entity_nonpoly.name 
_pdbx_entity_nonpoly.comp_id 
2 'SPERMINE (FULLY PROTONATED FORM)' SPK 
3 '(4S)-2-METHYL-2,4-PENTANEDIOL'    MPD 
4 N-METHYLMESOPORPHYRIN              MMP 
5 'POTASSIUM ION'                    K   
6 water                              HOH 
# 
loop_
_entity_poly_seq.entity_id 
_entity_poly_seq.num 
_entity_poly_seq.mon_id 
_entity_poly_seq.hetero 
1 1  DG n 
1 2  DT n 
1 3  DG n 
1 4  DG n 
1 5  DT n 
1 6  DG n 
1 7  DG n 
1 8  DT n 
1 9  DG n 
1 10 DG n 
1 11 DT n 
1 12 DG n 
1 13 DA n 
1 14 DT n 
1 15 DG n 
1 16 DG n 
1 17 DT n 
1 18 DG n 
1 19 DG n 
1 20 DT n 
1 21 DG n 
1 22 DG n 
1 23 DT n 
1 24 DG n 
1 25 DG n 
# 
_pdbx_entity_src_syn.entity_id              1 
_pdbx_entity_src_syn.pdbx_src_id            1 
_pdbx_entity_src_syn.pdbx_alt_source_flag   sample 
_pdbx_entity_src_syn.pdbx_beg_seq_num       1 
_pdbx_entity_src_syn.pdbx_end_seq_num       25 
_pdbx_entity_src_syn.organism_scientific    'Homo sapiens' 
_pdbx_entity_src_syn.organism_common_name   ? 
_pdbx_entity_src_syn.ncbi_taxonomy_id       9606 
_pdbx_entity_src_syn.details                ? 
# 
loop_
_chem_comp.id 
_chem_comp.type 
_chem_comp.mon_nstd_flag 
_chem_comp.name 
_chem_comp.pdbx_synonyms 
_chem_comp.formula 
_chem_comp.formula_weight 
DA  'DNA linking' y "2'-DEOXYADENOSINE-5'-MONOPHOSPHATE" ? 'C10 H14 N5 O6 P' 331.222 
DG  'DNA linking' y "2'-DEOXYGUANOSINE-5'-MONOPHOSPHATE" ? 'C10 H14 N5 O7 P' 347.221 
DT  'DNA linking' y "THYMIDINE-5'-MONOPHOSPHATE"         ? 'C10 H15 N2 O8 P' 322.208 
HOH non-polymer   . WATER                                ? 'H2 O'            18.015  
K   non-polymer   . 'POTASSIUM ION'                      ? 'K 1'             39.098  
MMP non-polymer   . N-METHYLMESOPORPHYRIN                ? 'C35 H40 N4 O4'   580.716 
MPD non-polymer   . '(4S)-2-METHYL-2,4-PENTANEDIOL'      ? 'C6 H14 O2'       118.174 
SPK non-polymer   . 'SPERMINE (FULLY PROTONATED FORM)'   ? 'C10 H30 N4 4'    206.372 
# 
loop_
_pdbx_poly_seq_scheme.asym_id 
_pdbx_poly_seq_scheme.entity_id 
_pdbx_poly_seq_scheme.seq_id 
_pdbx_poly_seq_scheme.mon_id 
_pdbx_poly_seq_scheme.ndb_seq_num 
_pdbx_poly_seq_scheme.pdb_seq_num 
_pdbx_poly_seq_scheme.auth_seq_num 
_pdbx_poly_seq_scheme.pdb_mon_id 
_pdbx_poly_seq_scheme.auth_mon_id 
_pdbx_poly_seq_scheme.pdb_strand_id 
_pdbx_poly_seq_scheme.pdb_ins_code 
_pdbx_poly_seq_scheme.hetero 
A 1 1  DG 1  1  1  DG DG A . n 
A 1 2  DT 2  2  2  DT DT A . n 
A 1 3  DG 3  3  3  DG DG A . n 
A 1 4  DG 4  4  4  DG DG A . n 
A 1 5  DT 5  5  5  DT DT A . n 
A 1 6  DG 6  6  6  DG DG A . n 
A 1 7  DG 7  7  7  DG DG A . n 
A 1 8  DT 8  8  8  DT DT A . n 
A 1 9  DG 9  9  9  DG DG A . n 
A 1 10 DG 10 10 10 DG DG A . n 
A 1 11 DT 11 11 11 DT DT A . n 
A 1 12 DG 12 12 12 DG DG A . n 
A 1 13 DA 13 13 13 DA DA A . n 
A 1 14 DT 14 14 14 DT DT A . n 
A 1 15 DG 15 15 15 DG DG A . n 
A 1 16 DG 16 16 16 DG DG A . n 
A 1 17 DT 17 17 17 DT DT A . n 
A 1 18 DG 18 18 18 DG DG A . n 
A 1 19 DG 19 19 19 DG DG A . n 
A 1 20 DT 20 20 20 DT DT A . n 
A 1 21 DG 21 21 21 DG DG A . n 
A 1 22 DG 22 22 22 DG DG A . n 
A 1 23 DT 23 23 23 DT DT A . n 
A 1 24 DG 24 24 24 DG DG A . n 
A 1 25 DG 25 25 25 DG DG A . n 
# 
loop_
_pdbx_nonpoly_scheme.asym_id 
_pdbx_nonpoly_scheme.entity_id 
_pdbx_nonpoly_scheme.mon_id 
_pdbx_nonpoly_scheme.ndb_seq_num 
_pdbx_nonpoly_scheme.pdb_seq_num 
_pdbx_nonpoly_scheme.auth_seq_num 
_pdbx_nonpoly_scheme.pdb_mon_id 
_pdbx_nonpoly_scheme.auth_mon_id 
_pdbx_nonpoly_scheme.pdb_strand_id 
_pdbx_nonpoly_scheme.pdb_ins_code 
B 2 SPK 1  101 66 SPK SPM A . 
C 3 MPD 1  102 67 MPD MPD A . 
D 4 MMP 1  103 68 MMP MMP A . 
E 5 K   1  104 1  K   K   A . 
F 5 K   1  105 2  K   K   A . 
G 5 K   1  106 3  K   K   A . 
H 6 HOH 1  201 37 HOH HOH A . 
H 6 HOH 2  202 5  HOH HOH A . 
H 6 HOH 3  203 26 HOH HOH A . 
H 6 HOH 4  204 18 HOH HOH A . 
H 6 HOH 5  205 11 HOH HOH A . 
H 6 HOH 6  206 41 HOH HOH A . 
H 6 HOH 7  207 12 HOH HOH A . 
H 6 HOH 8  208 46 HOH HOH A . 
H 6 HOH 9  209 2  HOH HOH A . 
H 6 HOH 10 210 36 HOH HOH A . 
H 6 HOH 11 211 13 HOH HOH A . 
H 6 HOH 12 212 6  HOH HOH A . 
H 6 HOH 13 213 8  HOH HOH A . 
H 6 HOH 14 214 7  HOH HOH A . 
H 6 HOH 15 215 16 HOH HOH A . 
H 6 HOH 16 216 45 HOH HOH A . 
H 6 HOH 17 217 21 HOH HOH A . 
H 6 HOH 18 218 31 HOH HOH A . 
H 6 HOH 19 219 25 HOH HOH A . 
H 6 HOH 20 220 15 HOH HOH A . 
H 6 HOH 21 221 32 HOH HOH A . 
H 6 HOH 22 222 38 HOH HOH A . 
H 6 HOH 23 223 42 HOH HOH A . 
H 6 HOH 24 224 4  HOH HOH A . 
H 6 HOH 25 225 3  HOH HOH A . 
H 6 HOH 26 226 60 HOH HOH A . 
H 6 HOH 27 227 17 HOH HOH A . 
H 6 HOH 28 228 58 HOH HOH A . 
H 6 HOH 29 229 19 HOH HOH A . 
H 6 HOH 30 230 49 HOH HOH A . 
H 6 HOH 31 231 10 HOH HOH A . 
H 6 HOH 32 232 33 HOH HOH A . 
H 6 HOH 33 233 23 HOH HOH A . 
H 6 HOH 34 234 53 HOH HOH A . 
H 6 HOH 35 235 61 HOH HOH A . 
H 6 HOH 36 236 47 HOH HOH A . 
H 6 HOH 37 237 24 HOH HOH A . 
H 6 HOH 38 238 59 HOH HOH A . 
H 6 HOH 39 239 22 HOH HOH A . 
H 6 HOH 40 240 54 HOH HOH A . 
H 6 HOH 41 241 51 HOH HOH A . 
H 6 HOH 42 242 27 HOH HOH A . 
H 6 HOH 43 243 35 HOH HOH A . 
H 6 HOH 44 244 48 HOH HOH A . 
H 6 HOH 45 245 29 HOH HOH A . 
H 6 HOH 46 246 20 HOH HOH A . 
H 6 HOH 47 247 30 HOH HOH A . 
H 6 HOH 48 248 1  HOH HOH A . 
H 6 HOH 49 249 40 HOH HOH A . 
H 6 HOH 50 250 14 HOH HOH A . 
H 6 HOH 51 251 55 HOH HOH A . 
H 6 HOH 52 252 39 HOH HOH A . 
H 6 HOH 53 253 28 HOH HOH A . 
H 6 HOH 54 254 43 HOH HOH A . 
H 6 HOH 55 255 62 HOH HOH A . 
H 6 HOH 56 256 50 HOH HOH A . 
H 6 HOH 57 257 34 HOH HOH A . 
H 6 HOH 58 258 57 HOH HOH A . 
H 6 HOH 59 259 44 HOH HOH A . 
H 6 HOH 60 260 56 HOH HOH A . 
H 6 HOH 61 261 9  HOH HOH A . 
H 6 HOH 62 262 52 HOH HOH A . 
# 
loop_
_pdbx_unobs_or_zero_occ_atoms.id 
_pdbx_unobs_or_zero_occ_atoms.PDB_model_num 
_pdbx_unobs_or_zero_occ_atoms.polymer_flag 
_pdbx_unobs_or_zero_occ_atoms.occupancy_flag 
_pdbx_unobs_or_zero_occ_atoms.auth_asym_id 
_pdbx_unobs_or_zero_occ_atoms.auth_comp_id 
_pdbx_unobs_or_zero_occ_atoms.auth_seq_id 
_pdbx_unobs_or_zero_occ_atoms.PDB_ins_code 
_pdbx_unobs_or_zero_occ_atoms.auth_atom_id 
_pdbx_unobs_or_zero_occ_atoms.label_alt_id 
_pdbx_unobs_or_zero_occ_atoms.label_asym_id 
_pdbx_unobs_or_zero_occ_atoms.label_comp_id 
_pdbx_unobs_or_zero_occ_atoms.label_seq_id 
_pdbx_unobs_or_zero_occ_atoms.label_atom_id 
1 1 N 1 A MMP 103 ? C28 ? D MMP 1 C28 
2 1 N 1 A MMP 103 ? C39 ? D MMP 1 C39 
3 1 N 1 A MMP 103 ? O31 ? D MMP 1 O31 
4 1 N 1 A MMP 103 ? O32 ? D MMP 1 O32 
5 1 N 1 A MMP 103 ? C49 ? D MMP 1 C49 
6 1 N 1 A MMP 103 ? O41 ? D MMP 1 O41 
7 1 N 1 A MMP 103 ? O42 ? D MMP 1 O42 
# 
loop_
_software.citation_id 
_software.classification 
_software.compiler_name 
_software.compiler_version 
_software.contact_author 
_software.contact_author_email 
_software.date 
_software.description 
_software.dependencies 
_software.hardware 
_software.language 
_software.location 
_software.mods 
_software.name 
_software.os 
_software.os_version 
_software.type 
_software.version 
_software.pdbx_ordinal 
? refinement       ? ? ? ? ? ? ? ? ? ? ? PHENIX ? ? ? 1.21.2_5419 1 
? 'model building' ? ? ? ? ? ? ? ? ? ? ? Coot   ? ? ? 0.8.9.2     2 
? phasing          ? ? ? ? ? ? ? ? ? ? ? PHENIX ? ? ? 1.21.2_5419 3 
? 'data reduction' ? ? ? ? ? ? ? ? ? ? ? XDS    ? ? ? .           4 
? 'data scaling'   ? ? ? ? ? ? ? ? ? ? ? XDS    ? ? ? .           5 
# 
_cell.angle_alpha                  90.000 
_cell.angle_alpha_esd              ? 
_cell.angle_beta                   90.000 
_cell.angle_beta_esd               ? 
_cell.angle_gamma                  90.000 
_cell.angle_gamma_esd              ? 
_cell.entry_id                     8TAA 
_cell.details                      ? 
_cell.formula_units_Z              ? 
_cell.length_a                     30.897 
_cell.length_a_esd                 ? 
_cell.length_b                     30.897 
_cell.length_b_esd                 ? 
_cell.length_c                     141.543 
_cell.length_c_esd                 ? 
_cell.volume                       135120.431 
_cell.volume_esd                   ? 
_cell.Z_PDB                        8 
_cell.reciprocal_angle_alpha       ? 
_cell.reciprocal_angle_beta        ? 
_cell.reciprocal_angle_gamma       ? 
_cell.reciprocal_angle_alpha_esd   ? 
_cell.reciprocal_angle_beta_esd    ? 
_cell.reciprocal_angle_gamma_esd   ? 
_cell.reciprocal_length_a          ? 
_cell.reciprocal_length_b          ? 
_cell.reciprocal_length_c          ? 
_cell.reciprocal_length_a_esd      ? 
_cell.reciprocal_length_b_esd      ? 
_cell.reciprocal_length_c_esd      ? 
_cell.pdbx_unique_axis             ? 
_cell.pdbx_esd_method              ? 
# 
_symmetry.entry_id                         8TAA 
_symmetry.cell_setting                     ? 
_symmetry.Int_Tables_number                92 
_symmetry.space_group_name_Hall            'P 4abw 2nw' 
_symmetry.space_group_name_H-M             'P 41 21 2' 
_symmetry.pdbx_full_space_group_name_H-M   ? 
# 
_exptl.absorpt_coefficient_mu     ? 
_exptl.absorpt_correction_T_max   ? 
_exptl.absorpt_correction_T_min   ? 
_exptl.absorpt_correction_type    ? 
_exptl.absorpt_process_details    ? 
_exptl.entry_id                   8TAA 
_exptl.crystals_number            1 
_exptl.details                    ? 
_exptl.method                     'X-RAY DIFFRACTION' 
_exptl.method_details             ? 
# 
_exptl_crystal.colour                       ? 
_exptl_crystal.density_diffrn               ? 
_exptl_crystal.density_Matthews             2.17 
_exptl_crystal.density_method               ? 
_exptl_crystal.density_percent_sol          43 
_exptl_crystal.description                  'Amorphous cubes' 
_exptl_crystal.F_000                        ? 
_exptl_crystal.id                           1 
_exptl_crystal.preparation                  ? 
_exptl_crystal.size_max                     ? 
_exptl_crystal.size_mid                     ? 
_exptl_crystal.size_min                     ? 
_exptl_crystal.size_rad                     ? 
_exptl_crystal.colour_lustre                ? 
_exptl_crystal.colour_modifier              ? 
_exptl_crystal.colour_primary               ? 
_exptl_crystal.density_meas                 ? 
_exptl_crystal.density_meas_esd             ? 
_exptl_crystal.density_meas_gt              ? 
_exptl_crystal.density_meas_lt              ? 
_exptl_crystal.density_meas_temp            ? 
_exptl_crystal.density_meas_temp_esd        ? 
_exptl_crystal.density_meas_temp_gt         ? 
_exptl_crystal.density_meas_temp_lt         ? 
_exptl_crystal.pdbx_crystal_image_url       ? 
_exptl_crystal.pdbx_crystal_image_format    ? 
_exptl_crystal.pdbx_mosaicity               ? 
_exptl_crystal.pdbx_mosaicity_esd           ? 
_exptl_crystal.pdbx_mosaic_method           ? 
_exptl_crystal.pdbx_mosaic_block_size       ? 
_exptl_crystal.pdbx_mosaic_block_size_esd   ? 
# 
_exptl_crystal_grow.apparatus       ? 
_exptl_crystal_grow.atmosphere      ? 
_exptl_crystal_grow.crystal_id      1 
_exptl_crystal_grow.details         ? 
_exptl_crystal_grow.method          'VAPOR DIFFUSION, HANGING DROP' 
_exptl_crystal_grow.method_ref      ? 
_exptl_crystal_grow.pH              ? 
_exptl_crystal_grow.pressure        ? 
_exptl_crystal_grow.pressure_esd    ? 
_exptl_crystal_grow.seeding         ? 
_exptl_crystal_grow.seeding_ref     ? 
_exptl_crystal_grow.temp_details    ? 
_exptl_crystal_grow.temp_esd        ? 
_exptl_crystal_grow.time            ? 
_exptl_crystal_grow.pdbx_details    '2 mM Spermine, 45% MPD, 0.08 M NaCl, 0.04 M NaCaCo pH 6.0' 
_exptl_crystal_grow.pdbx_pH_range   ? 
_exptl_crystal_grow.temp            293 
# 
_diffrn.ambient_environment              ? 
_diffrn.ambient_temp                     196 
_diffrn.ambient_temp_details             ? 
_diffrn.ambient_temp_esd                 ? 
_diffrn.crystal_id                       1 
_diffrn.crystal_support                  ? 
_diffrn.crystal_treatment                ? 
_diffrn.details                          ? 
_diffrn.id                               1 
_diffrn.ambient_pressure                 ? 
_diffrn.ambient_pressure_esd             ? 
_diffrn.ambient_pressure_gt              ? 
_diffrn.ambient_pressure_lt              ? 
_diffrn.ambient_temp_gt                  ? 
_diffrn.ambient_temp_lt                  ? 
_diffrn.pdbx_serial_crystal_experiment   N 
# 
_diffrn_detector.details                      ? 
_diffrn_detector.detector                     PIXEL 
_diffrn_detector.diffrn_id                    1 
_diffrn_detector.type                         'DECTRIS PILATUS 6M-F' 
_diffrn_detector.area_resol_mean              ? 
_diffrn_detector.dtime                        ? 
_diffrn_detector.pdbx_frames_total            ? 
_diffrn_detector.pdbx_collection_time_total   ? 
_diffrn_detector.pdbx_collection_date         2022-10-29 
_diffrn_detector.pdbx_frequency               ? 
_diffrn_detector.id                           ? 
_diffrn_detector.number_of_axes               ? 
# 
_diffrn_radiation.collimation                      ? 
_diffrn_radiation.diffrn_id                        1 
_diffrn_radiation.filter_edge                      ? 
_diffrn_radiation.inhomogeneity                    ? 
_diffrn_radiation.monochromator                    ? 
_diffrn_radiation.polarisn_norm                    ? 
_diffrn_radiation.polarisn_ratio                   ? 
_diffrn_radiation.probe                            ? 
_diffrn_radiation.type                             ? 
_diffrn_radiation.xray_symbol                      ? 
_diffrn_radiation.wavelength_id                    1 
_diffrn_radiation.pdbx_monochromatic_or_laue_m_l   M 
_diffrn_radiation.pdbx_wavelength_list             ? 
_diffrn_radiation.pdbx_wavelength                  ? 
_diffrn_radiation.pdbx_diffrn_protocol             'SINGLE WAVELENGTH' 
_diffrn_radiation.pdbx_analyzer                    ? 
_diffrn_radiation.pdbx_scattering_type             x-ray 
# 
_diffrn_radiation_wavelength.id           1 
_diffrn_radiation_wavelength.wavelength   0.97918 
_diffrn_radiation_wavelength.wt           1.0 
# 
_diffrn_source.current                     ? 
_diffrn_source.details                     ? 
_diffrn_source.diffrn_id                   1 
_diffrn_source.power                       ? 
_diffrn_source.size                        ? 
_diffrn_source.source                      SYNCHROTRON 
_diffrn_source.target                      ? 
_diffrn_source.type                        'APS BEAMLINE 24-ID-C' 
_diffrn_source.voltage                     ? 
_diffrn_source.take-off_angle              ? 
_diffrn_source.pdbx_wavelength_list        0.97918 
_diffrn_source.pdbx_wavelength             ? 
_diffrn_source.pdbx_synchrotron_beamline   24-ID-C 
_diffrn_source.pdbx_synchrotron_site       APS 
# 
_reflns.B_iso_Wilson_estimate                          28.44 
_reflns.entry_id                                       8TAA 
_reflns.data_reduction_details                         ? 
_reflns.data_reduction_method                          ? 
_reflns.d_resolution_high                              1.45 
_reflns.d_resolution_low                               141.54 
_reflns.details                                        ? 
_reflns.limit_h_max                                    ? 
_reflns.limit_h_min                                    ? 
_reflns.limit_k_max                                    ? 
_reflns.limit_k_min                                    ? 
_reflns.limit_l_max                                    ? 
_reflns.limit_l_min                                    ? 
_reflns.number_all                                     ? 
_reflns.number_obs                                     13141 
_reflns.observed_criterion                             ? 
_reflns.observed_criterion_F_max                       ? 
_reflns.observed_criterion_F_min                       ? 
_reflns.observed_criterion_I_max                       ? 
_reflns.observed_criterion_I_min                       ? 
_reflns.observed_criterion_sigma_F                     ? 
_reflns.observed_criterion_sigma_I                     ? 
_reflns.percent_possible_obs                           100.0 
_reflns.R_free_details                                 ? 
_reflns.Rmerge_F_all                                   ? 
_reflns.Rmerge_F_obs                                   ? 
_reflns.Friedel_coverage                               ? 
_reflns.number_gt                                      ? 
_reflns.threshold_expression                           ? 
_reflns.pdbx_redundancy                                12.2 
_reflns.pdbx_netI_over_av_sigmaI                       ? 
_reflns.pdbx_netI_over_sigmaI                          21.0 
_reflns.pdbx_res_netI_over_av_sigmaI_2                 ? 
_reflns.pdbx_res_netI_over_sigmaI_2                    ? 
_reflns.pdbx_chi_squared                               ? 
_reflns.pdbx_scaling_rejects                           ? 
_reflns.pdbx_d_res_high_opt                            ? 
_reflns.pdbx_d_res_low_opt                             ? 
_reflns.pdbx_d_res_opt_method                          ? 
_reflns.phase_calculation_details                      ? 
_reflns.pdbx_Rrim_I_all                                0.051 
_reflns.pdbx_Rpim_I_all                                0.015 
_reflns.pdbx_d_opt                                     ? 
_reflns.pdbx_number_measured_all                       ? 
_reflns.pdbx_diffrn_id                                 1 
_reflns.pdbx_ordinal                                   1 
_reflns.pdbx_CC_half                                   .999 
_reflns.pdbx_CC_star                                   ? 
_reflns.pdbx_R_split                                   ? 
_reflns.pdbx_Rmerge_I_obs                              .049 
_reflns.pdbx_Rmerge_I_all                              ? 
_reflns.pdbx_Rsym_value                                ? 
_reflns.pdbx_CC_split_method                           ? 
_reflns.pdbx_aniso_diffraction_limit_axis_1_ortho[1]   ? 
_reflns.pdbx_aniso_diffraction_limit_axis_1_ortho[2]   ? 
_reflns.pdbx_aniso_diffraction_limit_axis_1_ortho[3]   ? 
_reflns.pdbx_aniso_diffraction_limit_axis_2_ortho[1]   ? 
_reflns.pdbx_aniso_diffraction_limit_axis_2_ortho[2]   ? 
_reflns.pdbx_aniso_diffraction_limit_axis_2_ortho[3]   ? 
_reflns.pdbx_aniso_diffraction_limit_axis_3_ortho[1]   ? 
_reflns.pdbx_aniso_diffraction_limit_axis_3_ortho[2]   ? 
_reflns.pdbx_aniso_diffraction_limit_axis_3_ortho[3]   ? 
_reflns.pdbx_aniso_diffraction_limit_1                 ? 
_reflns.pdbx_aniso_diffraction_limit_2                 ? 
_reflns.pdbx_aniso_diffraction_limit_3                 ? 
_reflns.pdbx_aniso_B_tensor_eigenvector_1_ortho[1]     ? 
_reflns.pdbx_aniso_B_tensor_eigenvector_1_ortho[2]     ? 
_reflns.pdbx_aniso_B_tensor_eigenvector_1_ortho[3]     ? 
_reflns.pdbx_aniso_B_tensor_eigenvector_2_ortho[1]     ? 
_reflns.pdbx_aniso_B_tensor_eigenvector_2_ortho[2]     ? 
_reflns.pdbx_aniso_B_tensor_eigenvector_2_ortho[3]     ? 
_reflns.pdbx_aniso_B_tensor_eigenvector_3_ortho[1]     ? 
_reflns.pdbx_aniso_B_tensor_eigenvector_3_ortho[2]     ? 
_reflns.pdbx_aniso_B_tensor_eigenvector_3_ortho[3]     ? 
_reflns.pdbx_aniso_B_tensor_eigenvalue_1               ? 
_reflns.pdbx_aniso_B_tensor_eigenvalue_2               ? 
_reflns.pdbx_aniso_B_tensor_eigenvalue_3               ? 
_reflns.pdbx_orthogonalization_convention              ? 
_reflns.pdbx_percent_possible_ellipsoidal              ? 
_reflns.pdbx_percent_possible_spherical                ? 
_reflns.pdbx_percent_possible_ellipsoidal_anomalous    ? 
_reflns.pdbx_percent_possible_spherical_anomalous      ? 
_reflns.pdbx_redundancy_anomalous                      ? 
_reflns.pdbx_CC_half_anomalous                         ? 
_reflns.pdbx_absDiff_over_sigma_anomalous              ? 
_reflns.pdbx_percent_possible_anomalous                ? 
_reflns.pdbx_observed_signal_threshold                 ? 
_reflns.pdbx_signal_type                               ? 
_reflns.pdbx_signal_details                            ? 
_reflns.pdbx_signal_software_id                        ? 
# 
_reflns_shell.d_res_high                                    1.45 
_reflns_shell.d_res_low                                     1.47 
_reflns_shell.meanI_over_sigI_all                           ? 
_reflns_shell.meanI_over_sigI_obs                           1.2 
_reflns_shell.number_measured_all                           ? 
_reflns_shell.number_measured_obs                           ? 
_reflns_shell.number_possible                               ? 
_reflns_shell.number_unique_all                             ? 
_reflns_shell.number_unique_obs                             647 
_reflns_shell.percent_possible_obs                          ? 
_reflns_shell.Rmerge_F_all                                  ? 
_reflns_shell.Rmerge_F_obs                                  ? 
_reflns_shell.meanI_over_sigI_gt                            ? 
_reflns_shell.meanI_over_uI_all                             ? 
_reflns_shell.meanI_over_uI_gt                              ? 
_reflns_shell.number_measured_gt                            ? 
_reflns_shell.number_unique_gt                              ? 
_reflns_shell.percent_possible_gt                           ? 
_reflns_shell.Rmerge_F_gt                                   ? 
_reflns_shell.Rmerge_I_gt                                   ? 
_reflns_shell.pdbx_redundancy                               ? 
_reflns_shell.pdbx_chi_squared                              ? 
_reflns_shell.pdbx_netI_over_sigmaI_all                     ? 
_reflns_shell.pdbx_netI_over_sigmaI_obs                     ? 
_reflns_shell.pdbx_Rrim_I_all                               1.866 
_reflns_shell.pdbx_Rpim_I_all                               0.523 
_reflns_shell.pdbx_rejects                                  ? 
_reflns_shell.pdbx_ordinal                                  1 
_reflns_shell.pdbx_diffrn_id                                1 
_reflns_shell.pdbx_CC_half                                  0.678 
_reflns_shell.pdbx_CC_star                                  ? 
_reflns_shell.pdbx_R_split                                  ? 
_reflns_shell.percent_possible_all                          100.0 
_reflns_shell.Rmerge_I_all                                  ? 
_reflns_shell.Rmerge_I_obs                                  1.789 
_reflns_shell.pdbx_Rsym_value                               ? 
_reflns_shell.pdbx_percent_possible_ellipsoidal             ? 
_reflns_shell.pdbx_percent_possible_spherical               ? 
_reflns_shell.pdbx_percent_possible_ellipsoidal_anomalous   ? 
_reflns_shell.pdbx_percent_possible_spherical_anomalous     ? 
_reflns_shell.pdbx_redundancy_anomalous                     ? 
_reflns_shell.pdbx_CC_half_anomalous                        ? 
_reflns_shell.pdbx_absDiff_over_sigma_anomalous             ? 
_reflns_shell.pdbx_percent_possible_anomalous               ? 
# 
_refine.aniso_B[1][1]                            ? 
_refine.aniso_B[1][2]                            ? 
_refine.aniso_B[1][3]                            ? 
_refine.aniso_B[2][2]                            ? 
_refine.aniso_B[2][3]                            ? 
_refine.aniso_B[3][3]                            ? 
_refine.B_iso_max                                ? 
_refine.B_iso_mean                               41.75 
_refine.B_iso_min                                ? 
_refine.correlation_coeff_Fo_to_Fc               ? 
_refine.correlation_coeff_Fo_to_Fc_free          ? 
_refine.details                                  ? 
_refine.diff_density_max                         ? 
_refine.diff_density_max_esd                     ? 
_refine.diff_density_min                         ? 
_refine.diff_density_min_esd                     ? 
_refine.diff_density_rms                         ? 
_refine.diff_density_rms_esd                     ? 
_refine.entry_id                                 8TAA 
_refine.pdbx_refine_id                           'X-RAY DIFFRACTION' 
_refine.ls_abs_structure_details                 ? 
_refine.ls_abs_structure_Flack                   ? 
_refine.ls_abs_structure_Flack_esd               ? 
_refine.ls_abs_structure_Rogers                  ? 
_refine.ls_abs_structure_Rogers_esd              ? 
_refine.ls_d_res_high                            1.45 
_refine.ls_d_res_low                             35.39 
_refine.ls_extinction_coef                       ? 
_refine.ls_extinction_coef_esd                   ? 
_refine.ls_extinction_expression                 ? 
_refine.ls_extinction_method                     ? 
_refine.ls_goodness_of_fit_all                   ? 
_refine.ls_goodness_of_fit_all_esd               ? 
_refine.ls_goodness_of_fit_obs                   ? 
_refine.ls_goodness_of_fit_obs_esd               ? 
_refine.ls_hydrogen_treatment                    ? 
_refine.ls_matrix_type                           ? 
_refine.ls_number_constraints                    ? 
_refine.ls_number_parameters                     ? 
_refine.ls_number_reflns_all                     ? 
_refine.ls_number_reflns_obs                     13049 
_refine.ls_number_reflns_R_free                  702 
_refine.ls_number_reflns_R_work                  12347 
_refine.ls_number_restraints                     ? 
_refine.ls_percent_reflns_obs                    99.87 
_refine.ls_percent_reflns_R_free                 5.38 
_refine.ls_R_factor_all                          ? 
_refine.ls_R_factor_obs                          0.1809 
_refine.ls_R_factor_R_free                       0.2268 
_refine.ls_R_factor_R_free_error                 ? 
_refine.ls_R_factor_R_free_error_details         ? 
_refine.ls_R_factor_R_work                       0.1783 
_refine.ls_R_Fsqd_factor_obs                     ? 
_refine.ls_R_I_factor_obs                        ? 
_refine.ls_redundancy_reflns_all                 ? 
_refine.ls_redundancy_reflns_obs                 ? 
_refine.ls_restrained_S_all                      ? 
_refine.ls_restrained_S_obs                      ? 
_refine.ls_shift_over_esd_max                    ? 
_refine.ls_shift_over_esd_mean                   ? 
_refine.ls_structure_factor_coef                 ? 
_refine.ls_weighting_details                     ? 
_refine.ls_weighting_scheme                      ? 
_refine.ls_wR_factor_all                         ? 
_refine.ls_wR_factor_obs                         ? 
_refine.ls_wR_factor_R_free                      ? 
_refine.ls_wR_factor_R_work                      ? 
_refine.occupancy_max                            ? 
_refine.occupancy_min                            ? 
_refine.solvent_model_details                    'FLAT BULK SOLVENT MODEL' 
_refine.solvent_model_param_bsol                 ? 
_refine.solvent_model_param_ksol                 ? 
_refine.pdbx_R_complete                          ? 
_refine.ls_R_factor_gt                           ? 
_refine.ls_goodness_of_fit_gt                    ? 
_refine.ls_goodness_of_fit_ref                   ? 
_refine.ls_shift_over_su_max                     ? 
_refine.ls_shift_over_su_max_lt                  ? 
_refine.ls_shift_over_su_mean                    ? 
_refine.ls_shift_over_su_mean_lt                 ? 
_refine.pdbx_ls_sigma_I                          ? 
_refine.pdbx_ls_sigma_F                          1.36 
_refine.pdbx_ls_sigma_Fsqd                       ? 
_refine.pdbx_data_cutoff_high_absF               ? 
_refine.pdbx_data_cutoff_high_rms_absF           ? 
_refine.pdbx_data_cutoff_low_absF                ? 
_refine.pdbx_isotropic_thermal_model             ? 
_refine.pdbx_ls_cross_valid_method               'FREE R-VALUE' 
_refine.pdbx_method_to_determine_struct          'MOLECULAR REPLACEMENT' 
_refine.pdbx_starting_model                      ? 
_refine.pdbx_stereochemistry_target_values       'GeoStd + Monomer Library + CDL v1.2' 
_refine.pdbx_R_Free_selection_details            RANDOM 
_refine.pdbx_stereochem_target_val_spec_case     ? 
_refine.pdbx_overall_ESU_R                       ? 
_refine.pdbx_overall_ESU_R_Free                  ? 
_refine.pdbx_solvent_vdw_probe_radii             1.1000 
_refine.pdbx_solvent_ion_probe_radii             ? 
_refine.pdbx_solvent_shrinkage_radii             0.9000 
_refine.pdbx_real_space_R                        ? 
_refine.pdbx_density_correlation                 ? 
_refine.pdbx_pd_number_of_powder_patterns        ? 
_refine.pdbx_pd_number_of_points                 ? 
_refine.pdbx_pd_meas_number_of_points            ? 
_refine.pdbx_pd_proc_ls_prof_R_factor            ? 
_refine.pdbx_pd_proc_ls_prof_wR_factor           ? 
_refine.pdbx_pd_Marquardt_correlation_coeff      ? 
_refine.pdbx_pd_Fsqrd_R_factor                   ? 
_refine.pdbx_pd_ls_matrix_band_width             ? 
_refine.pdbx_overall_phase_error                 28.3357 
_refine.pdbx_overall_SU_R_free_Cruickshank_DPI   ? 
_refine.pdbx_overall_SU_R_free_Blow_DPI          ? 
_refine.pdbx_overall_SU_R_Blow_DPI               ? 
_refine.pdbx_TLS_residual_ADP_flag               ? 
_refine.pdbx_diffrn_id                           1 
_refine.overall_SU_B                             ? 
_refine.overall_SU_ML                            0.1904 
_refine.overall_SU_R_Cruickshank_DPI             ? 
_refine.overall_SU_R_free                        ? 
_refine.overall_FOM_free_R_set                   ? 
_refine.overall_FOM_work_R_set                   ? 
_refine.pdbx_average_fsc_overall                 ? 
_refine.pdbx_average_fsc_work                    ? 
_refine.pdbx_average_fsc_free                    ? 
# 
_refine_hist.pdbx_refine_id                   'X-RAY DIFFRACTION' 
_refine_hist.cycle_id                         LAST 
_refine_hist.details                          ? 
_refine_hist.d_res_high                       1.45 
_refine_hist.d_res_low                        35.39 
_refine_hist.number_atoms_solvent             62 
_refine_hist.number_atoms_total               653 
_refine_hist.number_reflns_all                ? 
_refine_hist.number_reflns_obs                ? 
_refine_hist.number_reflns_R_free             ? 
_refine_hist.number_reflns_R_work             ? 
_refine_hist.R_factor_all                     ? 
_refine_hist.R_factor_obs                     ? 
_refine_hist.R_factor_R_free                  ? 
_refine_hist.R_factor_R_work                  ? 
_refine_hist.pdbx_number_residues_total       ? 
_refine_hist.pdbx_B_iso_mean_ligand           ? 
_refine_hist.pdbx_B_iso_mean_solvent          ? 
_refine_hist.pdbx_number_atoms_protein        0 
_refine_hist.pdbx_number_atoms_nucleic_acid   530 
_refine_hist.pdbx_number_atoms_ligand         61 
_refine_hist.pdbx_number_atoms_lipid          ? 
_refine_hist.pdbx_number_atoms_carb           ? 
_refine_hist.pdbx_pseudo_atom_details         ? 
# 
loop_
_refine_ls_restr.pdbx_refine_id 
_refine_ls_restr.criterion 
_refine_ls_restr.dev_ideal 
_refine_ls_restr.dev_ideal_target 
_refine_ls_restr.number 
_refine_ls_restr.rejects 
_refine_ls_restr.type 
_refine_ls_restr.weight 
_refine_ls_restr.pdbx_restraint_function 
'X-RAY DIFFRACTION' ? 0.0063  ? 752  ? f_bond_d           ? ? 
'X-RAY DIFFRACTION' ? 1.0093  ? 1162 ? f_angle_d          ? ? 
'X-RAY DIFFRACTION' ? 0.0410  ? 116  ? f_chiral_restr     ? ? 
'X-RAY DIFFRACTION' ? 0.0104  ? 33   ? f_plane_restr      ? ? 
'X-RAY DIFFRACTION' ? 34.9078 ? 331  ? f_dihedral_angle_d ? ? 
# 
loop_
_refine_ls_shell.pdbx_refine_id 
_refine_ls_shell.d_res_high 
_refine_ls_shell.d_res_low 
_refine_ls_shell.number_reflns_all 
_refine_ls_shell.number_reflns_obs 
_refine_ls_shell.number_reflns_R_free 
_refine_ls_shell.number_reflns_R_work 
_refine_ls_shell.percent_reflns_obs 
_refine_ls_shell.percent_reflns_R_free 
_refine_ls_shell.R_factor_all 
_refine_ls_shell.R_factor_obs 
_refine_ls_shell.R_factor_R_free_error 
_refine_ls_shell.R_factor_R_work 
_refine_ls_shell.redundancy_reflns_all 
_refine_ls_shell.redundancy_reflns_obs 
_refine_ls_shell.wR_factor_all 
_refine_ls_shell.wR_factor_obs 
_refine_ls_shell.wR_factor_R_free 
_refine_ls_shell.wR_factor_R_work 
_refine_ls_shell.pdbx_R_complete 
_refine_ls_shell.pdbx_total_number_of_bins_used 
_refine_ls_shell.pdbx_phase_error 
_refine_ls_shell.pdbx_fsc_work 
_refine_ls_shell.pdbx_fsc_free 
_refine_ls_shell.R_factor_R_free 
'X-RAY DIFFRACTION' 1.45 1.56  . . 142 2400 100.00 . . . . 0.2387 . . . . . . . . . . . 0.3081 
'X-RAY DIFFRACTION' 1.56 1.72  . . 127 2414 99.73  . . . . 0.1789 . . . . . . . . . . . 0.2283 
'X-RAY DIFFRACTION' 1.72 1.97  . . 137 2408 99.84  . . . . 0.1893 . . . . . . . . . . . 0.2937 
'X-RAY DIFFRACTION' 1.97 2.48  . . 142 2471 100.00 . . . . 0.2368 . . . . . . . . . . . 0.2649 
'X-RAY DIFFRACTION' 2.48 35.39 . . 154 2654 99.79  . . . . 0.1608 . . . . . . . . . . . 0.2046 
# 
_struct.entry_id                     8TAA 
_struct.title                        'Right-left hybrid parallel G-quadruplex in complex with N-methyl mesoporphyrin' 
_struct.pdbx_model_details           ? 
_struct.pdbx_formula_weight          ? 
_struct.pdbx_formula_weight_method   ? 
_struct.pdbx_model_type_details      ? 
_struct.pdbx_CASP_flag               N 
# 
_struct_keywords.entry_id        8TAA 
_struct_keywords.text            'G-quadruplex, right-left-handed, parallel, NMM, DNA' 
_struct_keywords.pdbx_keywords   DNA 
# 
loop_
_struct_asym.id 
_struct_asym.pdbx_blank_PDB_chainid_flag 
_struct_asym.pdbx_modified 
_struct_asym.entity_id 
_struct_asym.details 
A N N 1 ? 
B N N 2 ? 
C N N 3 ? 
D N N 4 ? 
E N N 5 ? 
F N N 5 ? 
G N N 5 ? 
H N N 6 ? 
# 
_struct_ref.id                         1 
_struct_ref.db_name                    PDB 
_struct_ref.db_code                    8TAA 
_struct_ref.pdbx_db_accession          8TAA 
_struct_ref.pdbx_db_isoform            ? 
_struct_ref.entity_id                  1 
_struct_ref.pdbx_seq_one_letter_code   ? 
_struct_ref.pdbx_align_begin           1 
# 
_struct_ref_seq.align_id                      1 
_struct_ref_seq.ref_id                        1 
_struct_ref_seq.pdbx_PDB_id_code              8TAA 
_struct_ref_seq.pdbx_strand_id                A 
_struct_ref_seq.seq_align_beg                 1 
_struct_ref_seq.pdbx_seq_align_beg_ins_code   ? 
_struct_ref_seq.seq_align_end                 25 
_struct_ref_seq.pdbx_seq_align_end_ins_code   ? 
_struct_ref_seq.pdbx_db_accession             8TAA 
_struct_ref_seq.db_align_beg                  1 
_struct_ref_seq.pdbx_db_align_beg_ins_code    ? 
_struct_ref_seq.db_align_end                  25 
_struct_ref_seq.pdbx_db_align_end_ins_code    ? 
_struct_ref_seq.pdbx_auth_seq_align_beg       1 
_struct_ref_seq.pdbx_auth_seq_align_end       25 
# 
_pdbx_struct_assembly.id                   1 
_pdbx_struct_assembly.details              author_defined_assembly 
_pdbx_struct_assembly.method_details       ? 
_pdbx_struct_assembly.oligomeric_details   monomeric 
_pdbx_struct_assembly.oligomeric_count     1 
# 
_pdbx_struct_assembly_gen.assembly_id       1 
_pdbx_struct_assembly_gen.oper_expression   1 
_pdbx_struct_assembly_gen.asym_id_list      A,B,C,D,E,F,G,H 
# 
_pdbx_struct_assembly_auth_evidence.id                     1 
_pdbx_struct_assembly_auth_evidence.assembly_id            1 
_pdbx_struct_assembly_auth_evidence.experimental_support   none 
_pdbx_struct_assembly_auth_evidence.details                ? 
# 
_pdbx_struct_oper_list.id                   1 
_pdbx_struct_oper_list.type                 'identity operation' 
_pdbx_struct_oper_list.name                 1_555 
_pdbx_struct_oper_list.symmetry_operation   x,y,z 
_pdbx_struct_oper_list.matrix[1][1]         1.0000000000 
_pdbx_struct_oper_list.matrix[1][2]         0.0000000000 
_pdbx_struct_oper_list.matrix[1][3]         0.0000000000 
_pdbx_struct_oper_list.vector[1]            0.0000000000 
_pdbx_struct_oper_list.matrix[2][1]         0.0000000000 
_pdbx_struct_oper_list.matrix[2][2]         1.0000000000 
_pdbx_struct_oper_list.matrix[2][3]         0.0000000000 
_pdbx_struct_oper_list.vector[2]            0.0000000000 
_pdbx_struct_oper_list.matrix[3][1]         0.0000000000 
_pdbx_struct_oper_list.matrix[3][2]         0.0000000000 
_pdbx_struct_oper_list.matrix[3][3]         1.0000000000 
_pdbx_struct_oper_list.vector[3]            0.0000000000 
# 
loop_
_struct_conn.id 
_struct_conn.conn_type_id 
_struct_conn.pdbx_leaving_atom_flag 
_struct_conn.pdbx_PDB_id 
_struct_conn.ptnr1_label_asym_id 
_struct_conn.ptnr1_label_comp_id 
_struct_conn.ptnr1_label_seq_id 
_struct_conn.ptnr1_label_atom_id 
_struct_conn.pdbx_ptnr1_label_alt_id 
_struct_conn.pdbx_ptnr1_PDB_ins_code 
_struct_conn.pdbx_ptnr1_standard_comp_id 
_struct_conn.ptnr1_symmetry 
_struct_conn.ptnr2_label_asym_id 
_struct_conn.ptnr2_label_comp_id 
_struct_conn.ptnr2_label_seq_id 
_struct_conn.ptnr2_label_atom_id 
_struct_conn.pdbx_ptnr2_label_alt_id 
_struct_conn.pdbx_ptnr2_PDB_ins_code 
_struct_conn.ptnr1_auth_asym_id 
_struct_conn.ptnr1_auth_comp_id 
_struct_conn.ptnr1_auth_seq_id 
_struct_conn.ptnr2_auth_asym_id 
_struct_conn.ptnr2_auth_comp_id 
_struct_conn.ptnr2_auth_seq_id 
_struct_conn.ptnr2_symmetry 
_struct_conn.pdbx_ptnr3_label_atom_id 
_struct_conn.pdbx_ptnr3_label_seq_id 
_struct_conn.pdbx_ptnr3_label_comp_id 
_struct_conn.pdbx_ptnr3_label_asym_id 
_struct_conn.pdbx_ptnr3_label_alt_id 
_struct_conn.pdbx_ptnr3_PDB_ins_code 
_struct_conn.details 
_struct_conn.pdbx_dist_value 
_struct_conn.pdbx_value_order 
_struct_conn.pdbx_role 
metalc1  metalc ? ? A DG 1  O6 ? ? ? 1_555 E K  .  K  ? ? A DG 1  A K  104 1_555 ? ? ? ? ? ? ?           2.886 ? ? 
metalc2  metalc ? ? A DG 1  O6 ? ? ? 1_555 F K  .  K  ? ? A DG 1  A K  105 1_555 ? ? ? ? ? ? ?           2.801 ? ? 
metalc3  metalc ? ? A DG 3  O6 ? ? ? 1_555 E K  .  K  ? ? A DG 3  A K  104 1_555 ? ? ? ? ? ? ?           2.742 ? ? 
metalc4  metalc ? ? A DG 4  O6 ? ? ? 1_555 E K  .  K  ? ? A DG 4  A K  104 1_555 ? ? ? ? ? ? ?           2.897 ? ? 
metalc5  metalc ? ? A DG 4  O6 ? ? ? 1_555 F K  .  K  ? ? A DG 4  A K  105 1_555 ? ? ? ? ? ? ?           2.759 ? ? 
metalc6  metalc ? ? A DG 6  O6 ? ? ? 1_555 E K  .  K  ? ? A DG 6  A K  104 1_555 ? ? ? ? ? ? ?           2.809 ? ? 
metalc7  metalc ? ? A DG 7  O6 ? ? ? 1_555 E K  .  K  ? ? A DG 7  A K  104 1_555 ? ? ? ? ? ? ?           2.933 ? ? 
metalc8  metalc ? ? A DG 7  O6 ? ? ? 1_555 F K  .  K  ? ? A DG 7  A K  105 1_555 ? ? ? ? ? ? ?           2.833 ? ? 
metalc9  metalc ? ? A DG 9  O6 ? ? ? 1_555 E K  .  K  ? ? A DG 9  A K  104 1_555 ? ? ? ? ? ? ?           2.785 ? ? 
metalc10 metalc ? ? A DG 10 O6 ? ? ? 1_555 E K  .  K  ? ? A DG 10 A K  104 1_555 ? ? ? ? ? ? ?           2.832 ? ? 
metalc11 metalc ? ? A DG 10 O6 ? ? ? 1_555 F K  .  K  ? ? A DG 10 A K  105 1_555 ? ? ? ? ? ? ?           2.775 ? ? 
metalc12 metalc ? ? A DG 12 O6 ? ? ? 1_555 E K  .  K  ? ? A DG 12 A K  104 1_555 ? ? ? ? ? ? ?           2.785 ? ? 
metalc13 metalc ? ? A DG 15 O6 ? ? ? 1_555 F K  .  K  ? ? A DG 15 A K  105 1_555 ? ? ? ? ? ? ?           2.865 ? ? 
metalc14 metalc ? ? A DG 15 O6 ? ? ? 1_555 G K  .  K  ? ? A DG 15 A K  106 1_555 ? ? ? ? ? ? ?           2.884 ? ? 
metalc15 metalc ? ? A DG 16 O6 ? ? ? 1_555 G K  .  K  ? ? A DG 16 A K  106 1_555 ? ? ? ? ? ? ?           2.703 ? ? 
metalc16 metalc ? ? A DG 18 O6 ? ? ? 1_555 F K  .  K  ? ? A DG 18 A K  105 1_555 ? ? ? ? ? ? ?           2.836 ? ? 
metalc17 metalc ? ? A DG 18 O6 ? ? ? 1_555 G K  .  K  ? ? A DG 18 A K  106 1_555 ? ? ? ? ? ? ?           2.825 ? ? 
metalc18 metalc ? ? A DG 19 O6 ? ? ? 1_555 G K  .  K  ? ? A DG 19 A K  106 1_555 ? ? ? ? ? ? ?           2.711 ? ? 
metalc19 metalc ? ? A DG 21 O6 A ? ? 1_555 F K  .  K  ? ? A DG 21 A K  105 1_555 ? ? ? ? ? ? ?           2.897 ? ? 
metalc20 metalc ? ? A DG 21 O6 B ? ? 1_555 F K  .  K  ? ? A DG 21 A K  105 1_555 ? ? ? ? ? ? ?           2.780 ? ? 
metalc21 metalc ? ? A DG 21 O6 A ? ? 1_555 G K  .  K  ? ? A DG 21 A K  106 1_555 ? ? ? ? ? ? ?           2.744 ? ? 
metalc22 metalc ? ? A DG 21 O6 B ? ? 1_555 G K  .  K  ? ? A DG 21 A K  106 1_555 ? ? ? ? ? ? ?           3.013 ? ? 
metalc23 metalc ? ? A DG 22 O6 ? ? ? 1_555 G K  .  K  ? ? A DG 22 A K  106 1_555 ? ? ? ? ? ? ?           2.674 ? ? 
metalc24 metalc ? ? A DG 24 O6 A ? ? 1_555 F K  .  K  ? ? A DG 24 A K  105 1_555 ? ? ? ? ? ? ?           2.790 ? ? 
metalc25 metalc ? ? A DG 24 O6 B ? ? 1_555 F K  .  K  ? ? A DG 24 A K  105 1_555 ? ? ? ? ? ? ?           3.010 ? ? 
metalc26 metalc ? ? A DG 24 O6 A ? ? 1_555 G K  .  K  ? ? A DG 24 A K  106 1_555 ? ? ? ? ? ? ?           2.838 ? ? 
metalc27 metalc ? ? A DG 24 O6 B ? ? 1_555 G K  .  K  ? ? A DG 24 A K  106 1_555 ? ? ? ? ? ? ?           2.763 ? ? 
metalc28 metalc ? ? A DG 25 O6 ? ? ? 1_555 G K  .  K  ? ? A DG 25 A K  106 1_555 ? ? ? ? ? ? ?           2.760 ? ? 
hydrog1  hydrog ? ? A DG 1  N1 ? ? ? 1_555 A DG 4  O6 ? ? A DG 1  A DG 4   1_555 ? ? ? ? ? ? TYPE_6_PAIR ?     ? ? 
hydrog2  hydrog ? ? A DG 1  N2 ? ? ? 1_555 A DG 4  N7 ? ? A DG 1  A DG 4   1_555 ? ? ? ? ? ? TYPE_6_PAIR ?     ? ? 
hydrog3  hydrog ? ? A DG 1  N7 ? ? ? 1_555 A DG 10 N2 ? ? A DG 1  A DG 10  1_555 ? ? ? ? ? ? TYPE_6_PAIR ?     ? ? 
hydrog4  hydrog ? ? A DG 1  O6 ? ? ? 1_555 A DG 10 N1 ? ? A DG 1  A DG 10  1_555 ? ? ? ? ? ? TYPE_6_PAIR ?     ? ? 
hydrog5  hydrog ? ? A DG 3  N1 ? ? ? 1_555 A DG 6  O6 ? ? A DG 3  A DG 6   1_555 ? ? ? ? ? ? TYPE_6_PAIR ?     ? ? 
hydrog6  hydrog ? ? A DG 3  N2 ? ? ? 1_555 A DG 6  N7 ? ? A DG 3  A DG 6   1_555 ? ? ? ? ? ? TYPE_6_PAIR ?     ? ? 
hydrog7  hydrog ? ? A DG 3  N7 ? ? ? 1_555 A DG 12 N2 ? ? A DG 3  A DG 12  1_555 ? ? ? ? ? ? TYPE_6_PAIR ?     ? ? 
hydrog8  hydrog ? ? A DG 3  O6 ? ? ? 1_555 A DG 12 N1 ? ? A DG 3  A DG 12  1_555 ? ? ? ? ? ? TYPE_6_PAIR ?     ? ? 
hydrog9  hydrog ? ? A DG 4  N1 ? ? ? 1_555 A DG 7  O6 ? ? A DG 4  A DG 7   1_555 ? ? ? ? ? ? TYPE_6_PAIR ?     ? ? 
hydrog10 hydrog ? ? A DG 4  N2 ? ? ? 1_555 A DG 7  N7 ? ? A DG 4  A DG 7   1_555 ? ? ? ? ? ? TYPE_6_PAIR ?     ? ? 
hydrog11 hydrog ? ? A DG 6  N1 ? ? ? 1_555 A DG 9  O6 ? ? A DG 6  A DG 9   1_555 ? ? ? ? ? ? TYPE_6_PAIR ?     ? ? 
hydrog12 hydrog ? ? A DG 6  N2 ? ? ? 1_555 A DG 9  N7 ? ? A DG 6  A DG 9   1_555 ? ? ? ? ? ? TYPE_6_PAIR ?     ? ? 
hydrog13 hydrog ? ? A DG 7  N1 ? ? ? 1_555 A DG 10 O6 ? ? A DG 7  A DG 10  1_555 ? ? ? ? ? ? TYPE_6_PAIR ?     ? ? 
hydrog14 hydrog ? ? A DG 7  N2 ? ? ? 1_555 A DG 10 N7 ? ? A DG 7  A DG 10  1_555 ? ? ? ? ? ? TYPE_6_PAIR ?     ? ? 
hydrog15 hydrog ? ? A DG 9  N1 ? ? ? 1_555 A DG 12 O6 ? ? A DG 9  A DG 12  1_555 ? ? ? ? ? ? TYPE_6_PAIR ?     ? ? 
hydrog16 hydrog ? ? A DG 9  N2 ? ? ? 1_555 A DG 12 N7 ? ? A DG 9  A DG 12  1_555 ? ? ? ? ? ? TYPE_6_PAIR ?     ? ? 
hydrog17 hydrog ? ? A DG 15 N1 ? ? ? 1_555 A DG 18 O6 ? ? A DG 15 A DG 18  1_555 ? ? ? ? ? ? TYPE_6_PAIR ?     ? ? 
hydrog18 hydrog ? ? A DG 15 N2 ? ? ? 1_555 A DG 18 N7 ? ? A DG 15 A DG 18  1_555 ? ? ? ? ? ? TYPE_6_PAIR ?     ? ? 
hydrog19 hydrog ? ? A DG 15 N7 ? ? ? 1_555 A DG 24 N2 A ? A DG 15 A DG 24  1_555 ? ? ? ? ? ? TYPE_6_PAIR ?     ? ? 
hydrog20 hydrog ? ? A DG 15 N7 ? ? ? 1_555 A DG 24 N2 B ? A DG 15 A DG 24  1_555 ? ? ? ? ? ? TYPE_6_PAIR ?     ? ? 
hydrog21 hydrog ? ? A DG 15 O6 ? ? ? 1_555 A DG 24 N1 A ? A DG 15 A DG 24  1_555 ? ? ? ? ? ? TYPE_6_PAIR ?     ? ? 
hydrog22 hydrog ? ? A DG 15 O6 ? ? ? 1_555 A DG 24 N1 B ? A DG 15 A DG 24  1_555 ? ? ? ? ? ? TYPE_6_PAIR ?     ? ? 
hydrog23 hydrog ? ? A DG 16 N1 ? ? ? 1_555 A DG 19 O6 ? ? A DG 16 A DG 19  1_555 ? ? ? ? ? ? TYPE_6_PAIR ?     ? ? 
hydrog24 hydrog ? ? A DG 16 N2 ? ? ? 1_555 A DG 19 N7 ? ? A DG 16 A DG 19  1_555 ? ? ? ? ? ? TYPE_6_PAIR ?     ? ? 
hydrog25 hydrog ? ? A DG 16 N7 ? ? ? 1_555 A DG 25 N2 ? ? A DG 16 A DG 25  1_555 ? ? ? ? ? ? TYPE_6_PAIR ?     ? ? 
hydrog26 hydrog ? ? A DG 16 O6 ? ? ? 1_555 A DG 25 N1 ? ? A DG 16 A DG 25  1_555 ? ? ? ? ? ? TYPE_6_PAIR ?     ? ? 
hydrog27 hydrog ? ? A DG 18 N1 ? ? ? 1_555 A DG 21 O6 B ? A DG 18 A DG 21  1_555 ? ? ? ? ? ? TYPE_6_PAIR ?     ? ? 
hydrog28 hydrog ? ? A DG 18 N1 ? ? ? 1_555 A DG 21 O6 A ? A DG 18 A DG 21  1_555 ? ? ? ? ? ? TYPE_6_PAIR ?     ? ? 
hydrog29 hydrog ? ? A DG 18 N2 ? ? ? 1_555 A DG 21 N7 B ? A DG 18 A DG 21  1_555 ? ? ? ? ? ? TYPE_6_PAIR ?     ? ? 
hydrog30 hydrog ? ? A DG 18 N2 ? ? ? 1_555 A DG 21 N7 A ? A DG 18 A DG 21  1_555 ? ? ? ? ? ? TYPE_6_PAIR ?     ? ? 
hydrog31 hydrog ? ? A DG 19 N1 ? ? ? 1_555 A DG 22 O6 ? ? A DG 19 A DG 22  1_555 ? ? ? ? ? ? TYPE_6_PAIR ?     ? ? 
hydrog32 hydrog ? ? A DG 19 N2 ? ? ? 1_555 A DG 22 N7 ? ? A DG 19 A DG 22  1_555 ? ? ? ? ? ? TYPE_6_PAIR ?     ? ? 
hydrog33 hydrog ? ? A DG 21 N1 A ? ? 1_555 A DG 24 O6 A ? A DG 21 A DG 24  1_555 ? ? ? ? ? ? TYPE_6_PAIR ?     ? ? 
hydrog34 hydrog ? ? A DG 21 N1 B ? ? 1_555 A DG 24 O6 B ? A DG 21 A DG 24  1_555 ? ? ? ? ? ? TYPE_6_PAIR ?     ? ? 
hydrog35 hydrog ? ? A DG 21 N2 A ? ? 1_555 A DG 24 N7 A ? A DG 21 A DG 24  1_555 ? ? ? ? ? ? TYPE_6_PAIR ?     ? ? 
hydrog36 hydrog ? ? A DG 21 N2 B ? ? 1_555 A DG 24 N7 B ? A DG 21 A DG 24  1_555 ? ? ? ? ? ? TYPE_6_PAIR ?     ? ? 
hydrog37 hydrog ? ? A DG 22 N1 ? ? ? 1_555 A DG 25 O6 ? ? A DG 22 A DG 25  1_555 ? ? ? ? ? ? TYPE_6_PAIR ?     ? ? 
hydrog38 hydrog ? ? A DG 22 N2 ? ? ? 1_555 A DG 25 N7 ? ? A DG 22 A DG 25  1_555 ? ? ? ? ? ? TYPE_6_PAIR ?     ? ? 
# 
loop_
_struct_conn_type.id 
_struct_conn_type.criteria 
_struct_conn_type.reference 
metalc ? ? 
hydrog ? ? 
# 
loop_
_pdbx_struct_conn_angle.id 
_pdbx_struct_conn_angle.ptnr1_label_atom_id 
_pdbx_struct_conn_angle.ptnr1_label_alt_id 
_pdbx_struct_conn_angle.ptnr1_label_asym_id 
_pdbx_struct_conn_angle.ptnr1_label_comp_id 
_pdbx_struct_conn_angle.ptnr1_label_seq_id 
_pdbx_struct_conn_angle.ptnr1_auth_atom_id 
_pdbx_struct_conn_angle.ptnr1_auth_asym_id 
_pdbx_struct_conn_angle.ptnr1_auth_comp_id 
_pdbx_struct_conn_angle.ptnr1_auth_seq_id 
_pdbx_struct_conn_angle.ptnr1_PDB_ins_code 
_pdbx_struct_conn_angle.ptnr1_symmetry 
_pdbx_struct_conn_angle.ptnr2_label_atom_id 
_pdbx_struct_conn_angle.ptnr2_label_alt_id 
_pdbx_struct_conn_angle.ptnr2_label_asym_id 
_pdbx_struct_conn_angle.ptnr2_label_comp_id 
_pdbx_struct_conn_angle.ptnr2_label_seq_id 
_pdbx_struct_conn_angle.ptnr2_auth_atom_id 
_pdbx_struct_conn_angle.ptnr2_auth_asym_id 
_pdbx_struct_conn_angle.ptnr2_auth_comp_id 
_pdbx_struct_conn_angle.ptnr2_auth_seq_id 
_pdbx_struct_conn_angle.ptnr2_PDB_ins_code 
_pdbx_struct_conn_angle.ptnr2_symmetry 
_pdbx_struct_conn_angle.ptnr3_label_atom_id 
_pdbx_struct_conn_angle.ptnr3_label_alt_id 
_pdbx_struct_conn_angle.ptnr3_label_asym_id 
_pdbx_struct_conn_angle.ptnr3_label_comp_id 
_pdbx_struct_conn_angle.ptnr3_label_seq_id 
_pdbx_struct_conn_angle.ptnr3_auth_atom_id 
_pdbx_struct_conn_angle.ptnr3_auth_asym_id 
_pdbx_struct_conn_angle.ptnr3_auth_comp_id 
_pdbx_struct_conn_angle.ptnr3_auth_seq_id 
_pdbx_struct_conn_angle.ptnr3_PDB_ins_code 
_pdbx_struct_conn_angle.ptnr3_symmetry 
_pdbx_struct_conn_angle.value 
_pdbx_struct_conn_angle.value_esd 
1   O6 ? A DG 1  ? A DG 1  ? 1_555 K ? E K . ? A K 104 ? 1_555 O6 ? A DG 3  ? A DG 3  ? 1_555 91.0  ? 
2   O6 ? A DG 1  ? A DG 1  ? 1_555 K ? E K . ? A K 104 ? 1_555 O6 ? A DG 4  ? A DG 4  ? 1_555 66.5  ? 
3   O6 ? A DG 3  ? A DG 3  ? 1_555 K ? E K . ? A K 104 ? 1_555 O6 ? A DG 4  ? A DG 4  ? 1_555 79.6  ? 
4   O6 ? A DG 1  ? A DG 1  ? 1_555 K ? E K . ? A K 104 ? 1_555 O6 ? A DG 6  ? A DG 6  ? 1_555 157.1 ? 
5   O6 ? A DG 3  ? A DG 3  ? 1_555 K ? E K . ? A K 104 ? 1_555 O6 ? A DG 6  ? A DG 6  ? 1_555 73.4  ? 
6   O6 ? A DG 4  ? A DG 4  ? 1_555 K ? E K . ? A K 104 ? 1_555 O6 ? A DG 6  ? A DG 6  ? 1_555 93.7  ? 
7   O6 ? A DG 1  ? A DG 1  ? 1_555 K ? E K . ? A K 104 ? 1_555 O6 ? A DG 7  ? A DG 7  ? 1_555 102.5 ? 
8   O6 ? A DG 3  ? A DG 3  ? 1_555 K ? E K . ? A K 104 ? 1_555 O6 ? A DG 7  ? A DG 7  ? 1_555 133.4 ? 
9   O6 ? A DG 4  ? A DG 4  ? 1_555 K ? E K . ? A K 104 ? 1_555 O6 ? A DG 7  ? A DG 7  ? 1_555 66.2  ? 
10  O6 ? A DG 6  ? A DG 6  ? 1_555 K ? E K . ? A K 104 ? 1_555 O6 ? A DG 7  ? A DG 7  ? 1_555 78.0  ? 
11  O6 ? A DG 1  ? A DG 1  ? 1_555 K ? E K . ? A K 104 ? 1_555 O6 ? A DG 9  ? A DG 9  ? 1_555 133.3 ? 
12  O6 ? A DG 3  ? A DG 3  ? 1_555 K ? E K . ? A K 104 ? 1_555 O6 ? A DG 9  ? A DG 9  ? 1_555 109.4 ? 
13  O6 ? A DG 4  ? A DG 4  ? 1_555 K ? E K . ? A K 104 ? 1_555 O6 ? A DG 9  ? A DG 9  ? 1_555 156.1 ? 
14  O6 ? A DG 6  ? A DG 6  ? 1_555 K ? E K . ? A K 104 ? 1_555 O6 ? A DG 9  ? A DG 9  ? 1_555 69.0  ? 
15  O6 ? A DG 7  ? A DG 7  ? 1_555 K ? E K . ? A K 104 ? 1_555 O6 ? A DG 9  ? A DG 9  ? 1_555 93.3  ? 
16  O6 ? A DG 1  ? A DG 1  ? 1_555 K ? E K . ? A K 104 ? 1_555 O6 ? A DG 10 ? A DG 10 ? 1_555 67.1  ? 
17  O6 ? A DG 3  ? A DG 3  ? 1_555 K ? E K . ? A K 104 ? 1_555 O6 ? A DG 10 ? A DG 10 ? 1_555 155.0 ? 
18  O6 ? A DG 4  ? A DG 4  ? 1_555 K ? E K . ? A K 104 ? 1_555 O6 ? A DG 10 ? A DG 10 ? 1_555 100.9 ? 
19  O6 ? A DG 6  ? A DG 6  ? 1_555 K ? E K . ? A K 104 ? 1_555 O6 ? A DG 10 ? A DG 10 ? 1_555 131.0 ? 
20  O6 ? A DG 7  ? A DG 7  ? 1_555 K ? E K . ? A K 104 ? 1_555 O6 ? A DG 10 ? A DG 10 ? 1_555 66.4  ? 
21  O6 ? A DG 9  ? A DG 9  ? 1_555 K ? E K . ? A K 104 ? 1_555 O6 ? A DG 10 ? A DG 10 ? 1_555 80.3  ? 
22  O6 ? A DG 1  ? A DG 1  ? 1_555 K ? E K . ? A K 104 ? 1_555 O6 ? A DG 12 ? A DG 12 ? 1_555 75.7  ? 
23  O6 ? A DG 3  ? A DG 3  ? 1_555 K ? E K . ? A K 104 ? 1_555 O6 ? A DG 12 ? A DG 12 ? 1_555 68.8  ? 
24  O6 ? A DG 4  ? A DG 4  ? 1_555 K ? E K . ? A K 104 ? 1_555 O6 ? A DG 12 ? A DG 12 ? 1_555 129.7 ? 
25  O6 ? A DG 6  ? A DG 6  ? 1_555 K ? E K . ? A K 104 ? 1_555 O6 ? A DG 12 ? A DG 12 ? 1_555 112.4 ? 
26  O6 ? A DG 7  ? A DG 7  ? 1_555 K ? E K . ? A K 104 ? 1_555 O6 ? A DG 12 ? A DG 12 ? 1_555 157.7 ? 
27  O6 ? A DG 9  ? A DG 9  ? 1_555 K ? E K . ? A K 104 ? 1_555 O6 ? A DG 12 ? A DG 12 ? 1_555 73.7  ? 
28  O6 ? A DG 10 ? A DG 10 ? 1_555 K ? E K . ? A K 104 ? 1_555 O6 ? A DG 12 ? A DG 12 ? 1_555 93.2  ? 
29  O6 ? A DG 1  ? A DG 1  ? 1_555 K ? F K . ? A K 105 ? 1_555 O6 ? A DG 4  ? A DG 4  ? 1_555 69.5  ? 
30  O6 ? A DG 1  ? A DG 1  ? 1_555 K ? F K . ? A K 105 ? 1_555 O6 ? A DG 7  ? A DG 7  ? 1_555 107.4 ? 
31  O6 ? A DG 4  ? A DG 4  ? 1_555 K ? F K . ? A K 105 ? 1_555 O6 ? A DG 7  ? A DG 7  ? 1_555 69.4  ? 
32  O6 ? A DG 1  ? A DG 1  ? 1_555 K ? F K . ? A K 105 ? 1_555 O6 ? A DG 10 ? A DG 10 ? 1_555 69.0  ? 
33  O6 ? A DG 4  ? A DG 4  ? 1_555 K ? F K . ? A K 105 ? 1_555 O6 ? A DG 10 ? A DG 10 ? 1_555 105.9 ? 
34  O6 ? A DG 7  ? A DG 7  ? 1_555 K ? F K . ? A K 105 ? 1_555 O6 ? A DG 10 ? A DG 10 ? 1_555 68.5  ? 
35  O6 ? A DG 1  ? A DG 1  ? 1_555 K ? F K . ? A K 105 ? 1_555 O6 ? A DG 15 ? A DG 15 ? 1_555 87.6  ? 
36  O6 ? A DG 4  ? A DG 4  ? 1_555 K ? F K . ? A K 105 ? 1_555 O6 ? A DG 15 ? A DG 15 ? 1_555 150.6 ? 
37  O6 ? A DG 7  ? A DG 7  ? 1_555 K ? F K . ? A K 105 ? 1_555 O6 ? A DG 15 ? A DG 15 ? 1_555 137.5 ? 
38  O6 ? A DG 10 ? A DG 10 ? 1_555 K ? F K . ? A K 105 ? 1_555 O6 ? A DG 15 ? A DG 15 ? 1_555 81.2  ? 
39  O6 ? A DG 1  ? A DG 1  ? 1_555 K ? F K . ? A K 105 ? 1_555 O6 ? A DG 18 ? A DG 18 ? 1_555 149.6 ? 
40  O6 ? A DG 4  ? A DG 4  ? 1_555 K ? F K . ? A K 105 ? 1_555 O6 ? A DG 18 ? A DG 18 ? 1_555 139.8 ? 
41  O6 ? A DG 7  ? A DG 7  ? 1_555 K ? F K . ? A K 105 ? 1_555 O6 ? A DG 18 ? A DG 18 ? 1_555 83.6  ? 
42  O6 ? A DG 10 ? A DG 10 ? 1_555 K ? F K . ? A K 105 ? 1_555 O6 ? A DG 18 ? A DG 18 ? 1_555 90.1  ? 
43  O6 ? A DG 15 ? A DG 15 ? 1_555 K ? F K . ? A K 105 ? 1_555 O6 ? A DG 18 ? A DG 18 ? 1_555 66.9  ? 
44  O6 ? A DG 1  ? A DG 1  ? 1_555 K ? F K . ? A K 105 ? 1_555 O6 A A DG 21 ? A DG 21 ? 1_555 136.8 ? 
45  O6 ? A DG 4  ? A DG 4  ? 1_555 K ? F K . ? A K 105 ? 1_555 O6 A A DG 21 ? A DG 21 ? 1_555 83.8  ? 
46  O6 ? A DG 7  ? A DG 7  ? 1_555 K ? F K . ? A K 105 ? 1_555 O6 A A DG 21 ? A DG 21 ? 1_555 93.2  ? 
47  O6 ? A DG 10 ? A DG 10 ? 1_555 K ? F K . ? A K 105 ? 1_555 O6 A A DG 21 ? A DG 21 ? 1_555 153.5 ? 
48  O6 ? A DG 15 ? A DG 15 ? 1_555 K ? F K . ? A K 105 ? 1_555 O6 A A DG 21 ? A DG 21 ? 1_555 102.6 ? 
49  O6 ? A DG 18 ? A DG 18 ? 1_555 K ? F K . ? A K 105 ? 1_555 O6 A A DG 21 ? A DG 21 ? 1_555 68.1  ? 
50  O6 ? A DG 1  ? A DG 1  ? 1_555 K ? F K . ? A K 105 ? 1_555 O6 B A DG 21 ? A DG 21 ? 1_555 136.9 ? 
51  O6 ? A DG 4  ? A DG 4  ? 1_555 K ? F K . ? A K 105 ? 1_555 O6 B A DG 21 ? A DG 21 ? 1_555 79.1  ? 
52  O6 ? A DG 7  ? A DG 7  ? 1_555 K ? F K . ? A K 105 ? 1_555 O6 B A DG 21 ? A DG 21 ? 1_555 87.4  ? 
53  O6 ? A DG 10 ? A DG 10 ? 1_555 K ? F K . ? A K 105 ? 1_555 O6 B A DG 21 ? A DG 21 ? 1_555 150.7 ? 
54  O6 ? A DG 15 ? A DG 15 ? 1_555 K ? F K . ? A K 105 ? 1_555 O6 B A DG 21 ? A DG 21 ? 1_555 108.8 ? 
55  O6 ? A DG 18 ? A DG 18 ? 1_555 K ? F K . ? A K 105 ? 1_555 O6 B A DG 21 ? A DG 21 ? 1_555 70.2  ? 
56  O6 A A DG 21 ? A DG 21 ? 1_555 K ? F K . ? A K 105 ? 1_555 O6 B A DG 21 ? A DG 21 ? 1_555 6.4   ? 
57  O6 ? A DG 1  ? A DG 1  ? 1_555 K ? F K . ? A K 105 ? 1_555 O6 A A DG 24 ? A DG 24 ? 1_555 80.0  ? 
58  O6 ? A DG 4  ? A DG 4  ? 1_555 K ? F K . ? A K 105 ? 1_555 O6 A A DG 24 ? A DG 24 ? 1_555 88.9  ? 
59  O6 ? A DG 7  ? A DG 7  ? 1_555 K ? F K . ? A K 105 ? 1_555 O6 A A DG 24 ? A DG 24 ? 1_555 151.7 ? 
60  O6 ? A DG 10 ? A DG 10 ? 1_555 K ? F K . ? A K 105 ? 1_555 O6 A A DG 24 ? A DG 24 ? 1_555 137.4 ? 
61  O6 ? A DG 15 ? A DG 15 ? 1_555 K ? F K . ? A K 105 ? 1_555 O6 A A DG 24 ? A DG 24 ? 1_555 68.6  ? 
62  O6 ? A DG 18 ? A DG 18 ? 1_555 K ? F K . ? A K 105 ? 1_555 O6 A A DG 24 ? A DG 24 ? 1_555 104.0 ? 
63  O6 A A DG 21 ? A DG 21 ? 1_555 K ? F K . ? A K 105 ? 1_555 O6 A A DG 24 ? A DG 24 ? 1_555 65.8  ? 
64  O6 B A DG 21 ? A DG 21 ? 1_555 K ? F K . ? A K 105 ? 1_555 O6 A A DG 24 ? A DG 24 ? 1_555 70.4  ? 
65  O6 ? A DG 1  ? A DG 1  ? 1_555 K ? F K . ? A K 105 ? 1_555 O6 B A DG 24 ? A DG 24 ? 1_555 83.0  ? 
66  O6 ? A DG 4  ? A DG 4  ? 1_555 K ? F K . ? A K 105 ? 1_555 O6 B A DG 24 ? A DG 24 ? 1_555 90.0  ? 
67  O6 ? A DG 7  ? A DG 7  ? 1_555 K ? F K . ? A K 105 ? 1_555 O6 B A DG 24 ? A DG 24 ? 1_555 150.7 ? 
68  O6 ? A DG 10 ? A DG 10 ? 1_555 K ? F K . ? A K 105 ? 1_555 O6 B A DG 24 ? A DG 24 ? 1_555 139.6 ? 
69  O6 ? A DG 15 ? A DG 15 ? 1_555 K ? F K . ? A K 105 ? 1_555 O6 B A DG 24 ? A DG 24 ? 1_555 68.6  ? 
70  O6 ? A DG 18 ? A DG 18 ? 1_555 K ? F K . ? A K 105 ? 1_555 O6 B A DG 24 ? A DG 24 ? 1_555 101.3 ? 
71  O6 A A DG 21 ? A DG 21 ? 1_555 K ? F K . ? A K 105 ? 1_555 O6 B A DG 24 ? A DG 24 ? 1_555 63.1  ? 
72  O6 B A DG 21 ? A DG 21 ? 1_555 K ? F K . ? A K 105 ? 1_555 O6 B A DG 24 ? A DG 24 ? 1_555 67.8  ? 
73  O6 A A DG 24 ? A DG 24 ? 1_555 K ? F K . ? A K 105 ? 1_555 O6 B A DG 24 ? A DG 24 ? 1_555 3.1   ? 
74  O6 ? A DG 15 ? A DG 15 ? 1_555 K ? G K . ? A K 106 ? 1_555 O6 ? A DG 16 ? A DG 16 ? 1_555 74.6  ? 
75  O6 ? A DG 15 ? A DG 15 ? 1_555 K ? G K . ? A K 106 ? 1_555 O6 ? A DG 18 ? A DG 18 ? 1_555 66.7  ? 
76  O6 ? A DG 16 ? A DG 16 ? 1_555 K ? G K . ? A K 106 ? 1_555 O6 ? A DG 18 ? A DG 18 ? 1_555 89.5  ? 
77  O6 ? A DG 15 ? A DG 15 ? 1_555 K ? G K . ? A K 106 ? 1_555 O6 ? A DG 19 ? A DG 19 ? 1_555 132.2 ? 
78  O6 ? A DG 16 ? A DG 16 ? 1_555 K ? G K . ? A K 106 ? 1_555 O6 ? A DG 19 ? A DG 19 ? 1_555 75.3  ? 
79  O6 ? A DG 18 ? A DG 18 ? 1_555 K ? G K . ? A K 106 ? 1_555 O6 ? A DG 19 ? A DG 19 ? 1_555 76.8  ? 
80  O6 ? A DG 15 ? A DG 15 ? 1_555 K ? G K . ? A K 106 ? 1_555 O6 A A DG 21 ? A DG 21 ? 1_555 106.0 ? 
81  O6 ? A DG 16 ? A DG 16 ? 1_555 K ? G K . ? A K 106 ? 1_555 O6 A A DG 21 ? A DG 21 ? 1_555 157.0 ? 
82  O6 ? A DG 18 ? A DG 18 ? 1_555 K ? G K . ? A K 106 ? 1_555 O6 A A DG 21 ? A DG 21 ? 1_555 70.4  ? 
83  O6 ? A DG 19 ? A DG 19 ? 1_555 K ? G K . ? A K 106 ? 1_555 O6 A A DG 21 ? A DG 21 ? 1_555 88.8  ? 
84  O6 ? A DG 15 ? A DG 15 ? 1_555 K ? G K . ? A K 106 ? 1_555 O6 B A DG 21 ? A DG 21 ? 1_555 102.2 ? 
85  O6 ? A DG 16 ? A DG 16 ? 1_555 K ? G K . ? A K 106 ? 1_555 O6 B A DG 21 ? A DG 21 ? 1_555 155.0 ? 
86  O6 ? A DG 18 ? A DG 18 ? 1_555 K ? G K . ? A K 106 ? 1_555 O6 B A DG 21 ? A DG 21 ? 1_555 67.1  ? 
87  O6 ? A DG 19 ? A DG 19 ? 1_555 K ? G K . ? A K 106 ? 1_555 O6 B A DG 21 ? A DG 21 ? 1_555 90.3  ? 
88  O6 A A DG 21 ? A DG 21 ? 1_555 K ? G K . ? A K 106 ? 1_555 O6 B A DG 21 ? A DG 21 ? 1_555 4.1   ? 
89  O6 ? A DG 15 ? A DG 15 ? 1_555 K ? G K . ? A K 106 ? 1_555 O6 ? A DG 22 ? A DG 22 ? 1_555 152.7 ? 
90  O6 ? A DG 16 ? A DG 16 ? 1_555 K ? G K . ? A K 106 ? 1_555 O6 ? A DG 22 ? A DG 22 ? 1_555 115.2 ? 
91  O6 ? A DG 18 ? A DG 18 ? 1_555 K ? G K . ? A K 106 ? 1_555 O6 ? A DG 22 ? A DG 22 ? 1_555 135.2 ? 
92  O6 ? A DG 19 ? A DG 19 ? 1_555 K ? G K . ? A K 106 ? 1_555 O6 ? A DG 22 ? A DG 22 ? 1_555 74.7  ? 
93  O6 A A DG 21 ? A DG 21 ? 1_555 K ? G K . ? A K 106 ? 1_555 O6 ? A DG 22 ? A DG 22 ? 1_555 75.1  ? 
94  O6 B A DG 21 ? A DG 21 ? 1_555 K ? G K . ? A K 106 ? 1_555 O6 ? A DG 22 ? A DG 22 ? 1_555 79.2  ? 
95  O6 ? A DG 15 ? A DG 15 ? 1_555 K ? G K . ? A K 106 ? 1_555 O6 A A DG 24 ? A DG 24 ? 1_555 67.7  ? 
96  O6 ? A DG 16 ? A DG 16 ? 1_555 K ? G K . ? A K 106 ? 1_555 O6 A A DG 24 ? A DG 24 ? 1_555 130.7 ? 
97  O6 ? A DG 18 ? A DG 18 ? 1_555 K ? G K . ? A K 106 ? 1_555 O6 A A DG 24 ? A DG 24 ? 1_555 103.0 ? 
98  O6 ? A DG 19 ? A DG 19 ? 1_555 K ? G K . ? A K 106 ? 1_555 O6 A A DG 24 ? A DG 24 ? 1_555 153.8 ? 
99  O6 A A DG 21 ? A DG 21 ? 1_555 K ? G K . ? A K 106 ? 1_555 O6 A A DG 24 ? A DG 24 ? 1_555 67.2  ? 
100 O6 B A DG 21 ? A DG 21 ? 1_555 K ? G K . ? A K 106 ? 1_555 O6 A A DG 24 ? A DG 24 ? 1_555 66.5  ? 
101 O6 ? A DG 22 ? A DG 22 ? 1_555 K ? G K . ? A K 106 ? 1_555 O6 A A DG 24 ? A DG 24 ? 1_555 88.7  ? 
102 O6 ? A DG 15 ? A DG 15 ? 1_555 K ? G K . ? A K 106 ? 1_555 O6 B A DG 24 ? A DG 24 ? 1_555 71.8  ? 
103 O6 ? A DG 16 ? A DG 16 ? 1_555 K ? G K . ? A K 106 ? 1_555 O6 B A DG 24 ? A DG 24 ? 1_555 131.1 ? 
104 O6 ? A DG 18 ? A DG 18 ? 1_555 K ? G K . ? A K 106 ? 1_555 O6 B A DG 24 ? A DG 24 ? 1_555 108.1 ? 
105 O6 ? A DG 19 ? A DG 19 ? 1_555 K ? G K . ? A K 106 ? 1_555 O6 B A DG 24 ? A DG 24 ? 1_555 152.2 ? 
106 O6 A A DG 21 ? A DG 21 ? 1_555 K ? G K . ? A K 106 ? 1_555 O6 B A DG 24 ? A DG 24 ? 1_555 68.3  ? 
107 O6 B A DG 21 ? A DG 21 ? 1_555 K ? G K . ? A K 106 ? 1_555 O6 B A DG 24 ? A DG 24 ? 1_555 68.0  ? 
108 O6 ? A DG 22 ? A DG 22 ? 1_555 K ? G K . ? A K 106 ? 1_555 O6 B A DG 24 ? A DG 24 ? 1_555 84.0  ? 
109 O6 A A DG 24 ? A DG 24 ? 1_555 K ? G K . ? A K 106 ? 1_555 O6 B A DG 24 ? A DG 24 ? 1_555 5.3   ? 
110 O6 ? A DG 15 ? A DG 15 ? 1_555 K ? G K . ? A K 106 ? 1_555 O6 ? A DG 25 ? A DG 25 ? 1_555 88.1  ? 
111 O6 ? A DG 16 ? A DG 16 ? 1_555 K ? G K . ? A K 106 ? 1_555 O6 ? A DG 25 ? A DG 25 ? 1_555 71.4  ? 
112 O6 ? A DG 18 ? A DG 18 ? 1_555 K ? G K . ? A K 106 ? 1_555 O6 ? A DG 25 ? A DG 25 ? 1_555 152.0 ? 
113 O6 ? A DG 19 ? A DG 19 ? 1_555 K ? G K . ? A K 106 ? 1_555 O6 ? A DG 25 ? A DG 25 ? 1_555 115.9 ? 
114 O6 A A DG 21 ? A DG 21 ? 1_555 K ? G K . ? A K 106 ? 1_555 O6 ? A DG 25 ? A DG 25 ? 1_555 131.4 ? 
115 O6 B A DG 21 ? A DG 21 ? 1_555 K ? G K . ? A K 106 ? 1_555 O6 ? A DG 25 ? A DG 25 ? 1_555 133.6 ? 
116 O6 ? A DG 22 ? A DG 22 ? 1_555 K ? G K . ? A K 106 ? 1_555 O6 ? A DG 25 ? A DG 25 ? 1_555 72.7  ? 
117 O6 A A DG 24 ? A DG 24 ? 1_555 K ? G K . ? A K 106 ? 1_555 O6 ? A DG 25 ? A DG 25 ? 1_555 76.6  ? 
118 O6 B A DG 24 ? A DG 24 ? 1_555 K ? G K . ? A K 106 ? 1_555 O6 ? A DG 25 ? A DG 25 ? 1_555 73.0  ? 
# 
_pdbx_entry_details.entry_id                   8TAA 
_pdbx_entry_details.has_ligand_of_interest     N 
_pdbx_entry_details.compound_details           ? 
_pdbx_entry_details.source_details             ? 
_pdbx_entry_details.nonpolymer_details         ? 
_pdbx_entry_details.sequence_details           ? 
_pdbx_entry_details.has_protein_modification   N 
# 
loop_
_space_group_symop.id 
_space_group_symop.operation_xyz 
1 x,y,z               
2 -y+1/2,x+1/2,z+1/4  
3 y+1/2,-x+1/2,z+3/4  
4 x+1/2,-y+1/2,-z+3/4 
5 -x+1/2,y+1/2,-z+1/4 
6 -x,-y,z+1/2         
7 y,x,-z              
8 -y,-x,-z+1/2        
# 
loop_
_chem_comp_atom.comp_id 
_chem_comp_atom.atom_id 
_chem_comp_atom.type_symbol 
_chem_comp_atom.pdbx_aromatic_flag 
_chem_comp_atom.pdbx_stereo_config 
_chem_comp_atom.pdbx_ordinal 
DA  OP3    O N N 1   
DA  P      P N N 2   
DA  OP1    O N N 3   
DA  OP2    O N N 4   
DA  "O5'"  O N N 5   
DA  "C5'"  C N N 6   
DA  "C4'"  C N R 7   
DA  "O4'"  O N N 8   
DA  "C3'"  C N S 9   
DA  "O3'"  O N N 10  
DA  "C2'"  C N N 11  
DA  "C1'"  C N R 12  
DA  N9     N Y N 13  
DA  C8     C Y N 14  
DA  N7     N Y N 15  
DA  C5     C Y N 16  
DA  C6     C Y N 17  
DA  N6     N N N 18  
DA  N1     N Y N 19  
DA  C2     C Y N 20  
DA  N3     N Y N 21  
DA  C4     C Y N 22  
DA  HOP3   H N N 23  
DA  HOP2   H N N 24  
DA  "H5'"  H N N 25  
DA  "H5''" H N N 26  
DA  "H4'"  H N N 27  
DA  "H3'"  H N N 28  
DA  "HO3'" H N N 29  
DA  "H2'"  H N N 30  
DA  "H2''" H N N 31  
DA  "H1'"  H N N 32  
DA  H8     H N N 33  
DA  H61    H N N 34  
DA  H62    H N N 35  
DA  H2     H N N 36  
DG  OP3    O N N 37  
DG  P      P N N 38  
DG  OP1    O N N 39  
DG  OP2    O N N 40  
DG  "O5'"  O N N 41  
DG  "C5'"  C N N 42  
DG  "C4'"  C N R 43  
DG  "O4'"  O N N 44  
DG  "C3'"  C N S 45  
DG  "O3'"  O N N 46  
DG  "C2'"  C N N 47  
DG  "C1'"  C N R 48  
DG  N9     N Y N 49  
DG  C8     C Y N 50  
DG  N7     N Y N 51  
DG  C5     C Y N 52  
DG  C6     C N N 53  
DG  O6     O N N 54  
DG  N1     N N N 55  
DG  C2     C N N 56  
DG  N2     N N N 57  
DG  N3     N N N 58  
DG  C4     C Y N 59  
DG  HOP3   H N N 60  
DG  HOP2   H N N 61  
DG  "H5'"  H N N 62  
DG  "H5''" H N N 63  
DG  "H4'"  H N N 64  
DG  "H3'"  H N N 65  
DG  "HO3'" H N N 66  
DG  "H2'"  H N N 67  
DG  "H2''" H N N 68  
DG  "H1'"  H N N 69  
DG  H8     H N N 70  
DG  H1     H N N 71  
DG  H21    H N N 72  
DG  H22    H N N 73  
DT  OP3    O N N 74  
DT  P      P N N 75  
DT  OP1    O N N 76  
DT  OP2    O N N 77  
DT  "O5'"  O N N 78  
DT  "C5'"  C N N 79  
DT  "C4'"  C N R 80  
DT  "O4'"  O N N 81  
DT  "C3'"  C N S 82  
DT  "O3'"  O N N 83  
DT  "C2'"  C N N 84  
DT  "C1'"  C N R 85  
DT  N1     N N N 86  
DT  C2     C N N 87  
DT  O2     O N N 88  
DT  N3     N N N 89  
DT  C4     C N N 90  
DT  O4     O N N 91  
DT  C5     C N N 92  
DT  C7     C N N 93  
DT  C6     C N N 94  
DT  HOP3   H N N 95  
DT  HOP2   H N N 96  
DT  "H5'"  H N N 97  
DT  "H5''" H N N 98  
DT  "H4'"  H N N 99  
DT  "H3'"  H N N 100 
DT  "HO3'" H N N 101 
DT  "H2'"  H N N 102 
DT  "H2''" H N N 103 
DT  "H1'"  H N N 104 
DT  H3     H N N 105 
DT  H71    H N N 106 
DT  H72    H N N 107 
DT  H73    H N N 108 
DT  H6     H N N 109 
HOH O      O N N 110 
HOH H1     H N N 111 
HOH H2     H N N 112 
K   K      K N N 113 
MMP C1     C N N 114 
MMP N1     N Y N 115 
MMP C11    C Y N 116 
MMP C12    C Y N 117 
MMP C13    C Y N 118 
MMP C14    C Y N 119 
MMP C15    C Y N 120 
MMP C16    C N N 121 
MMP C17    C N N 122 
MMP C18    C N N 123 
MMP N2     N Y N 124 
MMP C21    C Y N 125 
MMP C22    C N N 126 
MMP C23    C N N 127 
MMP C24    C Y N 128 
MMP C25    C Y N 129 
MMP C26    C N N 130 
MMP C27    C N N 131 
MMP C28    C N N 132 
MMP N3     N Y N 133 
MMP C31    C Y N 134 
MMP C32    C Y N 135 
MMP C33    C Y N 136 
MMP C34    C Y N 137 
MMP C35    C Y N 138 
MMP C36    C N N 139 
MMP C37    C N N 140 
MMP C38    C N N 141 
MMP C39    C N N 142 
MMP O31    O N N 143 
MMP O32    O N N 144 
MMP N4     N Y N 145 
MMP C41    C Y N 146 
MMP C42    C N N 147 
MMP C43    C N N 148 
MMP C44    C Y N 149 
MMP C45    C Y N 150 
MMP C46    C N N 151 
MMP C47    C N N 152 
MMP C48    C N N 153 
MMP C49    C N N 154 
MMP O41    O N N 155 
MMP O42    O N N 156 
MMP H11    H N N 157 
MMP H12    H N N 158 
MMP H13    H N N 159 
MMP H15    H N N 160 
MMP H161   H N N 161 
MMP H162   H N N 162 
MMP H163   H N N 163 
MMP H171   H N N 164 
MMP H172   H N N 165 
MMP H181   H N N 166 
MMP H182   H N N 167 
MMP H183   H N N 168 
MMP H25    H N N 169 
MMP H261   H N N 170 
MMP H262   H N N 171 
MMP H263   H N N 172 
MMP H271   H N N 173 
MMP H272   H N N 174 
MMP H281   H N N 175 
MMP H282   H N N 176 
MMP H283   H N N 177 
MMP HN3    H N N 178 
MMP H35    H N N 179 
MMP H361   H N N 180 
MMP H362   H N N 181 
MMP H363   H N N 182 
MMP H371   H N N 183 
MMP H372   H N N 184 
MMP H381   H N N 185 
MMP H382   H N N 186 
MMP HO31   H N N 187 
MMP H45    H N N 188 
MMP H461   H N N 189 
MMP H462   H N N 190 
MMP H463   H N N 191 
MMP H471   H N N 192 
MMP H472   H N N 193 
MMP H481   H N N 194 
MMP H482   H N N 195 
MMP HO41   H N N 196 
MPD C1     C N N 197 
MPD C2     C N N 198 
MPD O2     O N N 199 
MPD CM     C N N 200 
MPD C3     C N N 201 
MPD C4     C N S 202 
MPD O4     O N N 203 
MPD C5     C N N 204 
MPD H11    H N N 205 
MPD H12    H N N 206 
MPD H13    H N N 207 
MPD HO2    H N N 208 
MPD HM1    H N N 209 
MPD HM2    H N N 210 
MPD HM3    H N N 211 
MPD H31    H N N 212 
MPD H32    H N N 213 
MPD H4     H N N 214 
MPD HO4    H N N 215 
MPD H51    H N N 216 
MPD H52    H N N 217 
MPD H53    H N N 218 
SPK N1     N N N 219 
SPK C2     C N N 220 
SPK C3     C N N 221 
SPK C4     C N N 222 
SPK N5     N N N 223 
SPK C6     C N N 224 
SPK C7     C N N 225 
SPK C8     C N N 226 
SPK C9     C N N 227 
SPK N10    N N N 228 
SPK C11    C N N 229 
SPK C12    C N N 230 
SPK C13    C N N 231 
SPK N14    N N N 232 
SPK H1A    H N N 233 
SPK H1B    H N N 234 
SPK H1C    H N N 235 
SPK H2A    H N N 236 
SPK H2B    H N N 237 
SPK H3A    H N N 238 
SPK H3B    H N N 239 
SPK H4A    H N N 240 
SPK H4B    H N N 241 
SPK H5A    H N N 242 
SPK H5B    H N N 243 
SPK H6A    H N N 244 
SPK H6B    H N N 245 
SPK H7A    H N N 246 
SPK H7B    H N N 247 
SPK H8A    H N N 248 
SPK H8B    H N N 249 
SPK H9A    H N N 250 
SPK H9B    H N N 251 
SPK H101   H N N 252 
SPK H102   H N N 253 
SPK H111   H N N 254 
SPK H112   H N N 255 
SPK H121   H N N 256 
SPK H122   H N N 257 
SPK H131   H N N 258 
SPK H132   H N N 259 
SPK H141   H N N 260 
SPK H142   H N N 261 
SPK H143   H N N 262 
# 
loop_
_chem_comp_bond.comp_id 
_chem_comp_bond.atom_id_1 
_chem_comp_bond.atom_id_2 
_chem_comp_bond.value_order 
_chem_comp_bond.pdbx_aromatic_flag 
_chem_comp_bond.pdbx_stereo_config 
_chem_comp_bond.pdbx_ordinal 
DA  OP3   P      sing N N 1   
DA  OP3   HOP3   sing N N 2   
DA  P     OP1    doub N N 3   
DA  P     OP2    sing N N 4   
DA  P     "O5'"  sing N N 5   
DA  OP2   HOP2   sing N N 6   
DA  "O5'" "C5'"  sing N N 7   
DA  "C5'" "C4'"  sing N N 8   
DA  "C5'" "H5'"  sing N N 9   
DA  "C5'" "H5''" sing N N 10  
DA  "C4'" "O4'"  sing N N 11  
DA  "C4'" "C3'"  sing N N 12  
DA  "C4'" "H4'"  sing N N 13  
DA  "O4'" "C1'"  sing N N 14  
DA  "C3'" "O3'"  sing N N 15  
DA  "C3'" "C2'"  sing N N 16  
DA  "C3'" "H3'"  sing N N 17  
DA  "O3'" "HO3'" sing N N 18  
DA  "C2'" "C1'"  sing N N 19  
DA  "C2'" "H2'"  sing N N 20  
DA  "C2'" "H2''" sing N N 21  
DA  "C1'" N9     sing N N 22  
DA  "C1'" "H1'"  sing N N 23  
DA  N9    C8     sing Y N 24  
DA  N9    C4     sing Y N 25  
DA  C8    N7     doub Y N 26  
DA  C8    H8     sing N N 27  
DA  N7    C5     sing Y N 28  
DA  C5    C6     sing Y N 29  
DA  C5    C4     doub Y N 30  
DA  C6    N6     sing N N 31  
DA  C6    N1     doub Y N 32  
DA  N6    H61    sing N N 33  
DA  N6    H62    sing N N 34  
DA  N1    C2     sing Y N 35  
DA  C2    N3     doub Y N 36  
DA  C2    H2     sing N N 37  
DA  N3    C4     sing Y N 38  
DG  OP3   P      sing N N 39  
DG  OP3   HOP3   sing N N 40  
DG  P     OP1    doub N N 41  
DG  P     OP2    sing N N 42  
DG  P     "O5'"  sing N N 43  
DG  OP2   HOP2   sing N N 44  
DG  "O5'" "C5'"  sing N N 45  
DG  "C5'" "C4'"  sing N N 46  
DG  "C5'" "H5'"  sing N N 47  
DG  "C5'" "H5''" sing N N 48  
DG  "C4'" "O4'"  sing N N 49  
DG  "C4'" "C3'"  sing N N 50  
DG  "C4'" "H4'"  sing N N 51  
DG  "O4'" "C1'"  sing N N 52  
DG  "C3'" "O3'"  sing N N 53  
DG  "C3'" "C2'"  sing N N 54  
DG  "C3'" "H3'"  sing N N 55  
DG  "O3'" "HO3'" sing N N 56  
DG  "C2'" "C1'"  sing N N 57  
DG  "C2'" "H2'"  sing N N 58  
DG  "C2'" "H2''" sing N N 59  
DG  "C1'" N9     sing N N 60  
DG  "C1'" "H1'"  sing N N 61  
DG  N9    C8     sing Y N 62  
DG  N9    C4     sing Y N 63  
DG  C8    N7     doub Y N 64  
DG  C8    H8     sing N N 65  
DG  N7    C5     sing Y N 66  
DG  C5    C6     sing N N 67  
DG  C5    C4     doub Y N 68  
DG  C6    O6     doub N N 69  
DG  C6    N1     sing N N 70  
DG  N1    C2     sing N N 71  
DG  N1    H1     sing N N 72  
DG  C2    N2     sing N N 73  
DG  C2    N3     doub N N 74  
DG  N2    H21    sing N N 75  
DG  N2    H22    sing N N 76  
DG  N3    C4     sing N N 77  
DT  OP3   P      sing N N 78  
DT  OP3   HOP3   sing N N 79  
DT  P     OP1    doub N N 80  
DT  P     OP2    sing N N 81  
DT  P     "O5'"  sing N N 82  
DT  OP2   HOP2   sing N N 83  
DT  "O5'" "C5'"  sing N N 84  
DT  "C5'" "C4'"  sing N N 85  
DT  "C5'" "H5'"  sing N N 86  
DT  "C5'" "H5''" sing N N 87  
DT  "C4'" "O4'"  sing N N 88  
DT  "C4'" "C3'"  sing N N 89  
DT  "C4'" "H4'"  sing N N 90  
DT  "O4'" "C1'"  sing N N 91  
DT  "C3'" "O3'"  sing N N 92  
DT  "C3'" "C2'"  sing N N 93  
DT  "C3'" "H3'"  sing N N 94  
DT  "O3'" "HO3'" sing N N 95  
DT  "C2'" "C1'"  sing N N 96  
DT  "C2'" "H2'"  sing N N 97  
DT  "C2'" "H2''" sing N N 98  
DT  "C1'" N1     sing N N 99  
DT  "C1'" "H1'"  sing N N 100 
DT  N1    C2     sing N N 101 
DT  N1    C6     sing N N 102 
DT  C2    O2     doub N N 103 
DT  C2    N3     sing N N 104 
DT  N3    C4     sing N N 105 
DT  N3    H3     sing N N 106 
DT  C4    O4     doub N N 107 
DT  C4    C5     sing N N 108 
DT  C5    C7     sing N N 109 
DT  C5    C6     doub N N 110 
DT  C7    H71    sing N N 111 
DT  C7    H72    sing N N 112 
DT  C7    H73    sing N N 113 
DT  C6    H6     sing N N 114 
HOH O     H1     sing N N 115 
HOH O     H2     sing N N 116 
MMP C1    N1     sing N N 117 
MMP C1    H11    sing N N 118 
MMP C1    H12    sing N N 119 
MMP C1    H13    sing N N 120 
MMP N1    C11    sing Y N 121 
MMP N1    C14    sing Y N 122 
MMP C11   C12    doub Y N 123 
MMP C11   C45    sing Y N 124 
MMP C12   C13    sing Y N 125 
MMP C12   C16    sing N N 126 
MMP C13   C14    doub Y N 127 
MMP C13   C17    sing N N 128 
MMP C14   C15    sing Y N 129 
MMP C15   C21    doub Y Z 130 
MMP C15   H15    sing N N 131 
MMP C16   H161   sing N N 132 
MMP C16   H162   sing N N 133 
MMP C16   H163   sing N N 134 
MMP C17   C18    sing N N 135 
MMP C17   H171   sing N N 136 
MMP C17   H172   sing N N 137 
MMP C18   H181   sing N N 138 
MMP C18   H182   sing N N 139 
MMP C18   H183   sing N N 140 
MMP N2    C21    sing Y N 141 
MMP N2    C24    doub Y N 142 
MMP C21   C22    sing N N 143 
MMP C22   C23    doub N N 144 
MMP C22   C26    sing N N 145 
MMP C23   C24    sing N N 146 
MMP C23   C27    sing N N 147 
MMP C24   C25    sing Y N 148 
MMP C25   C31    doub Y Z 149 
MMP C25   H25    sing N N 150 
MMP C26   H261   sing N N 151 
MMP C26   H262   sing N N 152 
MMP C26   H263   sing N N 153 
MMP C27   C28    sing N N 154 
MMP C27   H271   sing N N 155 
MMP C27   H272   sing N N 156 
MMP C28   H281   sing N N 157 
MMP C28   H282   sing N N 158 
MMP C28   H283   sing N N 159 
MMP N3    C31    sing Y N 160 
MMP N3    C34    sing Y N 161 
MMP N3    HN3    sing N N 162 
MMP C31   C32    sing Y N 163 
MMP C32   C33    doub Y N 164 
MMP C32   C36    sing N N 165 
MMP C33   C34    sing Y N 166 
MMP C33   C37    sing N N 167 
MMP C34   C35    doub Y Z 168 
MMP C35   C41    sing Y N 169 
MMP C35   H35    sing N N 170 
MMP C36   H361   sing N N 171 
MMP C36   H362   sing N N 172 
MMP C36   H363   sing N N 173 
MMP C37   C38    sing N N 174 
MMP C37   H371   sing N N 175 
MMP C37   H372   sing N N 176 
MMP C38   C39    sing N N 177 
MMP C38   H381   sing N N 178 
MMP C38   H382   sing N N 179 
MMP C39   O31    sing N N 180 
MMP C39   O32    doub N N 181 
MMP O31   HO31   sing N N 182 
MMP N4    C41    doub Y N 183 
MMP N4    C44    sing Y N 184 
MMP C41   C42    sing N N 185 
MMP C42   C43    doub N N 186 
MMP C42   C47    sing N N 187 
MMP C43   C44    sing N N 188 
MMP C43   C46    sing N N 189 
MMP C44   C45    doub Y Z 190 
MMP C45   H45    sing N N 191 
MMP C46   H461   sing N N 192 
MMP C46   H462   sing N N 193 
MMP C46   H463   sing N N 194 
MMP C47   C48    sing N N 195 
MMP C47   H471   sing N N 196 
MMP C47   H472   sing N N 197 
MMP C48   C49    sing N N 198 
MMP C48   H481   sing N N 199 
MMP C48   H482   sing N N 200 
MMP C49   O41    sing N N 201 
MMP C49   O42    doub N N 202 
MMP O41   HO41   sing N N 203 
MPD C1    C2     sing N N 204 
MPD C1    H11    sing N N 205 
MPD C1    H12    sing N N 206 
MPD C1    H13    sing N N 207 
MPD C2    O2     sing N N 208 
MPD C2    CM     sing N N 209 
MPD C2    C3     sing N N 210 
MPD O2    HO2    sing N N 211 
MPD CM    HM1    sing N N 212 
MPD CM    HM2    sing N N 213 
MPD CM    HM3    sing N N 214 
MPD C3    C4     sing N N 215 
MPD C3    H31    sing N N 216 
MPD C3    H32    sing N N 217 
MPD C4    O4     sing N N 218 
MPD C4    C5     sing N N 219 
MPD C4    H4     sing N N 220 
MPD O4    HO4    sing N N 221 
MPD C5    H51    sing N N 222 
MPD C5    H52    sing N N 223 
MPD C5    H53    sing N N 224 
SPK N1    C2     sing N N 225 
SPK N1    H1A    sing N N 226 
SPK N1    H1B    sing N N 227 
SPK N1    H1C    sing N N 228 
SPK C2    C3     sing N N 229 
SPK C2    H2A    sing N N 230 
SPK C2    H2B    sing N N 231 
SPK C3    C4     sing N N 232 
SPK C3    H3A    sing N N 233 
SPK C3    H3B    sing N N 234 
SPK C4    N5     sing N N 235 
SPK C4    H4A    sing N N 236 
SPK C4    H4B    sing N N 237 
SPK N5    C6     sing N N 238 
SPK N5    H5A    sing N N 239 
SPK N5    H5B    sing N N 240 
SPK C6    C7     sing N N 241 
SPK C6    H6A    sing N N 242 
SPK C6    H6B    sing N N 243 
SPK C7    C8     sing N N 244 
SPK C7    H7A    sing N N 245 
SPK C7    H7B    sing N N 246 
SPK C8    C9     sing N N 247 
SPK C8    H8A    sing N N 248 
SPK C8    H8B    sing N N 249 
SPK C9    N10    sing N N 250 
SPK C9    H9A    sing N N 251 
SPK C9    H9B    sing N N 252 
SPK N10   C11    sing N N 253 
SPK N10   H101   sing N N 254 
SPK N10   H102   sing N N 255 
SPK C11   C12    sing N N 256 
SPK C11   H111   sing N N 257 
SPK C11   H112   sing N N 258 
SPK C12   C13    sing N N 259 
SPK C12   H121   sing N N 260 
SPK C12   H122   sing N N 261 
SPK C13   N14    sing N N 262 
SPK C13   H131   sing N N 263 
SPK C13   H132   sing N N 264 
SPK N14   H141   sing N N 265 
SPK N14   H142   sing N N 266 
SPK N14   H143   sing N N 267 
# 
loop_
_ndb_struct_conf_na.entry_id 
_ndb_struct_conf_na.feature 
8TAA 'double helix'        
8TAA 'z-form double helix' 
8TAA 'triple helix'        
8TAA 'quadruple helix'     
# 
loop_
_ndb_struct_na_base_pair.model_number 
_ndb_struct_na_base_pair.i_label_asym_id 
_ndb_struct_na_base_pair.i_label_comp_id 
_ndb_struct_na_base_pair.i_label_seq_id 
_ndb_struct_na_base_pair.i_symmetry 
_ndb_struct_na_base_pair.j_label_asym_id 
_ndb_struct_na_base_pair.j_label_comp_id 
_ndb_struct_na_base_pair.j_label_seq_id 
_ndb_struct_na_base_pair.j_symmetry 
_ndb_struct_na_base_pair.shear 
_ndb_struct_na_base_pair.stretch 
_ndb_struct_na_base_pair.stagger 
_ndb_struct_na_base_pair.buckle 
_ndb_struct_na_base_pair.propeller 
_ndb_struct_na_base_pair.opening 
_ndb_struct_na_base_pair.pair_number 
_ndb_struct_na_base_pair.pair_name 
_ndb_struct_na_base_pair.i_auth_asym_id 
_ndb_struct_na_base_pair.i_auth_seq_id 
_ndb_struct_na_base_pair.i_PDB_ins_code 
_ndb_struct_na_base_pair.j_auth_asym_id 
_ndb_struct_na_base_pair.j_auth_seq_id 
_ndb_struct_na_base_pair.j_PDB_ins_code 
_ndb_struct_na_base_pair.hbond_type_28 
_ndb_struct_na_base_pair.hbond_type_12 
1 A DG 3 1_555 A DG 12 1_555 1.558  -3.308 0.009  -4.152 -4.258 -88.563 1 A_DG3:DG12_A A 3 ? A 12 ? 6 3 
1 A DG 6 1_555 A DG 9  1_555 -1.591 3.369  -0.087 11.328 4.627  89.761  2 A_DG6:DG9_A  A 6 ? A 9  ? 6 3 
1 A DG 1 1_555 A DG 10 1_555 1.536  -3.449 -0.049 -1.962 -1.473 -89.720 3 A_DG1:DG10_A A 1 ? A 10 ? 6 3 
1 A DG 4 1_555 A DG 7  1_555 1.530  3.529  -0.123 -0.389 3.986  -89.764 4 A_DG4:DG7_A  A 4 ? A 7  ? 6 3 
# 
loop_
_ndb_struct_na_base_pair_step.model_number 
_ndb_struct_na_base_pair_step.i_label_asym_id_1 
_ndb_struct_na_base_pair_step.i_label_comp_id_1 
_ndb_struct_na_base_pair_step.i_label_seq_id_1 
_ndb_struct_na_base_pair_step.i_symmetry_1 
_ndb_struct_na_base_pair_step.j_label_asym_id_1 
_ndb_struct_na_base_pair_step.j_label_comp_id_1 
_ndb_struct_na_base_pair_step.j_label_seq_id_1 
_ndb_struct_na_base_pair_step.j_symmetry_1 
_ndb_struct_na_base_pair_step.i_label_asym_id_2 
_ndb_struct_na_base_pair_step.i_label_comp_id_2 
_ndb_struct_na_base_pair_step.i_label_seq_id_2 
_ndb_struct_na_base_pair_step.i_symmetry_2 
_ndb_struct_na_base_pair_step.j_label_asym_id_2 
_ndb_struct_na_base_pair_step.j_label_comp_id_2 
_ndb_struct_na_base_pair_step.j_label_seq_id_2 
_ndb_struct_na_base_pair_step.j_symmetry_2 
_ndb_struct_na_base_pair_step.shift 
_ndb_struct_na_base_pair_step.slide 
_ndb_struct_na_base_pair_step.rise 
_ndb_struct_na_base_pair_step.tilt 
_ndb_struct_na_base_pair_step.roll 
_ndb_struct_na_base_pair_step.twist 
_ndb_struct_na_base_pair_step.x_displacement 
_ndb_struct_na_base_pair_step.y_displacement 
_ndb_struct_na_base_pair_step.helical_rise 
_ndb_struct_na_base_pair_step.inclination 
_ndb_struct_na_base_pair_step.tip 
_ndb_struct_na_base_pair_step.helical_twist 
_ndb_struct_na_base_pair_step.step_number 
_ndb_struct_na_base_pair_step.step_name 
_ndb_struct_na_base_pair_step.i_auth_asym_id_1 
_ndb_struct_na_base_pair_step.i_auth_seq_id_1 
_ndb_struct_na_base_pair_step.i_PDB_ins_code_1 
_ndb_struct_na_base_pair_step.j_auth_asym_id_1 
_ndb_struct_na_base_pair_step.j_auth_seq_id_1 
_ndb_struct_na_base_pair_step.j_PDB_ins_code_1 
_ndb_struct_na_base_pair_step.i_auth_asym_id_2 
_ndb_struct_na_base_pair_step.i_auth_seq_id_2 
_ndb_struct_na_base_pair_step.i_PDB_ins_code_2 
_ndb_struct_na_base_pair_step.j_auth_asym_id_2 
_ndb_struct_na_base_pair_step.j_auth_seq_id_2 
_ndb_struct_na_base_pair_step.j_PDB_ins_code_2 
1 A DG 3 1_555 A DG 12 1_555 A DG 6 1_555 A DG 9  1_555 1.755 -3.347 -0.075 -5.840 -5.485 -179.350 1.673 0.878 -0.075 2.743 -2.920 
-179.351 1 AA_DG3DG6:DG9DG12_AA A 3 ? A 12 ? A 6 ? A 9  ? 
1 A DG 6 1_555 A DG 9  1_555 A DG 1 1_555 A DG 10 1_555 1.392 -2.874 3.447  -6.234 -2.413 -115.845 1.721 0.752 3.455  1.423 -3.677 
-115.967 2 AA_DG6DG1:DG10DG9_AA A 6 ? A 9  ? A 1 ? A 10 ? 
# 
_pdbx_audit_support.funding_organization   'National Institutes of Health/National Cancer Institute (NIH/NCI)' 
_pdbx_audit_support.country                'United States' 
_pdbx_audit_support.grant_number           1R15CA253134 
_pdbx_audit_support.ordinal                1 
# 
_pdbx_initial_refinement_model.id               1 
_pdbx_initial_refinement_model.entity_id_list   ? 
_pdbx_initial_refinement_model.type             'experimental model' 
_pdbx_initial_refinement_model.source_name      PDB 
_pdbx_initial_refinement_model.accession_code   6QJO 
_pdbx_initial_refinement_model.details          'Other existing right-left hybrid G-quadruplex' 
# 
_space_group.name_H-M_alt     'P 41 21 2' 
_space_group.name_Hall        'P 4abw 2nw' 
_space_group.IT_number        92 
_space_group.crystal_system   tetragonal 
_space_group.id               1 
# 
_atom_sites.entry_id                    8TAA 
_atom_sites.Cartn_transf_matrix[1][1]   ? 
_atom_sites.Cartn_transf_matrix[1][2]   ? 
_atom_sites.Cartn_transf_matrix[1][3]   ? 
_atom_sites.Cartn_transf_matrix[2][1]   ? 
_atom_sites.Cartn_transf_matrix[2][2]   ? 
_atom_sites.Cartn_transf_matrix[2][3]   ? 
_atom_sites.Cartn_transf_matrix[3][1]   ? 
_atom_sites.Cartn_transf_matrix[3][2]   ? 
_atom_sites.Cartn_transf_matrix[3][3]   ? 
_atom_sites.Cartn_transf_vector[1]      ? 
_atom_sites.Cartn_transf_vector[2]      ? 
_atom_sites.Cartn_transf_vector[3]      ? 
_atom_sites.Cartn_transform_axes        ? 
_atom_sites.fract_transf_matrix[1][1]   -0.00599215 
_atom_sites.fract_transf_matrix[1][2]   0.02504131 
_atom_sites.fract_transf_matrix[1][3]   -0.01961084 
_atom_sites.fract_transf_matrix[2][1]   -0.01584399 
_atom_sites.fract_transf_matrix[2][2]   -0.01965369 
_atom_sites.fract_transf_matrix[2][3]   -0.02025484 
_atom_sites.fract_transf_matrix[3][1]   -0.00602015 
_atom_sites.fract_transf_matrix[3][2]   0.00127698 
_atom_sites.fract_transf_matrix[3][3]   0.00347007 
_atom_sites.fract_transf_vector[1]      -0.143285 
_atom_sites.fract_transf_vector[2]      0.113459 
_atom_sites.fract_transf_vector[3]      -0.065123 
_atom_sites.solution_primary            ? 
_atom_sites.solution_secondary          ? 
_atom_sites.solution_hydrogens          ? 
_atom_sites.special_details             ? 
# 
loop_
_atom_type.symbol 
_atom_type.scat_dispersion_real 
_atom_type.scat_dispersion_imag 
_atom_type.scat_Cromer_Mann_a1 
_atom_type.scat_Cromer_Mann_a2 
_atom_type.scat_Cromer_Mann_a3 
_atom_type.scat_Cromer_Mann_a4 
_atom_type.scat_Cromer_Mann_b1 
_atom_type.scat_Cromer_Mann_b2 
_atom_type.scat_Cromer_Mann_b3 
_atom_type.scat_Cromer_Mann_b4 
_atom_type.scat_Cromer_Mann_c 
_atom_type.scat_source 
_atom_type.scat_dispersion_source 
C ? ? 3.54356 2.42580 ?       ? 25.62398 1.50364  ?         ? 0.0 
;2-Gaussian fit: Grosse-Kunstleve RW, Sauter NK, Adams PD: Newsletter of the IUCr Commission on Crystallographic Computing 2004, 3, 22-31.
;
? 
H ? ? ?       ?       ?       ? ?        ?        ?         ? ?   ? ? 
K ? ? 8.66788 8.58341 1.68052 ? 12.31593 0.56275  110.00227 ? 0.0 
;3-Gaussian fit: Grosse-Kunstleve RW, Sauter NK, Adams PD: Newsletter of the IUCr Commission on Crystallographic Computing 2004, 3, 22-31.
;
? 
N ? ? 4.01032 2.96436 ?       ? 19.97189 1.75589  ?         ? 0.0 
;2-Gaussian fit: Grosse-Kunstleve RW, Sauter NK, Adams PD: Newsletter of the IUCr Commission on Crystallographic Computing 2004, 3, 22-31.
;
? 
O ? ? 4.49882 3.47563 ?       ? 15.80542 1.70748  ?         ? 0.0 
;2-Gaussian fit: Grosse-Kunstleve RW, Sauter NK, Adams PD: Newsletter of the IUCr Commission on Crystallographic Computing 2004, 3, 22-31.
;
? 
P ? ? 9.51135 5.44231 ?       ? 1.42069  35.72801 ?         ? 0.0 
;2-Gaussian fit: Grosse-Kunstleve RW, Sauter NK, Adams PD: Newsletter of the IUCr Commission on Crystallographic Computing 2004, 3, 22-31.
;
? 
# 
loop_
_atom_site.group_PDB 
_atom_site.id 
_atom_site.type_symbol 
_atom_site.label_atom_id 
_atom_site.label_alt_id 
_atom_site.label_comp_id 
_atom_site.label_asym_id 
_atom_site.label_entity_id 
_atom_site.label_seq_id 
_atom_site.pdbx_PDB_ins_code 
_atom_site.Cartn_x 
_atom_site.Cartn_y 
_atom_site.Cartn_z 
_atom_site.occupancy 
_atom_site.B_iso_or_equiv 
_atom_site.pdbx_formal_charge 
_atom_site.auth_seq_id 
_atom_site.auth_comp_id 
_atom_site.auth_asym_id 
_atom_site.auth_atom_id 
_atom_site.pdbx_PDB_model_num 
ATOM   1   O "O5'" . DG  A 1 1  ? 7.48662   6.74482   -3.01881  1.000 40.17469 ? 1   DG  A "O5'" 1 
ATOM   2   C "C5'" . DG  A 1 1  ? 8.46042   5.76998   -2.69031  1.000 36.40689 ? 1   DG  A "C5'" 1 
ATOM   3   C "C4'" . DG  A 1 1  ? 8.35328   5.37853   -1.22951  1.000 32.33359 ? 1   DG  A "C4'" 1 
ATOM   4   O "O4'" . DG  A 1 1  ? 7.00427   4.89355   -0.94673  1.000 30.78732 ? 1   DG  A "O4'" 1 
ATOM   5   C "C3'" . DG  A 1 1  ? 9.28337   4.25176   -0.80960  1.000 32.24300 ? 1   DG  A "C3'" 1 
ATOM   6   O "O3'" . DG  A 1 1  ? 9.65033   4.43528   0.54236   1.000 38.83583 ? 1   DG  A "O3'" 1 
ATOM   7   C "C2'" . DG  A 1 1  ? 8.40999   3.01188   -0.99958  1.000 34.15365 ? 1   DG  A "C2'" 1 
ATOM   8   C "C1'" . DG  A 1 1  ? 7.06232   3.54005   -0.52924  1.000 30.73119 ? 1   DG  A "C1'" 1 
ATOM   9   N N9    . DG  A 1 1  ? 5.89930   2.82165   -1.05871  1.000 29.92217 ? 1   DG  A N9    1 
ATOM   10  C C8    . DG  A 1 1  ? 5.32841   2.95461   -2.30571  1.000 29.98323 ? 1   DG  A C8    1 
ATOM   11  N N7    . DG  A 1 1  ? 4.28292   2.19249   -2.47925  1.000 29.14244 ? 1   DG  A N7    1 
ATOM   12  C C5    . DG  A 1 1  ? 4.15401   1.50758   -1.27711  1.000 27.50700 ? 1   DG  A C5    1 
ATOM   13  C C6    . DG  A 1 1  ? 3.20264   0.53772   -0.87335  1.000 27.14687 ? 1   DG  A C6    1 
ATOM   14  O O6    . DG  A 1 1  ? 2.26013   0.08170   -1.51267  1.000 27.51763 ? 1   DG  A O6    1 
ATOM   15  N N1    . DG  A 1 1  ? 3.42472   0.10327   0.42513   1.000 27.86581 ? 1   DG  A N1    1 
ATOM   16  C C2    . DG  A 1 1  ? 4.42704   0.54770   1.23788   1.000 26.82053 ? 1   DG  A C2    1 
ATOM   17  N N2    . DG  A 1 1  ? 4.47435   0.00375   2.44753   1.000 30.98231 ? 1   DG  A N2    1 
ATOM   18  N N3    . DG  A 1 1  ? 5.32786   1.46296   0.88363   1.000 27.31024 ? 1   DG  A N3    1 
ATOM   19  C C4    . DG  A 1 1  ? 5.12758   1.89451   -0.38818  1.000 27.22563 ? 1   DG  A C4    1 
ATOM   20  P P     . DT  A 1 2  ? 10.99156  3.76556   1.10854   1.000 40.17129 ? 2   DT  A P     1 
ATOM   21  O OP1   . DT  A 1 2  ? 11.23699  4.32645   2.45547   1.000 46.84067 ? 2   DT  A OP1   1 
ATOM   22  O OP2   . DT  A 1 2  ? 12.05720  3.85025   0.07891   1.000 41.44895 ? 2   DT  A OP2   1 
ATOM   23  O "O5'" . DT  A 1 2  ? 10.62700  2.22069   1.23670   1.000 39.92619 ? 2   DT  A "O5'" 1 
ATOM   24  C "C5'" . DT  A 1 2  ? 9.63474   1.79758   2.16074   1.000 41.44086 ? 2   DT  A "C5'" 1 
ATOM   25  C "C4'" . DT  A 1 2  ? 9.56048   0.28561   2.19698   1.000 40.65097 ? 2   DT  A "C4'" 1 
ATOM   26  O "O4'" . DT  A 1 2  ? 9.17142   -0.20830  0.89059   1.000 43.44405 ? 2   DT  A "O4'" 1 
ATOM   27  C "C3'" . DT  A 1 2  ? 10.87763  -0.40234  2.53171   1.000 43.78628 ? 2   DT  A "C3'" 1 
ATOM   28  O "O3'" . DT  A 1 2  ? 10.63526  -1.55038  3.31487   1.000 48.02376 ? 2   DT  A "O3'" 1 
ATOM   29  C "C2'" . DT  A 1 2  ? 11.43791  -0.76649  1.15991   1.000 45.33168 ? 2   DT  A "C2'" 1 
ATOM   30  C "C1'" . DT  A 1 2  ? 10.17191  -1.06971  0.37841   1.000 45.84266 ? 2   DT  A "C1'" 1 
ATOM   31  N N1    . DT  A 1 2  ? 10.30405  -0.82686  -1.09384  1.000 45.16484 ? 2   DT  A N1    1 
ATOM   32  C C2    . DT  A 1 2  ? 9.95382   -1.82707  -1.97628  1.000 47.88351 ? 2   DT  A C2    1 
ATOM   33  O O2    . DT  A 1 2  ? 9.53430   -2.90930  -1.62547  1.000 46.90274 ? 2   DT  A O2    1 
ATOM   34  N N3    . DT  A 1 2  ? 10.11358  -1.51205  -3.29707  1.000 52.72616 ? 2   DT  A N3    1 
ATOM   35  C C4    . DT  A 1 2  ? 10.58240  -0.32587  -3.81799  1.000 51.97055 ? 2   DT  A C4    1 
ATOM   36  O O4    . DT  A 1 2  ? 10.69081  -0.14023  -5.02481  1.000 56.13615 ? 2   DT  A O4    1 
ATOM   37  C C5    . DT  A 1 2  ? 10.94030  0.67939   -2.84097  1.000 44.57312 ? 2   DT  A C5    1 
ATOM   38  C C7    . DT  A 1 2  ? 11.46755  2.00683   -3.28651  1.000 46.16427 ? 2   DT  A C7    1 
ATOM   39  C C6    . DT  A 1 2  ? 10.78888  0.38101   -1.54181  1.000 46.22557 ? 2   DT  A C6    1 
ATOM   40  P P     . DG  A 1 3  ? 10.27131  -1.39338  4.86875   1.000 45.58045 ? 3   DG  A P     1 
ATOM   41  O OP1   . DG  A 1 3  ? 10.74527  -0.07138  5.33402   1.000 52.18149 ? 3   DG  A OP1   1 
ATOM   42  O OP2   . DG  A 1 3  ? 10.71110  -2.63178  5.54698   1.000 48.42523 ? 3   DG  A OP2   1 
ATOM   43  O "O5'" . DG  A 1 3  ? 8.68002   -1.36250  4.87170   1.000 43.02809 ? 3   DG  A "O5'" 1 
ATOM   44  C "C5'" . DG  A 1 3  ? 7.96737   -1.15100  6.08494   1.000 40.69712 ? 3   DG  A "C5'" 1 
ATOM   45  C "C4'" . DG  A 1 3  ? 7.02666   -2.31142  6.39353   1.000 44.35297 ? 3   DG  A "C4'" 1 
ATOM   46  O "O4'" . DG  A 1 3  ? 6.04606   -2.47614  5.34171   1.000 40.83843 ? 3   DG  A "O4'" 1 
ATOM   47  C "C3'" . DG  A 1 3  ? 7.66727   -3.68033  6.51992   1.000 40.32308 ? 3   DG  A "C3'" 1 
ATOM   48  O "O3'" . DG  A 1 3  ? 6.79732   -4.48836  7.28774   1.000 45.95158 ? 3   DG  A "O3'" 1 
ATOM   49  C "C2'" . DG  A 1 3  ? 7.66153   -4.13993  5.06359   1.000 38.06066 ? 3   DG  A "C2'" 1 
ATOM   50  C "C1'" . DG  A 1 3  ? 6.24457   -3.73136  4.69941   1.000 36.75545 ? 3   DG  A "C1'" 1 
ATOM   51  N N9    . DG  A 1 3  ? 5.96697   -3.52640  3.28654   1.000 38.22041 ? 3   DG  A N9    1 
ATOM   52  C C8    . DG  A 1 3  ? 6.60474   -2.66703  2.42852   1.000 37.24280 ? 3   DG  A C8    1 
ATOM   53  N N7    . DG  A 1 3  ? 6.07442   -2.63638  1.23730   1.000 38.09768 ? 3   DG  A N7    1 
ATOM   54  C C5    . DG  A 1 3  ? 4.99894   -3.50763  1.31966   1.000 36.53686 ? 3   DG  A C5    1 
ATOM   55  C C6    . DG  A 1 3  ? 4.03903   -3.87166  0.34666   1.000 34.69343 ? 3   DG  A C6    1 
ATOM   56  O O6    . DG  A 1 3  ? 3.95193   -3.49397  -0.82784  1.000 38.59357 ? 3   DG  A O6    1 
ATOM   57  N N1    . DG  A 1 3  ? 3.11344   -4.78357  0.84750   1.000 33.85628 ? 3   DG  A N1    1 
ATOM   58  C C2    . DG  A 1 3  ? 3.10397   -5.26504  2.12619   1.000 35.48914 ? 3   DG  A C2    1 
ATOM   59  N N2    . DG  A 1 3  ? 2.12929   -6.12970  2.42402   1.000 34.65806 ? 3   DG  A N2    1 
ATOM   60  N N3    . DG  A 1 3  ? 3.99523   -4.93292  3.05070   1.000 34.31223 ? 3   DG  A N3    1 
ATOM   61  C C4    . DG  A 1 3  ? 4.90902   -4.04807  2.57952   1.000 35.57111 ? 3   DG  A C4    1 
ATOM   62  P P     . DG  A 1 4  ? 6.67623   -4.29157  8.87477   1.000 47.63004 ? 4   DG  A P     1 
ATOM   63  O OP1   . DG  A 1 4  ? 7.33629   -3.04364  9.32857   1.000 48.08443 ? 4   DG  A OP1   1 
ATOM   64  O OP2   . DG  A 1 4  ? 7.10665   -5.59151  9.42841   1.000 54.25238 ? 4   DG  A OP2   1 
ATOM   65  O "O5'" . DG  A 1 4  ? 5.11929   -4.22607  9.18710   1.000 49.24111 ? 4   DG  A "O5'" 1 
ATOM   66  C "C5'" . DG  A 1 4  ? 4.28630   -3.28816  8.55165   1.000 38.29021 ? 4   DG  A "C5'" 1 
ATOM   67  C "C4'" . DG  A 1 4  ? 2.86749   -3.83522  8.46248   1.000 37.66536 ? 4   DG  A "C4'" 1 
ATOM   68  O "O4'" . DG  A 1 4  ? 2.12849   -3.08786  7.46149   1.000 37.52556 ? 4   DG  A "O4'" 1 
ATOM   69  C "C3'" . DG  A 1 4  ? 2.76907   -5.29954  8.02729   1.000 38.94564 ? 4   DG  A "C3'" 1 
ATOM   70  O "O3'" . DG  A 1 4  ? 1.58635   -5.88421  8.54488   1.000 40.04385 ? 4   DG  A "O3'" 1 
ATOM   71  C "C2'" . DG  A 1 4  ? 2.68807   -5.16963  6.52308   1.000 36.50202 ? 4   DG  A "C2'" 1 
ATOM   72  C "C1'" . DG  A 1 4  ? 1.78069   -3.95339  6.39992   1.000 33.61659 ? 4   DG  A "C1'" 1 
ATOM   73  N N9    . DG  A 1 4  ? 1.91658   -3.25832  5.13091   1.000 33.16761 ? 4   DG  A N9    1 
ATOM   74  C C8    . DG  A 1 4  ? 2.92301   -2.41130  4.74516   1.000 30.94207 ? 4   DG  A C8    1 
ATOM   75  N N7    . DG  A 1 4  ? 2.77671   -1.95842  3.53077   1.000 31.59657 ? 4   DG  A N7    1 
ATOM   76  C C5    . DG  A 1 4  ? 1.59999   -2.54043  3.08854   1.000 29.01006 ? 4   DG  A C5    1 
ATOM   77  C C6    . DG  A 1 4  ? 0.93846   -2.43387  1.84597   1.000 29.12644 ? 4   DG  A C6    1 
ATOM   78  O O6    . DG  A 1 4  ? 1.26279   -1.77133  0.85740   1.000 28.02641 ? 4   DG  A O6    1 
ATOM   79  N N1    . DG  A 1 4  ? -0.22105  -3.20041  1.81327   1.000 28.57750 ? 4   DG  A N1    1 
ATOM   80  C C2    . DG  A 1 4  ? -0.68078  -3.97452  2.84943   1.000 26.31043 ? 4   DG  A C2    1 
ATOM   81  N N2    . DG  A 1 4  ? -1.81541  -4.65037  2.63307   1.000 29.67661 ? 4   DG  A N2    1 
ATOM   82  N N3    . DG  A 1 4  ? -0.06338  -4.09231  4.00828   1.000 30.68549 ? 4   DG  A N3    1 
ATOM   83  C C4    . DG  A 1 4  ? 1.06908   -3.35563  4.05721   1.000 30.47264 ? 4   DG  A C4    1 
ATOM   84  P P     . DT  A 1 5  ? 1.47573   -7.47658  8.74938   1.000 43.59855 ? 5   DT  A P     1 
ATOM   85  O OP1   . DT  A 1 5  ? 0.26566   -7.65844  9.58458   1.000 46.78315 ? 5   DT  A OP1   1 
ATOM   86  O OP2   . DT  A 1 5  ? 2.79441   -7.99841  9.17745   1.000 44.61996 ? 5   DT  A OP2   1 
ATOM   87  O "O5'" . DT  A 1 5  ? 1.23016   -8.05889  7.27728   1.000 40.04274 ? 5   DT  A "O5'" 1 
ATOM   88  C "C5'" . DT  A 1 5  ? 0.09539   -7.65528  6.52559   1.000 37.90583 ? 5   DT  A "C5'" 1 
ATOM   89  C "C4'" . DT  A 1 5  ? 0.01372   -8.44324  5.23926   1.000 39.11844 ? 5   DT  A "C4'" 1 
ATOM   90  O "O4'" . DT  A 1 5  ? 1.10472   -8.04855  4.36544   1.000 39.05906 ? 5   DT  A "O4'" 1 
ATOM   91  C "C3'" . DT  A 1 5  ? 0.13085   -9.95480  5.41716   1.000 36.76493 ? 5   DT  A "C3'" 1 
ATOM   92  O "O3'" . DT  A 1 5  ? -0.80070  -10.62729 4.56977   1.000 39.27487 ? 5   DT  A "O3'" 1 
ATOM   93  C "C2'" . DT  A 1 5  ? 1.58327   -10.25300 5.00861   1.000 37.21070 ? 5   DT  A "C2'" 1 
ATOM   94  C "C1'" . DT  A 1 5  ? 1.82795   -9.19122  3.94190   1.000 35.86153 ? 5   DT  A "C1'" 1 
ATOM   95  N N1    . DT  A 1 5  ? 3.25746   -8.78148  3.79733   1.000 39.83477 ? 5   DT  A N1    1 
ATOM   96  C C2    . DT  A 1 5  ? 3.85958   -8.81362  2.55211   1.000 39.93604 ? 5   DT  A C2    1 
ATOM   97  O O2    . DT  A 1 5  ? 3.29961   -9.20404  1.54030   1.000 41.12449 ? 5   DT  A O2    1 
ATOM   98  N N3    . DT  A 1 5  ? 5.15664   -8.37585  2.53619   1.000 41.77671 ? 5   DT  A N3    1 
ATOM   99  C C4    . DT  A 1 5  ? 5.89589   -7.91457  3.60784   1.000 43.53173 ? 5   DT  A C4    1 
ATOM   100 O O4    . DT  A 1 5  ? 7.05855   -7.54176  3.48958   1.000 47.10336 ? 5   DT  A O4    1 
ATOM   101 C C5    . DT  A 1 5  ? 5.20309   -7.90050  4.87588   1.000 43.72443 ? 5   DT  A C5    1 
ATOM   102 C C7    . DT  A 1 5  ? 5.89906   -7.41949  6.10937   1.000 43.02595 ? 5   DT  A C7    1 
ATOM   103 C C6    . DT  A 1 5  ? 3.92905   -8.31733  4.90438   1.000 41.20279 ? 5   DT  A C6    1 
ATOM   104 P P     . DG  A 1 6  ? -2.38118  -10.53357 4.84996   1.000 38.27530 ? 6   DG  A P     1 
ATOM   105 O OP1   . DG  A 1 6  ? -2.55344  -10.27370 6.29220   1.000 38.43957 ? 6   DG  A OP1   1 
ATOM   106 O OP2   . DG  A 1 6  ? -3.05111  -11.69788 4.23121   1.000 40.62628 ? 6   DG  A OP2   1 
ATOM   107 O "O5'" . DG  A 1 6  ? -2.83053  -9.23275  4.04051   1.000 35.99312 ? 6   DG  A "O5'" 1 
ATOM   108 C "C5'" . DG  A 1 6  ? -4.18101  -8.76492  4.09828   1.000 31.25062 ? 6   DG  A "C5'" 1 
ATOM   109 C "C4'" . DG  A 1 6  ? -4.80079  -8.73485  2.70989   1.000 31.24009 ? 6   DG  A "C4'" 1 
ATOM   110 O "O4'" . DG  A 1 6  ? -4.07732  -7.80762  1.86252   1.000 31.34731 ? 6   DG  A "O4'" 1 
ATOM   111 C "C3'" . DG  A 1 6  ? -4.77009  -10.05845 1.96740   1.000 30.90810 ? 6   DG  A "C3'" 1 
ATOM   112 O "O3'" . DG  A 1 6  ? -5.86840  -10.15596 1.03019   1.000 32.76841 ? 6   DG  A "O3'" 1 
ATOM   113 C "C2'" . DG  A 1 6  ? -3.43489  -9.96400  1.22342   1.000 35.30206 ? 6   DG  A "C2'" 1 
ATOM   114 C "C1'" . DG  A 1 6  ? -3.47469  -8.51126  0.78531   1.000 32.27473 ? 6   DG  A "C1'" 1 
ATOM   115 N N9    . DG  A 1 6  ? -2.18093  -7.87570  0.55879   1.000 30.47801 ? 6   DG  A N9    1 
ATOM   116 C C8    . DG  A 1 6  ? -1.18165  -7.70127  1.47604   1.000 33.48616 ? 6   DG  A C8    1 
ATOM   117 N N7    . DG  A 1 6  ? -0.16823  -7.02233  1.01589   1.000 31.49925 ? 6   DG  A N7    1 
ATOM   118 C C5    . DG  A 1 6  ? -0.54386  -6.68434  -0.27680  1.000 33.60070 ? 6   DG  A C5    1 
ATOM   119 C C6    . DG  A 1 6  ? 0.14106   -5.93251  -1.26038  1.000 32.26151 ? 6   DG  A C6    1 
ATOM   120 O O6    . DG  A 1 6  ? 1.25896   -5.39963  -1.18530  1.000 37.52202 ? 6   DG  A O6    1 
ATOM   121 N N1    . DG  A 1 6  ? -0.58988  -5.84009  -2.43287  1.000 28.28960 ? 6   DG  A N1    1 
ATOM   122 C C2    . DG  A 1 6  ? -1.83263  -6.37935  -2.62522  1.000 30.06736 ? 6   DG  A C2    1 
ATOM   123 N N2    . DG  A 1 6  ? -2.38225  -6.18098  -3.82174  1.000 30.23616 ? 6   DG  A N2    1 
ATOM   124 N N3    . DG  A 1 6  ? -2.48539  -7.08265  -1.71487  1.000 30.22935 ? 6   DG  A N3    1 
ATOM   125 C C4    . DG  A 1 6  ? -1.78332  -7.19375  -0.56898  1.000 31.73007 ? 6   DG  A C4    1 
ATOM   126 P P     . DG  A 1 7  ? -7.36037  -9.64405  1.36601   1.000 32.98545 ? 7   DG  A P     1 
ATOM   127 O OP1   . DG  A 1 7  ? -7.65840  -9.79559  2.80139   1.000 36.73739 ? 7   DG  A OP1   1 
ATOM   128 O OP2   . DG  A 1 7  ? -8.24503  -10.32190 0.41222   1.000 35.00809 ? 7   DG  A OP2   1 
ATOM   129 O "O5'" . DG  A 1 7  ? -7.30102  -8.10341  0.94563   1.000 31.95715 ? 7   DG  A "O5'" 1 
ATOM   130 C "C5'" . DG  A 1 7  ? -8.49055  -7.39255  0.72821   1.000 28.77726 ? 7   DG  A "C5'" 1 
ATOM   131 C "C4'" . DG  A 1 7  ? -8.38897  -6.54951  -0.52533  1.000 29.72480 ? 7   DG  A "C4'" 1 
ATOM   132 O "O4'" . DG  A 1 7  ? -7.39155  -5.50256  -0.34298  1.000 29.41136 ? 7   DG  A "O4'" 1 
ATOM   133 C "C3'" . DG  A 1 7  ? -7.96161  -7.30882  -1.78059  1.000 32.74023 ? 7   DG  A "C3'" 1 
ATOM   134 O "O3'" . DG  A 1 7  ? -8.63418  -6.76191  -2.89073  1.000 31.17069 ? 7   DG  A "O3'" 1 
ATOM   135 C "C2'" . DG  A 1 7  ? -6.47125  -7.00190  -1.85024  1.000 30.50668 ? 7   DG  A "C2'" 1 
ATOM   136 C "C1'" . DG  A 1 7  ? -6.49916  -5.54484  -1.43460  1.000 30.14332 ? 7   DG  A "C1'" 1 
ATOM   137 N N9    . DG  A 1 7  ? -5.21334  -5.00294  -1.02206  1.000 26.71843 ? 7   DG  A N9    1 
ATOM   138 C C8    . DG  A 1 7  ? -4.58128  -5.19167  0.17916   1.000 26.63226 ? 7   DG  A C8    1 
ATOM   139 N N7    . DG  A 1 7  ? -3.43237  -4.56700  0.26630   1.000 25.41735 ? 7   DG  A N7    1 
ATOM   140 C C5    . DG  A 1 7  ? -3.29248  -3.93610  -0.96690  1.000 26.51556 ? 7   DG  A C5    1 
ATOM   141 C C6    . DG  A 1 7  ? -2.25471  -3.10383  -1.45461  1.000 25.65180 ? 7   DG  A C6    1 
ATOM   142 O O6    . DG  A 1 7  ? -1.20952  -2.77470  -0.87814  1.000 24.73284 ? 7   DG  A O6    1 
ATOM   143 N N1    . DG  A 1 7  ? -2.51067  -2.65862  -2.75391  1.000 26.16822 ? 7   DG  A N1    1 
ATOM   144 C C2    . DG  A 1 7  ? -3.63770  -2.97419  -3.48273  1.000 24.82481 ? 7   DG  A C2    1 
ATOM   145 N N2    . DG  A 1 7  ? -3.71935  -2.45071  -4.70815  1.000 28.24778 ? 7   DG  A N2    1 
ATOM   146 N N3    . DG  A 1 7  ? -4.62068  -3.74187  -3.03372  1.000 27.80332 ? 7   DG  A N3    1 
ATOM   147 C C4    . DG  A 1 7  ? -4.38426  -4.18218  -1.76673  1.000 25.65313 ? 7   DG  A C4    1 
ATOM   148 P P     . DT  A 1 8  ? -8.82583  -7.60914  -4.23741  1.000 33.77742 ? 8   DT  A P     1 
ATOM   149 O OP1   . DT  A 1 8  ? -9.94660  -6.95488  -4.95223  1.000 33.95779 ? 8   DT  A OP1   1 
ATOM   150 O OP2   . DT  A 1 8  ? -8.91344  -9.04234  -3.87953  1.000 33.39577 ? 8   DT  A OP2   1 
ATOM   151 O "O5'" . DT  A 1 8  ? -7.42404  -7.47961  -4.99933  1.000 34.55919 ? 8   DT  A "O5'" 1 
ATOM   152 C "C5'" . DT  A 1 8  ? -6.97134  -6.23264  -5.50134  1.000 33.40550 ? 8   DT  A "C5'" 1 
ATOM   153 C "C4'" . DT  A 1 8  ? -5.79756  -6.45717  -6.42856  1.000 35.86192 ? 8   DT  A "C4'" 1 
ATOM   154 O "O4'" . DT  A 1 8  ? -4.71455  -7.06047  -5.67734  1.000 38.00360 ? 8   DT  A "O4'" 1 
ATOM   155 C "C3'" . DT  A 1 8  ? -6.08442  -7.39783  -7.59248  1.000 38.26557 ? 8   DT  A "C3'" 1 
ATOM   156 O "O3'" . DT  A 1 8  ? -5.41613  -6.95056  -8.76566  1.000 40.12339 ? 8   DT  A "O3'" 1 
ATOM   157 C "C2'" . DT  A 1 8  ? -5.53819  -8.73904  -7.10807  1.000 36.72973 ? 8   DT  A "C2'" 1 
ATOM   158 C "C1'" . DT  A 1 8  ? -4.36977  -8.31407  -6.23394  1.000 35.74771 ? 8   DT  A "C1'" 1 
ATOM   159 N N1    . DT  A 1 8  ? -4.09709  -9.24239  -5.11027  1.000 35.64934 ? 8   DT  A N1    1 
ATOM   160 C C2    . DT  A 1 8  ? -2.83140  -9.73846  -4.94554  1.000 36.79128 ? 8   DT  A C2    1 
ATOM   161 O O2    . DT  A 1 8  ? -1.90455  -9.47206  -5.69024  1.000 39.01306 ? 8   DT  A O2    1 
ATOM   162 N N3    . DT  A 1 8  ? -2.68429  -10.57859 -3.87854  1.000 37.73294 ? 8   DT  A N3    1 
ATOM   163 C C4    . DT  A 1 8  ? -3.64203  -10.94762 -2.96286  1.000 41.75030 ? 8   DT  A C4    1 
ATOM   164 O O4    . DT  A 1 8  ? -3.39419  -11.70640 -2.03359  1.000 40.65554 ? 8   DT  A O4    1 
ATOM   165 C C5    . DT  A 1 8  ? -4.95670  -10.38953 -3.18719  1.000 35.80078 ? 8   DT  A C5    1 
ATOM   166 C C7    . DT  A 1 8  ? -6.08540  -10.72206 -2.26097  1.000 37.10883 ? 8   DT  A C7    1 
ATOM   167 C C6    . DT  A 1 8  ? -5.11886  -9.57145  -4.23855  1.000 35.37949 ? 8   DT  A C6    1 
ATOM   168 P P     . DG  A 1 9  ? -5.95098  -5.65741  -9.55657  1.000 43.56791 ? 9   DG  A P     1 
ATOM   169 O OP1   . DG  A 1 9  ? -7.39917  -5.52037  -9.26115  1.000 42.38101 ? 9   DG  A OP1   1 
ATOM   170 O OP2   . DG  A 1 9  ? -5.50696  -5.80252  -10.96566 1.000 46.71117 ? 9   DG  A OP2   1 
ATOM   171 O "O5'" . DG  A 1 9  ? -5.15588  -4.45054  -8.85940  1.000 39.68653 ? 9   DG  A "O5'" 1 
ATOM   172 C "C5'" . DG  A 1 9  ? -5.40048  -3.10219  -9.23681  1.000 40.65680 ? 9   DG  A "C5'" 1 
ATOM   173 C "C4'" . DG  A 1 9  ? -4.15867  -2.46477  -9.84185  1.000 40.05508 ? 9   DG  A "C4'" 1 
ATOM   174 O "O4'" . DG  A 1 9  ? -3.12742  -2.31375  -8.83644  1.000 41.55384 ? 9   DG  A "O4'" 1 
ATOM   175 C "C3'" . DG  A 1 9  ? -3.49275  -3.24054  -10.97152 1.000 40.98149 ? 9   DG  A "C3'" 1 
ATOM   176 O "O3'" . DG  A 1 9  ? -2.78098  -2.32674  -11.84736 1.000 40.26173 ? 9   DG  A "O3'" 1 
ATOM   177 C "C2'" . DG  A 1 9  ? -2.50502  -4.11487  -10.19345 1.000 40.95498 ? 9   DG  A "C2'" 1 
ATOM   178 C "C1'" . DG  A 1 9  ? -1.99557  -3.09541  -9.19392  1.000 43.58153 ? 9   DG  A "C1'" 1 
ATOM   179 N N9    . DG  A 1 9  ? -1.47949  -3.63271  -7.95980  1.000 39.49690 ? 9   DG  A N9    1 
ATOM   180 C C8    . DG  A 1 9  ? -2.06625  -4.57151  -7.15163  1.000 36.51522 ? 9   DG  A C8    1 
ATOM   181 N N7    . DG  A 1 9  ? -1.40079  -4.78714  -6.05232  1.000 37.29100 ? 9   DG  A N7    1 
ATOM   182 C C5    . DG  A 1 9  ? -0.32029  -3.92202  -6.13180  1.000 33.08821 ? 9   DG  A C5    1 
ATOM   183 C C6    . DG  A 1 9  ? 0.74282   -3.69075  -5.21527  1.000 36.56400 ? 9   DG  A C6    1 
ATOM   184 O O6    . DG  A 1 9  ? 0.95423   -4.23422  -4.11602  1.000 38.00671 ? 9   DG  A O6    1 
ATOM   185 N N1    . DG  A 1 9  ? 1.61759   -2.71653  -5.67841  1.000 34.51655 ? 9   DG  A N1    1 
ATOM   186 C C2    . DG  A 1 9  ? 1.48433   -2.03927  -6.87107  1.000 36.43007 ? 9   DG  A C2    1 
ATOM   187 N N2    . DG  A 1 9  ? 2.42548   -1.12865  -7.14998  1.000 37.01818 ? 9   DG  A N2    1 
ATOM   188 N N3    . DG  A 1 9  ? 0.48857   -2.23599  -7.72762  1.000 38.30929 ? 9   DG  A N3    1 
ATOM   189 C C4    . DG  A 1 9  ? -0.37362  -3.18554  -7.28757  1.000 41.19720 ? 9   DG  A C4    1 
ATOM   190 P P     . DG  A 1 10 ? -3.40400  -0.90488  -12.28304 1.000 45.13461 ? 10  DG  A P     1 
ATOM   191 O OP1   . DG  A 1 10 ? -4.87126  -1.04800  -12.46169 1.000 44.66150 ? 10  DG  A OP1   1 
ATOM   192 O OP2   . DG  A 1 10 ? -2.57528  -0.42117  -13.40715 1.000 45.08267 ? 10  DG  A OP2   1 
ATOM   193 O "O5'" . DG  A 1 10 ? -3.09846  0.04006   -11.03009 1.000 42.57994 ? 10  DG  A "O5'" 1 
ATOM   194 C "C5'" . DG  A 1 10 ? -3.24932  1.43651   -11.12996 1.000 42.91805 ? 10  DG  A "C5'" 1 
ATOM   195 C "C4'" . DG  A 1 10 ? -2.04927  2.13101   -10.52953 1.000 37.03132 ? 10  DG  A "C4'" 1 
ATOM   196 O "O4'" . DG  A 1 10 ? -2.04543  1.91754   -9.09497  1.000 35.81823 ? 10  DG  A "O4'" 1 
ATOM   197 C "C3'" . DG  A 1 10 ? -0.69106  1.62834   -11.03336 1.000 42.24575 ? 10  DG  A "C3'" 1 
ATOM   198 O "O3'" . DG  A 1 10 ? 0.18544   2.74421   -11.25880 1.000 43.72599 ? 10  DG  A "O3'" 1 
ATOM   199 C "C2'" . DG  A 1 10 ? -0.20449  0.74559   -9.87596  1.000 38.90835 ? 10  DG  A "C2'" 1 
ATOM   200 C "C1'" . DG  A 1 10 ? -0.76338  1.50750   -8.69825  1.000 35.91556 ? 10  DG  A "C1'" 1 
ATOM   201 N N9    . DG  A 1 10 ? -0.87745  0.74018   -7.45998  1.000 32.13776 ? 10  DG  A N9    1 
ATOM   202 C C8    . DG  A 1 10 ? -1.83438  -0.18342  -7.13842  1.000 30.59053 ? 10  DG  A C8    1 
ATOM   203 N N7    . DG  A 1 10 ? -1.69099  -0.67539  -5.92627  1.000 29.71649 ? 10  DG  A N7    1 
ATOM   204 C C5    . DG  A 1 10 ? -0.55518  -0.04700  -5.43354  1.000 28.67143 ? 10  DG  A C5    1 
ATOM   205 C C6    . DG  A 1 10 ? 0.10255   -0.18473  -4.18306  1.000 29.41514 ? 10  DG  A C6    1 
ATOM   206 O O6    . DG  A 1 10 ? -0.20042  -0.91956  -3.22378  1.000 30.00015 ? 10  DG  A O6    1 
ATOM   207 N N1    . DG  A 1 10 ? 1.21645   0.64177   -4.09950  1.000 27.67851 ? 10  DG  A N1    1 
ATOM   208 C C2    . DG  A 1 10 ? 1.64284   1.49602   -5.09021  1.000 28.25746 ? 10  DG  A C2    1 
ATOM   209 N N2    . DG  A 1 10 ? 2.73741   2.23154   -4.82229  1.000 29.10519 ? 10  DG  A N2    1 
ATOM   210 N N3    . DG  A 1 10 ? 1.03198   1.63943   -6.24985  1.000 28.92717 ? 10  DG  A N3    1 
ATOM   211 C C4    . DG  A 1 10 ? -0.05450  0.83832   -6.35598  1.000 31.36670 ? 10  DG  A C4    1 
ATOM   212 P P     . DT  A 1 11 ? 1.54217   2.55533   -12.09745 1.000 44.02990 ? 11  DT  A P     1 
ATOM   213 O OP1   . DT  A 1 11 ? 2.07581   3.90381   -12.36398 1.000 47.80327 ? 11  DT  A OP1   1 
ATOM   214 O OP2   . DT  A 1 11 ? 1.28503   1.55353   -13.14881 1.000 46.86165 ? 11  DT  A OP2   1 
ATOM   215 O "O5'" . DT  A 1 11 ? 2.52014   1.83504   -11.07754 1.000 44.86849 ? 11  DT  A "O5'" 1 
ATOM   216 C "C5'" . DT  A 1 11 ? 2.99789   2.52136   -9.96570  1.000 39.00557 ? 11  DT  A "C5'" 1 
ATOM   217 C "C4'" . DT  A 1 11 ? 4.26688   1.86508   -9.49238  1.000 42.27421 ? 11  DT  A "C4'" 1 
ATOM   218 O "O4'" . DT  A 1 11 ? 3.97464   0.51604   -9.06371  1.000 43.29797 ? 11  DT  A "O4'" 1 
ATOM   219 C "C3'" . DT  A 1 11 ? 5.34717   1.73902   -10.55635 1.000 39.87191 ? 11  DT  A "C3'" 1 
ATOM   220 O "O3'" . DT  A 1 11 ? 6.60756   1.89387   -9.95050  1.000 41.96209 ? 11  DT  A "O3'" 1 
ATOM   221 C "C2'" . DT  A 1 11 ? 5.14743   0.32463   -11.09683 1.000 42.45777 ? 11  DT  A "C2'" 1 
ATOM   222 C "C1'" . DT  A 1 11 ? 4.65991   -0.42087  -9.86323  1.000 42.98969 ? 11  DT  A "C1'" 1 
ATOM   223 N N1    . DT  A 1 11 ? 3.70797   -1.50985  -10.14947 1.000 42.06090 ? 11  DT  A N1    1 
ATOM   224 C C2    . DT  A 1 11 ? 3.89504   -2.72242  -9.54501  1.000 43.12807 ? 11  DT  A C2    1 
ATOM   225 O O2    . DT  A 1 11 ? 4.83442   -2.95829  -8.81269  1.000 46.77155 ? 11  DT  A O2    1 
ATOM   226 N N3    . DT  A 1 11 ? 2.94384   -3.65744  -9.82991  1.000 41.46994 ? 11  DT  A N3    1 
ATOM   227 C C4    . DT  A 1 11 ? 1.83778   -3.50354  -10.64165 1.000 41.41027 ? 11  DT  A C4    1 
ATOM   228 O O4    . DT  A 1 11 ? 1.04054   -4.41782  -10.84531 1.000 44.74888 ? 11  DT  A O4    1 
ATOM   229 C C5    . DT  A 1 11 ? 1.69142   -2.19397  -11.23864 1.000 44.93227 ? 11  DT  A C5    1 
ATOM   230 C C7    . DT  A 1 11 ? 0.53568   -1.90067  -12.14388 1.000 42.33535 ? 11  DT  A C7    1 
ATOM   231 C C6    . DT  A 1 11 ? 2.61821   -1.26865  -10.95780 1.000 39.60191 ? 11  DT  A C6    1 
ATOM   232 P P     . DG  A 1 12 ? 7.04380   3.33493   -9.41111  1.000 42.25598 ? 12  DG  A P     1 
ATOM   233 O OP1   . DG  A 1 12 ? 6.28378   4.32503   -10.20866 1.000 42.48301 ? 12  DG  A OP1   1 
ATOM   234 O OP2   . DG  A 1 12 ? 8.52485   3.36213   -9.40004  1.000 48.52430 ? 12  DG  A OP2   1 
ATOM   235 O "O5'" . DG  A 1 12 ? 6.49044   3.33549   -7.89747  1.000 44.79957 ? 12  DG  A "O5'" 1 
ATOM   236 C "C5'" . DG  A 1 12 ? 6.68625   4.46084   -7.04451  1.000 39.72863 ? 12  DG  A "C5'" 1 
ATOM   237 C "C4'" . DG  A 1 12 ? 7.59611   4.11486   -5.87378  1.000 39.34410 ? 12  DG  A "C4'" 1 
ATOM   238 O "O4'" . DG  A 1 12 ? 6.93828   3.20082   -4.96713  1.000 42.23607 ? 12  DG  A "O4'" 1 
ATOM   239 C "C3'" . DG  A 1 12 ? 8.89665   3.43443   -6.24635  1.000 41.76068 ? 12  DG  A "C3'" 1 
ATOM   240 O "O3'" . DG  A 1 12 ? 9.88656   3.79379   -5.30929  1.000 46.78855 ? 12  DG  A "O3'" 1 
ATOM   241 C "C2'" . DG  A 1 12 ? 8.53989   1.95273   -6.15287  1.000 44.43425 ? 12  DG  A "C2'" 1 
ATOM   242 C "C1'" . DG  A 1 12 ? 7.61806   1.95621   -4.94878  1.000 37.71943 ? 12  DG  A "C1'" 1 
ATOM   243 N N9    . DG  A 1 12 ? 6.58515   0.94646   -4.96182  1.000 38.40904 ? 12  DG  A N9    1 
ATOM   244 C C8    . DG  A 1 12 ? 5.66477   0.70686   -5.95483  1.000 35.56641 ? 12  DG  A C8    1 
ATOM   245 N N7    . DG  A 1 12 ? 4.80636   -0.22496  -5.64744  1.000 36.00326 ? 12  DG  A N7    1 
ATOM   246 C C5    . DG  A 1 12 ? 5.16398   -0.59379  -4.35259  1.000 33.82396 ? 12  DG  A C5    1 
ATOM   247 C C6    . DG  A 1 12 ? 4.59643   -1.54852  -3.48812  1.000 33.91908 ? 12  DG  A C6    1 
ATOM   248 O O6    . DG  A 1 12 ? 3.62281   -2.27425  -3.68500  1.000 37.45051 ? 12  DG  A O6    1 
ATOM   249 N N1    . DG  A 1 12 ? 5.27088   -1.61413  -2.27835  1.000 34.03717 ? 12  DG  A N1    1 
ATOM   250 C C2    . DG  A 1 12 ? 6.35127   -0.84310  -1.93742  1.000 32.90583 ? 12  DG  A C2    1 
ATOM   251 N N2    . DG  A 1 12 ? 6.85123   -1.03583  -0.71681  1.000 36.22305 ? 12  DG  A N2    1 
ATOM   252 N N3    . DG  A 1 12 ? 6.89722   0.05674   -2.73547  1.000 32.83574 ? 12  DG  A N3    1 
ATOM   253 C C4    . DG  A 1 12 ? 6.25246   0.12602   -3.92170  1.000 31.89045 ? 12  DG  A C4    1 
ATOM   254 P P     . DA  A 1 13 ? 11.13815  4.66536   -5.79957  1.000 45.62104 ? 13  DA  A P     1 
ATOM   255 O OP1   . DA  A 1 13 ? 11.86771  3.83799   -6.79624  1.000 47.65428 ? 13  DA  A OP1   1 
ATOM   256 O OP2   . DA  A 1 13 ? 11.84808  5.21195   -4.62009  1.000 48.96674 ? 13  DA  A OP2   1 
ATOM   257 O "O5'" . DA  A 1 13 ? 10.45706  5.85942   -6.61109  1.000 48.38483 ? 13  DA  A "O5'" 1 
ATOM   258 C "C5'" . DA  A 1 13 ? 10.14250  7.07687   -5.96156  1.000 47.63689 ? 13  DA  A "C5'" 1 
ATOM   259 C "C4'" . DA  A 1 13 ? 10.04120  8.20735   -6.97083  1.000 43.71856 ? 13  DA  A "C4'" 1 
ATOM   260 O "O4'" . DA  A 1 13 ? 11.34227  8.47655   -7.54497  1.000 44.10684 ? 13  DA  A "O4'" 1 
ATOM   261 C "C3'" . DA  A 1 13 ? 9.12010   7.93414   -8.14676  1.000 43.45322 ? 13  DA  A "C3'" 1 
ATOM   262 O "O3'" . DA  A 1 13 ? 8.51763   9.14056   -8.56047  1.000 57.84506 ? 13  DA  A "O3'" 1 
ATOM   263 C "C2'" . DA  A 1 13 ? 10.07660  7.39430   -9.20834  1.000 43.14041 ? 13  DA  A "C2'" 1 
ATOM   264 C "C1'" . DA  A 1 13 ? 11.33444  8.20206   -8.92919  1.000 44.57836 ? 13  DA  A "C1'" 1 
ATOM   265 N N9    . DA  A 1 13 ? 12.56577  7.49457   -9.22830  1.000 42.17650 ? 13  DA  A N9    1 
ATOM   266 C C8    . DA  A 1 13 ? 12.89919  6.22596   -8.84958  1.000 43.03209 ? 13  DA  A C8    1 
ATOM   267 N N7    . DA  A 1 13 ? 14.09811  5.85646   -9.24234  1.000 44.21532 ? 13  DA  A N7    1 
ATOM   268 C C5    . DA  A 1 13 ? 14.58369  6.96668   -9.91215  1.000 41.15396 ? 13  DA  A C5    1 
ATOM   269 C C6    . DA  A 1 13 ? 15.80561  7.22339   -10.55984 1.000 43.27212 ? 13  DA  A C6    1 
ATOM   270 N N6    . DA  A 1 13 ? 16.79361  6.33538   -10.63581 1.000 47.12262 ? 13  DA  A N6    1 
ATOM   271 N N1    . DA  A 1 13 ? 15.97195  8.43459   -11.12212 1.000 39.51294 ? 13  DA  A N1    1 
ATOM   272 C C2    . DA  A 1 13 ? 14.97842  9.32564   -11.04210 1.000 39.80076 ? 13  DA  A C2    1 
ATOM   273 N N3    . DA  A 1 13 ? 13.78923  9.20358   -10.45955 1.000 37.27618 ? 13  DA  A N3    1 
ATOM   274 C C4    . DA  A 1 13 ? 13.65152  7.98479   -9.91246  1.000 36.98807 ? 13  DA  A C4    1 
ATOM   275 P P     . DT  A 1 14 ? 7.43583   9.87514   -7.62259  1.000 66.60468 ? 14  DT  A P     1 
ATOM   276 O OP1   . DT  A 1 14 ? 7.88634   11.27857  -7.47857  1.000 74.57913 ? 14  DT  A OP1   1 
ATOM   277 O OP2   . DT  A 1 14 ? 7.14952   9.05069   -6.42482  1.000 72.02826 ? 14  DT  A OP2   1 
ATOM   278 O "O5'" . DT  A 1 14 ? 6.10988   9.86215   -8.50538  1.000 56.58723 ? 14  DT  A "O5'" 1 
ATOM   279 C "C5'" . DT  A 1 14 ? 5.01112   10.68488  -8.15183  1.000 51.76288 ? 14  DT  A "C5'" 1 
ATOM   280 C "C4'" . DT  A 1 14 ? 3.87289   10.47442  -9.12196  1.000 55.61367 ? 14  DT  A "C4'" 1 
ATOM   281 O "O4'" . DT  A 1 14 ? 4.23219   11.00281  -10.41879 1.000 56.36292 ? 14  DT  A "O4'" 1 
ATOM   282 C "C3'" . DT  A 1 14 ? 3.50153   9.02283   -9.35856  1.000 60.33225 ? 14  DT  A "C3'" 1 
ATOM   283 O "O3'" . DT  A 1 14 ? 2.13559   8.94102   -9.59795  1.000 61.12024 ? 14  DT  A "O3'" 1 
ATOM   284 C "C2'" . DT  A 1 14 ? 4.31341   8.64180   -10.59436 1.000 59.51658 ? 14  DT  A "C2'" 1 
ATOM   285 C "C1'" . DT  A 1 14 ? 4.36067   9.95573   -11.36290 1.000 61.34361 ? 14  DT  A "C1'" 1 
ATOM   286 N N1    . DT  A 1 14 ? 5.63102   10.16686  -12.10334 1.000 65.95533 ? 14  DT  A N1    1 
ATOM   287 C C2    . DT  A 1 14 ? 5.60890   10.18763  -13.47639 1.000 70.19070 ? 14  DT  A C2    1 
ATOM   288 O O2    . DT  A 1 14 ? 4.59354   10.02418  -14.12713 1.000 73.99854 ? 14  DT  A O2    1 
ATOM   289 N N3    . DT  A 1 14 ? 6.82581   10.40208  -14.06573 1.000 63.21901 ? 14  DT  A N3    1 
ATOM   290 C C4    . DT  A 1 14 ? 8.03755   10.59784  -13.42647 1.000 65.23701 ? 14  DT  A C4    1 
ATOM   291 O O4    . DT  A 1 14 ? 9.08415   10.78526  -14.04324 1.000 67.10120 ? 14  DT  A O4    1 
ATOM   292 C C5    . DT  A 1 14 ? 7.98568   10.56720  -11.98259 1.000 59.70028 ? 14  DT  A C5    1 
ATOM   293 C C7    . DT  A 1 14 ? 9.23284   10.76575  -11.18124 1.000 55.16524 ? 14  DT  A C7    1 
ATOM   294 C C6    . DT  A 1 14 ? 6.80069   10.35956  -11.39868 1.000 62.61242 ? 14  DT  A C6    1 
ATOM   295 P P     . DG  A 1 15 ? 1.15865   8.57028   -8.38849  1.000 60.18042 ? 15  DG  A P     1 
ATOM   296 O OP1   . DG  A 1 15 ? -0.19752  9.01444   -8.76928  1.000 69.05040 ? 15  DG  A OP1   1 
ATOM   297 O OP2   . DG  A 1 15 ? 1.77074   9.06031   -7.13099  1.000 53.81985 ? 15  DG  A OP2   1 
ATOM   298 O "O5'" . DG  A 1 15 ? 1.21549   6.98500   -8.35961  1.000 43.33162 ? 15  DG  A "O5'" 1 
ATOM   299 C "C5'" . DG  A 1 15 ? 0.94133   6.25173   -9.51502  1.000 38.05643 ? 15  DG  A "C5'" 1 
ATOM   300 C "C4'" . DG  A 1 15 ? -0.31661  5.45235   -9.32577  1.000 40.75621 ? 15  DG  A "C4'" 1 
ATOM   301 O "O4'" . DG  A 1 15 ? -0.16181  4.62722   -8.15103  1.000 37.42986 ? 15  DG  A "O4'" 1 
ATOM   302 C "C3'" . DG  A 1 15 ? -1.57903  6.28465   -9.08289  1.000 45.86044 ? 15  DG  A "C3'" 1 
ATOM   303 O "O3'" . DG  A 1 15 ? -2.64615  5.74463   -9.83144  1.000 55.42383 ? 15  DG  A "O3'" 1 
ATOM   304 C "C2'" . DG  A 1 15 ? -1.81434  6.13025   -7.57629  1.000 39.67746 ? 15  DG  A "C2'" 1 
ATOM   305 C "C1'" . DG  A 1 15 ? -1.33454  4.71353   -7.37943  1.000 36.39275 ? 15  DG  A "C1'" 1 
ATOM   306 N N9    . DG  A 1 15 ? -0.98595  4.35733   -6.01320  1.000 31.70924 ? 15  DG  A N9    1 
ATOM   307 C C8    . DG  A 1 15 ? 0.10853   4.77695   -5.30498  1.000 30.18726 ? 15  DG  A C8    1 
ATOM   308 N N7    . DG  A 1 15 ? 0.17356   4.26889   -4.10393  1.000 26.76371 ? 15  DG  A N7    1 
ATOM   309 C C5    . DG  A 1 15 ? -0.92959  3.42992   -4.02875  1.000 27.01508 ? 15  DG  A C5    1 
ATOM   310 C C6    . DG  A 1 15 ? -1.37589  2.59884   -2.97150  1.000 24.45778 ? 15  DG  A C6    1 
ATOM   311 O O6    . DG  A 1 15 ? -0.85918  2.42928   -1.87308  1.000 24.21669 ? 15  DG  A O6    1 
ATOM   312 N N1    . DG  A 1 15 ? -2.54883  1.92229   -3.30127  1.000 25.45461 ? 15  DG  A N1    1 
ATOM   313 C C2    . DG  A 1 15 ? -3.19939  2.02703   -4.50579  1.000 27.02996 ? 15  DG  A C2    1 
ATOM   314 N N2    . DG  A 1 15 ? -4.31866  1.30429   -4.64293  1.000 29.54704 ? 15  DG  A N2    1 
ATOM   315 N N3    . DG  A 1 15 ? -2.79225  2.80371   -5.50348  1.000 35.23101 ? 15  DG  A N3    1 
ATOM   316 C C4    . DG  A 1 15 ? -1.65319  3.47244   -5.19398  1.000 31.27229 ? 15  DG  A C4    1 
ATOM   317 P P     . DG  A 1 16 ? -4.04571  6.52821   -9.93701  1.000 62.22886 ? 16  DG  A P     1 
ATOM   318 O OP1   . DG  A 1 16 ? -4.56889  6.28304   -11.29681 1.000 67.02902 ? 16  DG  A OP1   1 
ATOM   319 O OP2   . DG  A 1 16 ? -3.84843  7.91081   -9.44954  1.000 65.84552 ? 16  DG  A OP2   1 
ATOM   320 O "O5'" . DG  A 1 16 ? -4.98957  5.80822   -8.86555  1.000 59.61044 ? 16  DG  A "O5'" 1 
ATOM   321 C "C5'" . DG  A 1 16 ? -5.56625  4.54877   -9.15390  1.000 53.05703 ? 16  DG  A "C5'" 1 
ATOM   322 C "C4'" . DG  A 1 16 ? -6.73294  4.25614   -8.21917  1.000 43.94862 ? 16  DG  A "C4'" 1 
ATOM   323 O "O4'" . DG  A 1 16 ? -6.24181  3.86772   -6.90926  1.000 44.63653 ? 16  DG  A "O4'" 1 
ATOM   324 C "C3'" . DG  A 1 16 ? -7.68524  5.42145   -7.96481  1.000 44.10648 ? 16  DG  A "C3'" 1 
ATOM   325 O "O3'" . DG  A 1 16 ? -9.00474  4.91689   -7.79732  1.000 44.17445 ? 16  DG  A "O3'" 1 
ATOM   326 C "C2'" . DG  A 1 16 ? -7.15095  5.99197   -6.65234  1.000 44.02812 ? 16  DG  A "C2'" 1 
ATOM   327 C "C1'" . DG  A 1 16 ? -6.81701  4.70477   -5.92474  1.000 41.14832 ? 16  DG  A "C1'" 1 
ATOM   328 N N9    . DG  A 1 16 ? -5.84250  4.83959   -4.85490  1.000 36.10276 ? 16  DG  A N9    1 
ATOM   329 C C8    . DG  A 1 16 ? -4.66224  5.53910   -4.89120  1.000 35.75054 ? 16  DG  A C8    1 
ATOM   330 N N7    . DG  A 1 16 ? -3.96432  5.43311   -3.79499  1.000 30.89492 ? 16  DG  A N7    1 
ATOM   331 C C5    . DG  A 1 16 ? -4.72151  4.59701   -2.98816  1.000 29.95544 ? 16  DG  A C5    1 
ATOM   332 C C6    . DG  A 1 16 ? -4.46799  4.12119   -1.68501  1.000 28.51764 ? 16  DG  A C6    1 
ATOM   333 O O6    . DG  A 1 16 ? -3.49318  4.35348   -0.96033  1.000 28.14730 ? 16  DG  A O6    1 
ATOM   334 N N1    . DG  A 1 16 ? -5.48850  3.29666   -1.23192  1.000 28.26739 ? 16  DG  A N1    1 
ATOM   335 C C2    . DG  A 1 16 ? -6.60855  2.96576   -1.94844  1.000 29.52254 ? 16  DG  A C2    1 
ATOM   336 N N2    . DG  A 1 16 ? -7.47267  2.15378   -1.33937  1.000 31.38196 ? 16  DG  A N2    1 
ATOM   337 N N3    . DG  A 1 16 ? -6.86374  3.40174   -3.17460  1.000 34.10359 ? 16  DG  A N3    1 
ATOM   338 C C4    . DG  A 1 16 ? -5.87363  4.20989   -3.63124  1.000 32.05272 ? 16  DG  A C4    1 
ATOM   339 P P     . DT  A 1 17 ? -9.94553  4.63198   -9.06783  1.000 51.79890 ? 17  DT  A P     1 
ATOM   340 O OP1   . DT  A 1 17 ? -9.12280  4.17583   -10.20913 1.000 51.14797 ? 17  DT  A OP1   1 
ATOM   341 O OP2   . DT  A 1 17 ? -10.86831 5.77772   -9.20542  1.000 51.04181 ? 17  DT  A OP2   1 
ATOM   342 O "O5'" . DT  A 1 17 ? -10.82528 3.39552   -8.60584  1.000 49.83565 ? 17  DT  A "O5'" 1 
ATOM   343 C "C5'" . DT  A 1 17 ? -10.18715 2.21977   -8.18220  1.000 44.26167 ? 17  DT  A "C5'" 1 
ATOM   344 C "C4'" . DT  A 1 17 ? -11.20557 1.21275   -7.71490  1.000 40.86039 ? 17  DT  A "C4'" 1 
ATOM   345 O "O4'" . DT  A 1 17 ? -12.15049 0.96470   -8.77882  1.000 40.75554 ? 17  DT  A "O4'" 1 
ATOM   346 C "C3'" . DT  A 1 17 ? -10.63391 -0.14520  -7.37803  1.000 40.84432 ? 17  DT  A "C3'" 1 
ATOM   347 O "O3'" . DT  A 1 17 ? -11.50588 -0.81506  -6.49292  1.000 41.83940 ? 17  DT  A "O3'" 1 
ATOM   348 C "C2'" . DT  A 1 17 ? -10.60185 -0.81073  -8.74586  1.000 44.09085 ? 17  DT  A "C2'" 1 
ATOM   349 C "C1'" . DT  A 1 17 ? -11.89806 -0.30138  -9.35764  1.000 42.44327 ? 17  DT  A "C1'" 1 
ATOM   350 N N1    . DT  A 1 17 ? -11.82142 -0.12408  -10.81282 1.000 42.78108 ? 17  DT  A N1    1 
ATOM   351 C C2    . DT  A 1 17 ? -12.20683 -1.15563  -11.63447 1.000 45.47223 ? 17  DT  A C2    1 
ATOM   352 O O2    . DT  A 1 17 ? -12.61557 -2.22478  -11.21624 1.000 49.72675 ? 17  DT  A O2    1 
ATOM   353 N N3    . DT  A 1 17 ? -12.10983 -0.88501  -12.96945 1.000 49.11208 ? 17  DT  A N3    1 
ATOM   354 C C4    . DT  A 1 17 ? -11.67091 0.28902   -13.55437 1.000 46.32221 ? 17  DT  A C4    1 
ATOM   355 O O4    . DT  A 1 17 ? -11.61683 0.43638   -14.77050 1.000 49.43382 ? 17  DT  A O4    1 
ATOM   356 C C5    . DT  A 1 17 ? -11.28316 1.32898   -12.63679 1.000 45.38730 ? 17  DT  A C5    1 
ATOM   357 C C7    . DT  A 1 17 ? -10.78652 2.64332   -13.15816 1.000 43.71498 ? 17  DT  A C7    1 
ATOM   358 C C6    . DT  A 1 17 ? -11.37740 1.07715   -11.32395 1.000 44.13998 ? 17  DT  A C6    1 
ATOM   359 P P     . DG  A 1 18 ? -11.29041 -0.67472  -4.90860  1.000 39.79714 ? 18  DG  A P     1 
ATOM   360 O OP1   . DG  A 1 18 ? -12.47654 -1.26840  -4.25294  1.000 41.41404 ? 18  DG  A OP1   1 
ATOM   361 O OP2   . DG  A 1 18 ? -10.93981 0.73283   -4.61111  1.000 41.87325 ? 18  DG  A OP2   1 
ATOM   362 O "O5'" . DG  A 1 18 ? -10.00809 -1.58445  -4.62157  1.000 37.78449 ? 18  DG  A "O5'" 1 
ATOM   363 C "C5'" . DG  A 1 18 ? -10.12786 -2.99152  -4.56153  1.000 36.14547 ? 18  DG  A "C5'" 1 
ATOM   364 C "C4'" . DG  A 1 18 ? -9.76446  -3.49464  -3.17858  1.000 31.94698 ? 18  DG  A "C4'" 1 
ATOM   365 O "O4'" . DG  A 1 18 ? -8.36399  -3.20083  -2.91389  1.000 30.05943 ? 18  DG  A "O4'" 1 
ATOM   366 C "C3'" . DG  A 1 18 ? -10.53994 -2.84843  -2.02814  1.000 28.54284 ? 18  DG  A "C3'" 1 
ATOM   367 O "O3'" . DG  A 1 18 ? -10.79004 -3.81400  -1.01970  1.000 32.16351 ? 18  DG  A "O3'" 1 
ATOM   368 C "C2'" . DG  A 1 18 ? -9.57795  -1.77131  -1.53325  1.000 30.45551 ? 18  DG  A "C2'" 1 
ATOM   369 C "C1'" . DG  A 1 18 ? -8.25762  -2.49820  -1.69885  1.000 28.76548 ? 18  DG  A "C1'" 1 
ATOM   370 N N9    . DG  A 1 18 ? -7.08916  -1.64376  -1.78850  1.000 24.84096 ? 18  DG  A N9    1 
ATOM   371 C C8    . DG  A 1 18 ? -6.69837  -0.87951  -2.86244  1.000 26.32581 ? 18  DG  A C8    1 
ATOM   372 N N7    . DG  A 1 18 ? -5.57275  -0.24274  -2.65524  1.000 27.31674 ? 18  DG  A N7    1 
ATOM   373 C C5    . DG  A 1 18 ? -5.19149  -0.62932  -1.38101  1.000 26.29841 ? 18  DG  A C5    1 
ATOM   374 C C6    . DG  A 1 18 ? -4.06020  -0.26762  -0.61942  1.000 23.43633 ? 18  DG  A C6    1 
ATOM   375 O O6    . DG  A 1 18 ? -3.13451  0.47685   -0.93793  1.000 25.86351 ? 18  DG  A O6    1 
ATOM   376 N N1    . DG  A 1 18 ? -4.05134  -0.89057  0.62629   1.000 23.33096 ? 18  DG  A N1    1 
ATOM   377 C C2    . DG  A 1 18 ? -5.02682  -1.74471  1.07891   1.000 23.28781 ? 18  DG  A C2    1 
ATOM   378 N N2    . DG  A 1 18 ? -4.86765  -2.23370  2.31123   1.000 24.88997 ? 18  DG  A N2    1 
ATOM   379 N N3    . DG  A 1 18 ? -6.08983  -2.09256  0.37422   1.000 25.36168 ? 18  DG  A N3    1 
ATOM   380 C C4    . DG  A 1 18 ? -6.11051  -1.49509  -0.83940  1.000 25.17526 ? 18  DG  A C4    1 
ATOM   381 P P     . DG  A 1 19 ? -11.83305 -3.50185  0.16544   1.000 37.74643 ? 19  DG  A P     1 
ATOM   382 O OP1   . DG  A 1 19 ? -12.42117 -4.79883  0.54951   1.000 43.36315 ? 19  DG  A OP1   1 
ATOM   383 O OP2   . DG  A 1 19 ? -12.67304 -2.36002  -0.25165  1.000 43.75853 ? 19  DG  A OP2   1 
ATOM   384 O "O5'" . DG  A 1 19 ? -10.94248 -2.98686  1.38555   1.000 36.69194 ? 19  DG  A "O5'" 1 
ATOM   385 C "C5'" . DG  A 1 19 ? -10.18924 -3.91848  2.16119   1.000 36.15263 ? 19  DG  A "C5'" 1 
ATOM   386 C "C4'" . DG  A 1 19 ? -9.78995  -3.34065  3.51264   1.000 35.80704 ? 19  DG  A "C4'" 1 
ATOM   387 O "O4'" . DG  A 1 19 ? -8.62348  -2.49070  3.37188   1.000 35.89607 ? 19  DG  A "O4'" 1 
ATOM   388 C "C3'" . DG  A 1 19 ? -10.82976 -2.48121  4.21757   1.000 36.20902 ? 19  DG  A "C3'" 1 
ATOM   389 O "O3'" . DG  A 1 19 ? -10.63502 -2.61162  5.61516   1.000 41.36891 ? 19  DG  A "O3'" 1 
ATOM   390 C "C2'" . DG  A 1 19 ? -10.43453 -1.07502  3.75420   1.000 32.98467 ? 19  DG  A "C2'" 1 
ATOM   391 C "C1'" . DG  A 1 19 ? -8.92030  -1.18825  3.85105   1.000 32.47448 ? 19  DG  A "C1'" 1 
ATOM   392 N N9    . DG  A 1 19 ? -8.15373  -0.27426  3.02197   1.000 31.24010 ? 19  DG  A N9    1 
ATOM   393 C C8    . DG  A 1 19 ? -8.40395  0.07639   1.72291   1.000 31.24463 ? 19  DG  A C8    1 
ATOM   394 N N7    . DG  A 1 19 ? -7.48584  0.84901   1.21322   1.000 29.88784 ? 19  DG  A N7    1 
ATOM   395 C C5    . DG  A 1 19 ? -6.55726  0.99776   2.23005   1.000 26.88872 ? 19  DG  A C5    1 
ATOM   396 C C6    . DG  A 1 19 ? -5.34082  1.72538   2.25809   1.000 25.63424 ? 19  DG  A C6    1 
ATOM   397 O O6    . DG  A 1 19 ? -4.82988  2.40207   1.35185   1.000 27.78866 ? 19  DG  A O6    1 
ATOM   398 N N1    . DG  A 1 19 ? -4.70025  1.61711   3.49465   1.000 24.94773 ? 19  DG  A N1    1 
ATOM   399 C C2    . DG  A 1 19 ? -5.17974  0.88314   4.55862   1.000 28.67716 ? 19  DG  A C2    1 
ATOM   400 N N2    . DG  A 1 19 ? -4.43971  0.88832   5.67236   1.000 29.20324 ? 19  DG  A N2    1 
ATOM   401 N N3    . DG  A 1 19 ? -6.31376  0.19645   4.53256   1.000 27.72623 ? 19  DG  A N3    1 
ATOM   402 C C4    . DG  A 1 19 ? -6.94339  0.29687   3.34199   1.000 28.32630 ? 19  DG  A C4    1 
ATOM   403 P P     A DT  A 1 20 ? -11.34610 -3.78956  6.44500   0.643 41.12446 ? 20  DT  A P     1 
ATOM   404 P P     B DT  A 1 20 ? -11.33955 -3.79409  6.44093   0.357 42.40031 ? 20  DT  A P     1 
ATOM   405 O OP1   A DT  A 1 20 ? -11.83939 -4.82362  5.51242   0.643 43.18070 ? 20  DT  A OP1   1 
ATOM   406 O OP1   B DT  A 1 20 ? -11.87264 -4.79285  5.49009   0.357 43.78787 ? 20  DT  A OP1   1 
ATOM   407 O OP2   A DT  A 1 20 ? -12.28119 -3.13352  7.38259   0.643 46.75493 ? 20  DT  A OP2   1 
ATOM   408 O OP2   B DT  A 1 20 ? -12.24174 -3.15114  7.42122   0.357 46.29255 ? 20  DT  A OP2   1 
ATOM   409 O "O5'" A DT  A 1 20 ? -10.16452 -4.42403  7.30826   0.643 42.25669 ? 20  DT  A "O5'" 1 
ATOM   410 O "O5'" B DT  A 1 20 ? -10.13363 -4.46064  7.24560   0.357 42.72776 ? 20  DT  A "O5'" 1 
ATOM   411 C "C5'" A DT  A 1 20 ? -9.48996  -3.63517  8.26880   0.643 44.22231 ? 20  DT  A "C5'" 1 
ATOM   412 C "C5'" B DT  A 1 20 ? -9.35037  -3.66639  8.11757   0.357 42.72155 ? 20  DT  A "C5'" 1 
ATOM   413 C "C4'" A DT  A 1 20 ? -8.41733  -4.44576  8.96964   0.643 45.61386 ? 20  DT  A "C4'" 1 
ATOM   414 C "C4'" B DT  A 1 20 ? -8.49991  -4.53709  9.02058   0.357 43.56710 ? 20  DT  A "C4'" 1 
ATOM   415 O "O4'" A DT  A 1 20 ? -9.02680  -5.57435  9.64814   0.643 47.44513 ? 20  DT  A "O4'" 1 
ATOM   416 O "O4'" B DT  A 1 20 ? -9.30189  -5.62713  9.53733   0.357 45.29951 ? 20  DT  A "O4'" 1 
ATOM   417 C "C3'" A DT  A 1 20 ? -7.34378  -5.03248  8.05821   0.643 43.53578 ? 20  DT  A "C3'" 1 
ATOM   418 C "C3'" B DT  A 1 20 ? -7.28835  -5.18160  8.35040   0.357 40.46424 ? 20  DT  A "C3'" 1 
ATOM   419 O "O3'" A DT  A 1 20 ? -6.09782  -4.99916  8.71879   0.643 46.61149 ? 20  DT  A "O3'" 1 
ATOM   420 O "O3'" B DT  A 1 20 ? -6.17992  -5.15484  9.24623   0.357 36.91268 ? 20  DT  A "O3'" 1 
ATOM   421 C "C2'" A DT  A 1 20 ? -7.81882  -6.46623  7.85210   0.643 43.08633 ? 20  DT  A "C2'" 1 
ATOM   422 C "C2'" B DT  A 1 20 ? -7.76386  -6.60998  8.08444   0.357 41.51366 ? 20  DT  A "C2'" 1 
ATOM   423 C "C1'" A DT  A 1 20 ? -8.44775  -6.77793  9.20023   0.643 46.22075 ? 20  DT  A "C1'" 1 
ATOM   424 C "C1'" B DT  A 1 20 ? -8.65927  -6.85297  9.28901   0.357 43.54734 ? 20  DT  A "C1'" 1 
ATOM   425 N N1    A DT  A 1 20 ? -9.51550  -7.80453  9.12621   0.643 52.96519 ? 20  DT  A N1    1 
ATOM   426 N N1    B DT  A 1 20 ? -9.71263  -7.88024  9.06670   0.357 46.23140 ? 20  DT  A N1    1 
ATOM   427 C C2    A DT  A 1 20 ? -9.30232  -9.03892  9.69218   0.643 53.69183 ? 20  DT  A C2    1 
ATOM   428 C C2    B DT  A 1 20 ? -9.54564  -9.14420  9.58388   0.357 44.64745 ? 20  DT  A C2    1 
ATOM   429 O O2    A DT  A 1 20 ? -8.26901  -9.34255  10.26111  0.643 54.01717 ? 20  DT  A O2    1 
ATOM   430 O O2    B DT  A 1 20 ? -8.56074  -9.48524  10.21232  0.357 38.90558 ? 20  DT  A O2    1 
ATOM   431 N N3    A DT  A 1 20 ? -10.34963 -9.91346  9.56949   0.643 57.53021 ? 20  DT  A N3    1 
ATOM   432 N N3    B DT  A 1 20 ? -10.57906 -10.00613 9.33161   0.357 47.98962 ? 20  DT  A N3    1 
ATOM   433 C C4    A DT  A 1 20 ? -11.56309 -9.68189  8.94540   0.643 64.32465 ? 20  DT  A C4    1 
ATOM   434 C C4    B DT  A 1 20 ? -11.74199 -9.73585  8.63303   0.357 52.11372 ? 20  DT  A C4    1 
ATOM   435 O O4    A DT  A 1 20 ? -12.44717 -10.53380 8.89003   0.643 68.06752 ? 20  DT  A O4    1 
ATOM   436 O O4    B DT  A 1 20 ? -12.61518 -10.58153 8.45949   0.357 54.10823 ? 20  DT  A O4    1 
ATOM   437 C C5    A DT  A 1 20 ? -11.72153 -8.36198  8.37426   0.643 63.82267 ? 20  DT  A C5    1 
ATOM   438 C C5    B DT  A 1 20 ? -11.85719 -8.38802  8.12379   0.357 51.65505 ? 20  DT  A C5    1 
ATOM   439 C C7    A DT  A 1 20 ? -12.99568 -7.98857  7.67478   0.643 64.04751 ? 20  DT  A C7    1 
ATOM   440 C C7    B DT  A 1 20 ? -13.07404 -7.97407  7.35012   0.357 50.74080 ? 20  DT  A C7    1 
ATOM   441 C C6    A DT  A 1 20 ? -10.70056 -7.49884  8.49047   0.643 56.89460 ? 20  DT  A C6    1 
ATOM   442 C C6    B DT  A 1 20 ? -10.84975 -7.53550  8.36564   0.357 47.82377 ? 20  DT  A C6    1 
ATOM   443 P P     A DG  A 1 21 ? -4.77474  -4.51648  7.95013   0.643 48.04658 ? 21  DG  A P     1 
ATOM   444 P P     B DG  A 1 21 ? -5.27142  -3.83147  9.37917   0.357 38.68918 ? 21  DG  A P     1 
ATOM   445 O OP1   A DG  A 1 21 ? -4.93878  -3.09948  7.57088   0.643 54.18672 ? 21  DG  A OP1   1 
ATOM   446 O OP1   B DG  A 1 21 ? -4.83389  -3.70280  10.78440  0.357 43.12701 ? 21  DG  A OP1   1 
ATOM   447 O OP2   A DG  A 1 21 ? -4.49267  -5.52705  6.91126   0.643 46.24971 ? 21  DG  A OP2   1 
ATOM   448 O OP2   B DG  A 1 21 ? -5.98038  -2.70049  8.75008   0.357 42.70922 ? 21  DG  A OP2   1 
ATOM   449 O "O5'" A DG  A 1 21 ? -3.65712  -4.55597  9.09582   0.643 42.05070 ? 21  DG  A "O5'" 1 
ATOM   450 O "O5'" B DG  A 1 21 ? -4.00178  -4.16485  8.46958   0.357 41.25537 ? 21  DG  A "O5'" 1 
ATOM   451 C "C5'" A DG  A 1 21 ? -2.37954  -5.10671  8.83695   0.643 43.71213 ? 21  DG  A "C5'" 1 
ATOM   452 C "C5'" B DG  A 1 21 ? -2.90218  -4.86952  9.01940   0.357 37.94650 ? 21  DG  A "C5'" 1 
ATOM   453 C "C4'" A DG  A 1 21 ? -1.32297  -4.02000  8.77268   0.643 38.84360 ? 21  DG  A "C4'" 1 
ATOM   454 C "C4'" B DG  A 1 21 ? -1.64415  -4.02812  8.94496   0.357 35.86378 ? 21  DG  A "C4'" 1 
ATOM   455 O "O4'" A DG  A 1 21 ? -1.16826  -3.56587  7.40723   0.643 39.26537 ? 21  DG  A "O4'" 1 
ATOM   456 O "O4'" B DG  A 1 21 ? -1.35003  -3.72706  7.55493   0.357 32.32212 ? 21  DG  A "O4'" 1 
ATOM   457 C "C3'" A DG  A 1 21 ? -1.60561  -2.76338  9.60178   0.643 38.38205 ? 21  DG  A "C3'" 1 
ATOM   458 C "C3'" B DG  A 1 21 ? -1.73018  -2.67310  9.65068   0.357 37.16939 ? 21  DG  A "C3'" 1 
ATOM   459 O "O3'" A DG  A 1 21 ? -0.39901  -2.37623  10.25403  0.643 41.18608 ? 21  DG  A "O3'" 1 
ATOM   460 O "O3'" B DG  A 1 21 ? -0.47806  -2.36809  10.25262  0.357 38.95350 ? 21  DG  A "O3'" 1 
ATOM   461 C "C2'" A DG  A 1 21 ? -2.03143  -1.74362  8.53960   0.643 35.96476 ? 21  DG  A "C2'" 1 
ATOM   462 C "C2'" B DG  A 1 21 ? -2.03760  -1.71928  8.50173   0.357 34.08483 ? 21  DG  A "C2'" 1 
ATOM   463 C "C1'" A DG  A 1 21 ? -1.13637  -2.16058  7.39492   0.643 34.19194 ? 21  DG  A "C1'" 1 
ATOM   464 C "C1'" B DG  A 1 21 ? -1.18495  -2.33355  7.41390   0.357 32.30684 ? 21  DG  A "C1'" 1 
ATOM   465 N N9    A DG  A 1 21 ? -1.56307  -1.71597  6.07488   0.643 29.42681 ? 21  DG  A N9    1 
ATOM   466 N N9    B DG  A 1 21 ? -1.56635  -1.95085  6.06111   0.357 29.29249 ? 21  DG  A N9    1 
ATOM   467 C C8    A DG  A 1 21 ? -2.68558  -2.10658  5.38938   0.643 27.30112 ? 21  DG  A C8    1 
ATOM   468 C C8    B DG  A 1 21 ? -2.66394  -2.37357  5.35551   0.357 29.13184 ? 21  DG  A C8    1 
ATOM   469 N N7    A DG  A 1 21 ? -2.78152  -1.56949  4.20720   0.643 24.51402 ? 21  DG  A N7    1 
ATOM   470 N N7    B DG  A 1 21 ? -2.73393  -1.86634  4.15772   0.357 30.30385 ? 21  DG  A N7    1 
ATOM   471 C C5    A DG  A 1 21 ? -1.64828  -0.78022  4.09890   0.643 23.89245 ? 21  DG  A C5    1 
ATOM   472 C C5    B DG  A 1 21 ? -1.60985  -1.05744  4.06263   0.357 29.08980 ? 21  DG  A C5    1 
ATOM   473 C C6    A DG  A 1 21 ? -1.20679  0.03866   3.03402   0.643 24.41642 ? 21  DG  A C6    1 
ATOM   474 C C6    B DG  A 1 21 ? -1.15009  -0.25312  2.99151   0.357 27.33535 ? 21  DG  A C6    1 
ATOM   475 O O6    A DG  A 1 21 ? -1.74737  0.23284   1.94828   0.643 23.86872 ? 21  DG  A O6    1 
ATOM   476 O O6    B DG  A 1 21 ? -1.66423  -0.08844  1.87983   0.357 28.55792 ? 21  DG  A O6    1 
ATOM   477 N N1    A DG  A 1 21 ? 0.00337   0.65777   3.32607   0.643 25.79025 ? 21  DG  A N1    1 
ATOM   478 N N1    B DG  A 1 21 ? 0.03608   0.40026   3.31212   0.357 25.93735 ? 21  DG  A N1    1 
ATOM   479 C C2    A DG  A 1 21 ? 0.69347   0.51229   4.49915   0.643 22.47007 ? 21  DG  A C2    1 
ATOM   480 C C2    B DG  A 1 21 ? 0.69307   0.29134   4.51502   0.357 28.18414 ? 21  DG  A C2    1 
ATOM   481 N N2    A DG  A 1 21 ? 1.83785   1.19475   4.60069   0.643 25.98100 ? 21  DG  A N2    1 
ATOM   482 N N2    B DG  A 1 21 ? 1.82412   0.99618   4.64186   0.357 33.60888 ? 21  DG  A N2    1 
ATOM   483 N N3    A DG  A 1 21 ? 0.29735   -0.25775  5.50130   0.643 27.49056 ? 21  DG  A N3    1 
ATOM   484 N N3    B DG  A 1 21 ? 0.27567   -0.46302  5.52075   0.357 29.97656 ? 21  DG  A N3    1 
ATOM   485 C C4    A DG  A 1 21 ? -0.88058  -0.86962  5.23207   0.643 26.94443 ? 21  DG  A C4    1 
ATOM   486 C C4    B DG  A 1 21 ? -0.88029  -1.10196  5.22560   0.357 29.89931 ? 21  DG  A C4    1 
ATOM   487 P P     . DG  A 1 22 ? -0.33042  -1.09110  11.21738  1.000 41.89329 ? 22  DG  A P     1 
ATOM   488 O OP1   . DG  A 1 22 ? 0.70446   -1.39456  12.22603  1.000 45.57368 ? 22  DG  A OP1   1 
ATOM   489 O OP2   . DG  A 1 22 ? -1.68672  -0.67425  11.64048  1.000 42.46645 ? 22  DG  A OP2   1 
ATOM   490 O "O5'" . DG  A 1 22 ? 0.22139   0.05654   10.26696  1.000 39.69284 ? 22  DG  A "O5'" 1 
ATOM   491 C "C5'" . DG  A 1 22 ? 1.58811   0.09243   9.91618   1.000 40.24700 ? 22  DG  A "C5'" 1 
ATOM   492 C "C4'" . DG  A 1 22 ? 2.02121   1.52287   9.65722   1.000 37.31944 ? 22  DG  A "C4'" 1 
ATOM   493 O "O4'" . DG  A 1 22 ? 1.61289   1.92527   8.32585   1.000 37.98267 ? 22  DG  A "O4'" 1 
ATOM   494 C "C3'" . DG  A 1 22 ? 1.42162   2.55973   10.60519  1.000 39.85176 ? 22  DG  A "C3'" 1 
ATOM   495 O "O3'" . DG  A 1 22 ? 2.35699   3.60593   10.82866  1.000 39.65232 ? 22  DG  A "O3'" 1 
ATOM   496 C "C2'" . DG  A 1 22 ? 0.21952   3.07097   9.80487   1.000 36.09332 ? 22  DG  A "C2'" 1 
ATOM   497 C "C1'" . DG  A 1 22 ? 0.79594   3.07630   8.39713   1.000 33.01481 ? 22  DG  A "C1'" 1 
ATOM   498 N N9    . DG  A 1 22 ? -0.17399  2.94713   7.32053   1.000 30.21222 ? 22  DG  A N9    1 
ATOM   499 C C8    . DG  A 1 22 ? -1.25125  2.09587   7.27299   1.000 36.07288 ? 22  DG  A C8    1 
ATOM   500 N N7    . DG  A 1 22 ? -1.90417  2.14651   6.14326   1.000 29.59213 ? 22  DG  A N7    1 
ATOM   501 C C5    . DG  A 1 22 ? -1.19424  3.07007   5.37943   1.000 25.78120 ? 22  DG  A C5    1 
ATOM   502 C C6    . DG  A 1 22 ? -1.42571  3.54162   4.06287   1.000 26.95299 ? 22  DG  A C6    1 
ATOM   503 O O6    . DG  A 1 22 ? -2.31071  3.20676   3.27149   1.000 27.91589 ? 22  DG  A O6    1 
ATOM   504 N N1    . DG  A 1 22 ? -0.46968  4.46803   3.67199   1.000 26.82680 ? 22  DG  A N1    1 
ATOM   505 C C2    . DG  A 1 22 ? 0.56777   4.89576   4.45612   1.000 27.07666 ? 22  DG  A C2    1 
ATOM   506 N N2    . DG  A 1 22 ? 1.37657   5.80782   3.91612   1.000 31.10647 ? 22  DG  A N2    1 
ATOM   507 N N3    . DG  A 1 22 ? 0.79410   4.46409   5.69196   1.000 27.97448 ? 22  DG  A N3    1 
ATOM   508 C C4    . DG  A 1 22 ? -0.12127  3.55772   6.08505   1.000 26.57748 ? 22  DG  A C4    1 
ATOM   509 P P     A DT  A 1 23 ? 3.53366   3.45055   11.91126  0.723 39.70850 ? 23  DT  A P     1 
ATOM   510 P P     B DT  A 1 23 ? 3.55560   3.43872   11.88455  0.277 41.37509 ? 23  DT  A P     1 
ATOM   511 O OP1   A DT  A 1 23 ? 3.70158   2.01921   12.23843  0.723 43.87619 ? 23  DT  A OP1   1 
ATOM   512 O OP1   B DT  A 1 23 ? 3.60792   2.03208   12.33775  0.277 42.39559 ? 23  DT  A OP1   1 
ATOM   513 O OP2   A DT  A 1 23 ? 3.28524   4.43445   12.98695  0.723 45.78711 ? 23  DT  A OP2   1 
ATOM   514 O OP2   B DT  A 1 23 ? 3.42003   4.52583   12.87882  0.277 44.00342 ? 23  DT  A OP2   1 
ATOM   515 O "O5'" A DT  A 1 23 ? 4.83545   3.89913   11.10332  0.723 42.00611 ? 23  DT  A "O5'" 1 
ATOM   516 O "O5'" B DT  A 1 23 ? 4.85846   3.72001   11.00458  0.277 40.54271 ? 23  DT  A "O5'" 1 
ATOM   517 C "C5'" A DT  A 1 23 ? 4.83683   5.12809   10.40512  0.723 43.87102 ? 23  DT  A "C5'" 1 
ATOM   518 C "C5'" B DT  A 1 23 ? 4.90352   4.86417   10.16545  0.277 35.22830 ? 23  DT  A "C5'" 1 
ATOM   519 C "C4'" A DT  A 1 23 ? 6.20352   5.41356   9.81196   0.723 42.08832 ? 23  DT  A "C4'" 1 
ATOM   520 C "C4'" B DT  A 1 23 ? 6.27326   5.01908   9.53360   0.277 33.60369 ? 23  DT  A "C4'" 1 
ATOM   521 O "O4'" A DT  A 1 23 ? 7.23478   5.10603   10.78379  0.723 39.22058 ? 23  DT  A "O4'" 1 
ATOM   522 O "O4'" B DT  A 1 23 ? 7.28887   4.96931   10.56446  0.277 31.54956 ? 23  DT  A "O4'" 1 
ATOM   523 C "C3'" A DT  A 1 23 ? 6.55311   4.60961   8.56453   0.723 35.03605 ? 23  DT  A "C3'" 1 
ATOM   524 C "C3'" B DT  A 1 23 ? 6.63360   3.94338   8.51818   0.277 31.85952 ? 23  DT  A "C3'" 1 
ATOM   525 O "O3'" A DT  A 1 23 ? 7.31024   5.42026   7.68852   0.723 39.62243 ? 23  DT  A "O3'" 1 
ATOM   526 O "O3'" B DT  A 1 23 ? 7.25439   4.52904   7.39122   0.277 36.08922 ? 23  DT  A "O3'" 1 
ATOM   527 C "C2'" A DT  A 1 23 ? 7.39992   3.47673   9.12829   0.723 37.56391 ? 23  DT  A "C2'" 1 
ATOM   528 C "C2'" B DT  A 1 23 ? 7.58412   3.02284   9.27962   0.277 31.08674 ? 23  DT  A "C2'" 1 
ATOM   529 C "C1'" A DT  A 1 23 ? 8.16224   4.20982   10.21737  0.723 40.17040 ? 23  DT  A "C1'" 1 
ATOM   530 C "C1'" B DT  A 1 23 ? 8.24331   3.97504   10.26690  0.277 32.90131 ? 23  DT  A "C1'" 1 
ATOM   531 N N1    A DT  A 1 23 ? 8.66035   3.32225   11.29351  0.723 43.62460 ? 23  DT  A N1    1 
ATOM   532 N N1    B DT  A 1 23 ? 8.63170   3.31092   11.54176  0.277 34.98424 ? 23  DT  A N1    1 
ATOM   533 C C2    A DT  A 1 23 ? 9.94867   2.83941   11.23345  0.723 42.43815 ? 23  DT  A C2    1 
ATOM   534 C C2    B DT  A 1 23 ? 9.95469   3.01770   11.77856  0.277 34.39415 ? 23  DT  A C2    1 
ATOM   535 O O2    A DT  A 1 23 ? 10.72123  3.10423   10.33062  0.723 41.31903 ? 23  DT  A O2    1 
ATOM   536 O O2    B DT  A 1 23 ? 10.84866  3.29191   10.99997  0.277 33.30652 ? 23  DT  A O2    1 
ATOM   537 N N3    A DT  A 1 23 ? 10.30171  2.02468   12.27335  0.723 43.18349 ? 23  DT  A N3    1 
ATOM   538 N N3    B DT  A 1 23 ? 10.19841  2.39901   12.97797  0.277 35.77500 ? 23  DT  A N3    1 
ATOM   539 C C4    A DT  A 1 23 ? 9.51567   1.65624   13.34879  0.723 50.68515 ? 23  DT  A C4    1 
ATOM   540 C C4    B DT  A 1 23 ? 9.26635   2.04246   13.93740  0.277 39.14010 ? 23  DT  A C4    1 
ATOM   541 O O4    A DT  A 1 23 ? 9.92629   0.91826   14.23893  0.723 56.78829 ? 23  DT  A O4    1 
ATOM   542 O O4    B DT  A 1 23 ? 9.58214   1.48507   14.98397  0.277 42.11676 ? 23  DT  A O4    1 
ATOM   543 C C5    A DT  A 1 23 ? 8.17680   2.20067   13.35100  0.723 49.58244 ? 23  DT  A C5    1 
ATOM   544 C C5    B DT  A 1 23 ? 7.89495   2.37228   13.61816  0.277 38.73725 ? 23  DT  A C5    1 
ATOM   545 C C7    A DT  A 1 23 ? 7.22719   1.87216   14.46523  0.723 51.12823 ? 23  DT  A C7    1 
ATOM   546 C C7    B DT  A 1 23 ? 6.79115   2.03697   14.57729  0.277 35.66522 ? 23  DT  A C7    1 
ATOM   547 C C6    A DT  A 1 23 ? 7.82039   2.99737   12.33502  0.723 47.95463 ? 23  DT  A C6    1 
ATOM   548 C C6    B DT  A 1 23 ? 7.64989   2.98091   12.45077  0.277 36.80335 ? 23  DT  A C6    1 
ATOM   549 P P     A DG  A 1 24 ? 6.57904   6.37505   6.62324   0.723 34.42087 ? 24  DG  A P     1 
ATOM   550 P P     B DG  A 1 24 ? 6.55821   4.39544   5.94971   0.277 43.94808 ? 24  DG  A P     1 
ATOM   551 O OP1   A DG  A 1 24 ? 7.47428   7.53500   6.42326   0.723 39.50504 ? 24  DG  A OP1   1 
ATOM   552 O OP1   B DG  A 1 24 ? 5.84171   5.66691   5.70032   0.277 49.35816 ? 24  DG  A OP1   1 
ATOM   553 O OP2   A DG  A 1 24 ? 5.17109   6.59840   7.03103   0.723 33.79330 ? 24  DG  A OP2   1 
ATOM   554 O OP2   B DG  A 1 24 ? 5.81971   3.11678   5.93830   0.277 46.10836 ? 24  DG  A OP2   1 
ATOM   555 O "O5'" A DG  A 1 24 ? 6.51791   5.47857   5.29489   0.723 32.28693 ? 24  DG  A "O5'" 1 
ATOM   556 O "O5'" B DG  A 1 24 ? 7.77473   4.26791   4.92574   0.277 41.64028 ? 24  DG  A "O5'" 1 
ATOM   557 C "C5'" A DG  A 1 24 ? 7.66948   5.27328   4.50512   0.723 29.94181 ? 24  DG  A "C5'" 1 
ATOM   558 C "C5'" B DG  A 1 24 ? 8.30288   5.42401   4.31513   0.277 37.25153 ? 24  DG  A "C5'" 1 
ATOM   559 C "C4'" A DG  A 1 24 ? 7.41501   5.70890   3.07393   0.723 28.97045 ? 24  DG  A "C4'" 1 
ATOM   560 C "C4'" B DG  A 1 24 ? 7.61862   5.69605   2.98815   0.277 30.96109 ? 24  DG  A "C4'" 1 
ATOM   561 O "O4'" A DG  A 1 24 ? 6.51929   4.76878   2.41128   0.723 28.02066 ? 24  DG  A "O4'" 1 
ATOM   562 O "O4'" B DG  A 1 24 ? 6.61782   4.68106   2.71528   0.277 30.54854 ? 24  DG  A "O4'" 1 
ATOM   563 C "C3'" A DG  A 1 24 ? 6.75652   7.07299   2.93731   0.723 29.34003 ? 24  DG  A "C3'" 1 
ATOM   564 C "C3'" B DG  A 1 24 ? 6.88592   7.04052   2.90121   0.277 31.02803 ? 24  DG  A "C3'" 1 
ATOM   565 O "O3'" A DG  A 1 24 ? 7.31608   7.75677   1.83391   0.723 33.96818 ? 24  DG  A "O3'" 1 
ATOM   566 O "O3'" B DG  A 1 24 ? 7.36317   7.76039   1.79182   0.277 34.16216 ? 24  DG  A "O3'" 1 
ATOM   567 C "C2'" A DG  A 1 24 ? 5.28155   6.72588   2.70622   0.723 27.30440 ? 24  DG  A "C2'" 1 
ATOM   568 C "C2'" B DG  A 1 24 ? 5.41327   6.64966   2.71973   0.277 29.64195 ? 24  DG  A "C2'" 1 
ATOM   569 C "C1'" A DG  A 1 24 ? 5.40627   5.46496   1.87861   0.723 25.59756 ? 24  DG  A "C1'" 1 
ATOM   570 C "C1'" B DG  A 1 24 ? 5.55414   5.30444   2.04420   0.277 30.12257 ? 24  DG  A "C1'" 1 
ATOM   571 N N9    A DG  A 1 24 ? 4.25533   4.57028   1.94825   0.723 23.79252 ? 24  DG  A N9    1 
ATOM   572 N N9    B DG  A 1 24 ? 4.36553   4.46031   2.12316   0.277 27.50471 ? 24  DG  A N9    1 
ATOM   573 C C8    A DG  A 1 24 ? 3.88470   3.78169   3.01032   0.723 26.16458 ? 24  DG  A C8    1 
ATOM   574 C C8    B DG  A 1 24 ? 3.95502   3.69270   3.18634   0.277 24.75166 ? 24  DG  A C8    1 
ATOM   575 N N7    A DG  A 1 24 ? 2.82937   3.04725   2.76557   0.723 23.35742 ? 24  DG  A N7    1 
ATOM   576 N N7    B DG  A 1 24 ? 2.84521   3.03580   2.94836   0.277 27.39021 ? 24  DG  A N7    1 
ATOM   577 C C5    A DG  A 1 24 ? 2.47792   3.37384   1.46707   0.723 21.66873 ? 24  DG  A C5    1 
ATOM   578 C C5    B DG  A 1 24 ? 2.50581   3.39251   1.65179   0.277 28.24899 ? 24  DG  A C5    1 
ATOM   579 C C6    A DG  A 1 24 ? 1.41267   2.89555   0.66873   0.723 20.36047 ? 24  DG  A C6    1 
ATOM   580 C C6    B DG  A 1 24 ? 1.40176   2.99738   0.85518   0.277 28.42792 ? 24  DG  A C6    1 
ATOM   581 O O6    A DG  A 1 24 ? 0.54962   2.04643   0.96134   0.723 21.04613 ? 24  DG  A O6    1 
ATOM   582 O O6    B DG  A 1 24 ? 0.47673   2.22414   1.14993   0.277 32.73847 ? 24  DG  A O6    1 
ATOM   583 N N1    A DG  A 1 24 ? 1.42531   3.47069   -0.60371  0.723 22.59855 ? 24  DG  A N1    1 
ATOM   584 N N1    B DG  A 1 24 ? 1.43629   3.58994   -0.40670  0.277 28.12664 ? 24  DG  A N1    1 
ATOM   585 C C2    A DG  A 1 24 ? 2.34879   4.39577   -1.03653  0.723 21.88586 ? 24  DG  A C2    1 
ATOM   586 C C2    B DG  A 1 24 ? 2.41158   4.45537   -0.83994  0.277 27.69187 ? 24  DG  A C2    1 
ATOM   587 N N2    A DG  A 1 24 ? 2.19367   4.85057   -2.28077  0.723 28.97136 ? 24  DG  A N2    1 
ATOM   588 N N2    B DG  A 1 24 ? 2.27480   4.92871   -2.08555  0.277 26.65024 ? 24  DG  A N2    1 
ATOM   589 N N3    A DG  A 1 24 ? 3.34314   4.85950   -0.29036  0.723 24.13993 ? 24  DG  A N3    1 
ATOM   590 N N3    B DG  A 1 24 ? 3.44695   4.83566   -0.10244  0.277 28.30468 ? 24  DG  A N3    1 
ATOM   591 C C4    A DG  A 1 24 ? 3.35476   4.29517   0.94066   0.723 23.62509 ? 24  DG  A C4    1 
ATOM   592 C C4    B DG  A 1 24 ? 3.43005   4.26520   1.12856   0.277 27.66298 ? 24  DG  A C4    1 
ATOM   593 P P     . DG  A 1 25 ? 7.00295   9.31223   1.62539   1.000 37.57694 ? 25  DG  A P     1 
ATOM   594 O OP1   . DG  A 1 25 ? 8.17319   9.93678   0.98353   1.000 41.19858 ? 25  DG  A OP1   1 
ATOM   595 O OP2   . DG  A 1 25 ? 6.49794   9.84507   2.91157   1.000 40.55334 ? 25  DG  A OP2   1 
ATOM   596 O "O5'" . DG  A 1 25 ? 5.78705   9.32273   0.60392   1.000 38.90015 ? 25  DG  A "O5'" 1 
ATOM   597 C "C5'" . DG  A 1 25 ? 6.01165   9.12424   -0.78243  1.000 42.57037 ? 25  DG  A "C5'" 1 
ATOM   598 C "C4'" . DG  A 1 25 ? 4.85353   9.67909   -1.58904  1.000 39.90068 ? 25  DG  A "C4'" 1 
ATOM   599 O "O4'" . DG  A 1 25 ? 3.75136   8.73882   -1.56043  1.000 38.99989 ? 25  DG  A "O4'" 1 
ATOM   600 C "C3'" . DG  A 1 25 ? 4.28265   11.00412  -1.08720  1.000 39.90285 ? 25  DG  A "C3'" 1 
ATOM   601 O "O3'" . DG  A 1 25 ? 3.91484   11.81390  -2.20183  1.000 42.37070 ? 25  DG  A "O3'" 1 
ATOM   602 C "C2'" . DG  A 1 25 ? 3.05711   10.56950  -0.28099  1.000 38.31965 ? 25  DG  A "C2'" 1 
ATOM   603 C "C1'" . DG  A 1 25 ? 2.58518   9.36771   -1.08551  1.000 34.11817 ? 25  DG  A "C1'" 1 
ATOM   604 N N9    . DG  A 1 25 ? 1.84994   8.36904   -0.32036  1.000 29.46176 ? 25  DG  A N9    1 
ATOM   605 C C8    . DG  A 1 25 ? 2.15294   7.89365   0.92796   1.000 28.32343 ? 25  DG  A C8    1 
ATOM   606 N N7    . DG  A 1 25 ? 1.33356   6.97040   1.34674   1.000 28.99336 ? 25  DG  A N7    1 
ATOM   607 C C5    . DG  A 1 25 ? 0.43824   6.80927   0.29858   1.000 26.03010 ? 25  DG  A C5    1 
ATOM   608 C C6    . DG  A 1 25 ? -0.66905  5.94529   0.17520   1.000 24.86294 ? 25  DG  A C6    1 
ATOM   609 O O6    . DG  A 1 25 ? -1.08232  5.10967   0.98312   1.000 25.91554 ? 25  DG  A O6    1 
ATOM   610 N N1    . DG  A 1 25 ? -1.31151  6.10190   -1.03957  1.000 26.11796 ? 25  DG  A N1    1 
ATOM   611 C C2    . DG  A 1 25 ? -0.93331  6.98639   -2.02290  1.000 26.26428 ? 25  DG  A C2    1 
ATOM   612 N N2    . DG  A 1 25 ? -1.68091  6.99171   -3.13407  1.000 31.89036 ? 25  DG  A N2    1 
ATOM   613 N N3    . DG  A 1 25 ? 0.10828   7.80386   -1.92323  1.000 30.36562 ? 25  DG  A N3    1 
ATOM   614 C C4    . DG  A 1 25 ? 0.74464   7.65994   -0.73858  1.000 25.05017 ? 25  DG  A C4    1 
HETATM 615 N N1    . SPK B 2 .  ? 10.23136  -2.89894  -6.90171  1.000 79.05536 ? 101 SPK A N1    1 
HETATM 616 C C2    . SPK B 2 .  ? 8.79544   -2.72577  -7.01583  1.000 80.93930 ? 101 SPK A C2    1 
HETATM 617 C C3    . SPK B 2 .  ? 8.10219   -3.72559  -6.09507  1.000 81.79175 ? 101 SPK A C3    1 
HETATM 618 C C4    . SPK B 2 .  ? 6.66470   -3.92498  -6.57008  1.000 81.36039 ? 101 SPK A C4    1 
HETATM 619 N N5    . SPK B 2 .  ? 5.97659   -4.90343  -5.74653  1.000 76.62878 ? 101 SPK A N5    1 
HETATM 620 C C6    . SPK B 2 .  ? 6.07585   -4.48706  -4.36288  1.000 69.38092 ? 101 SPK A C6    1 
HETATM 621 C C7    . SPK B 2 .  ? 5.29772   -5.44430  -3.47225  1.000 69.30861 ? 101 SPK A C7    1 
HETATM 622 C C8    . SPK B 2 .  ? 6.20434   -5.92777  -2.34100  1.000 69.87495 ? 101 SPK A C8    1 
HETATM 623 C C9    . SPK B 2 .  ? 7.06967   -4.80327  -1.77023  1.000 63.87914 ? 101 SPK A C9    1 
HETATM 624 N N10   . SPK B 2 .  ? 8.23577   -5.34110  -1.08062  1.000 61.25040 ? 101 SPK A N10   1 
HETATM 625 C C11   . SPK B 2 .  ? 8.18924   -5.08931  0.35234   1.000 61.36082 ? 101 SPK A C11   1 
HETATM 626 C C12   . SPK B 2 .  ? 9.32690   -5.82303  1.06904   1.000 56.86159 ? 101 SPK A C12   1 
HETATM 627 C C13   . SPK B 2 .  ? 10.39048  -4.83799  1.56078   1.000 55.82740 ? 101 SPK A C13   1 
HETATM 628 N N14   . SPK B 2 .  ? 11.60616  -5.55073  1.92906   1.000 52.20715 ? 101 SPK A N14   1 
HETATM 629 C C1    . MPD C 3 .  ? 1.33135   -7.51775  -4.55305  1.000 54.17820 ? 102 MPD A C1    1 
HETATM 630 C C2    . MPD C 3 .  ? 1.87885   -8.92282  -4.33638  1.000 58.12777 ? 102 MPD A C2    1 
HETATM 631 O O2    . MPD C 3 .  ? 3.28805   -8.77692  -4.35619  1.000 62.89798 ? 102 MPD A O2    1 
HETATM 632 C CM    . MPD C 3 .  ? 1.44969   -9.81416  -5.50767  1.000 49.47177 ? 102 MPD A CM    1 
HETATM 633 C C3    . MPD C 3 .  ? 1.47561   -9.44099  -2.93316  1.000 61.03137 ? 102 MPD A C3    1 
HETATM 634 C C4    . MPD C 3 .  ? 0.13741   -10.11204 -2.64382  1.000 55.98986 ? 102 MPD A C4    1 
HETATM 635 O O4    . MPD C 3 .  ? 0.06742   -11.38974 -3.28174  1.000 46.36934 ? 102 MPD A O4    1 
HETATM 636 C C5    . MPD C 3 .  ? -0.06615  -10.27135 -1.14208  1.000 50.19267 ? 102 MPD A C5    1 
HETATM 637 C C1    . MMP D 4 .  ? -3.84012  5.75602   2.20161   1.000 53.08464 ? 103 MMP A C1    1 
HETATM 638 N N1    . MMP D 4 .  ? -3.20830  7.07606   2.36298   1.000 58.05517 ? 103 MMP A N1    1 
HETATM 639 C C11   . MMP D 4 .  ? -3.11053  8.01563   1.35477   1.000 53.46739 ? 103 MMP A C11   1 
HETATM 640 C C12   . MMP D 4 .  ? -2.35198  9.08834   1.86857   1.000 57.38067 ? 103 MMP A C12   1 
HETATM 641 C C13   . MMP D 4 .  ? -2.00146  8.78806   3.17074   1.000 60.89811 ? 103 MMP A C13   1 
HETATM 642 C C14   . MMP D 4 .  ? -2.54174  7.51960   3.49337   1.000 57.30275 ? 103 MMP A C14   1 
HETATM 643 C C15   . MMP D 4 .  ? -2.40523  6.88306   4.73372   1.000 63.47393 ? 103 MMP A C15   1 
HETATM 644 C C16   . MMP D 4 .  ? -2.04533  10.33014  1.10531   1.000 61.47539 ? 103 MMP A C16   1 
HETATM 645 C C17   . MMP D 4 .  ? -1.23981  9.65433   4.12713   1.000 70.53555 ? 103 MMP A C17   1 
HETATM 646 C C18   . MMP D 4 .  ? 0.13431   9.10075   4.51885   1.000 68.94885 ? 103 MMP A C18   1 
HETATM 647 N N2    . MMP D 4 .  ? -4.62097  5.95357   4.87218   1.000 65.54164 ? 103 MMP A N2    1 
HETATM 648 C C21   . MMP D 4 .  ? -3.41243  6.17736   5.40485   1.000 65.31081 ? 103 MMP A C21   1 
HETATM 649 C C22   . MMP D 4 .  ? -3.35050  5.57252   6.73587   1.000 65.03383 ? 103 MMP A C22   1 
HETATM 650 C C23   . MMP D 4 .  ? -4.56944  4.98364   6.93353   1.000 69.25960 ? 103 MMP A C23   1 
HETATM 651 C C24   . MMP D 4 .  ? -5.34316  5.24177   5.71535   1.000 67.42938 ? 103 MMP A C24   1 
HETATM 652 C C25   . MMP D 4 .  ? -6.65399  4.85673   5.40814   1.000 62.93422 ? 103 MMP A C25   1 
HETATM 653 C C26   . MMP D 4 .  ? -2.18169  5.62079   7.65625   1.000 65.28876 ? 103 MMP A C26   1 
HETATM 654 C C27   . MMP D 4 .  ? -5.04990  4.22855   8.12892   1.000 75.62484 ? 103 MMP A C27   1 
HETATM 655 N N3    . MMP D 4 .  ? -7.04600  5.68421   3.07112   1.000 65.17897 ? 103 MMP A N3    1 
HETATM 656 C C31   . MMP D 4 .  ? -7.30548  4.90406   4.17220   1.000 61.36772 ? 103 MMP A C31   1 
HETATM 657 C C32   . MMP D 4 .  ? -8.42996  4.09104   3.82731   1.000 65.67177 ? 103 MMP A C32   1 
HETATM 658 C C33   . MMP D 4 .  ? -8.81248  4.40626   2.54150   1.000 72.93557 ? 103 MMP A C33   1 
HETATM 659 C C34   . MMP D 4 .  ? -7.92478  5.42988   2.04577   1.000 68.05520 ? 103 MMP A C34   1 
HETATM 660 C C35   . MMP D 4 .  ? -7.97792  6.03550   0.77849   1.000 69.21014 ? 103 MMP A C35   1 
HETATM 661 C C36   . MMP D 4 .  ? -9.02084  3.09428   4.76690   1.000 60.84866 ? 103 MMP A C36   1 
HETATM 662 C C37   . MMP D 4 .  ? -9.93344  3.80266   1.75820   1.000 82.17767 ? 103 MMP A C37   1 
HETATM 663 C C38   . MMP D 4 .  ? -11.31581 4.19869   2.27597   1.000 88.33893 ? 103 MMP A C38   1 
HETATM 664 N N4    . MMP D 4 .  ? -5.79145  6.95719   0.64545   1.000 66.11054 ? 103 MMP A N4    1 
HETATM 665 C C41   . MMP D 4 .  ? -6.95505  6.69995   0.07807   1.000 70.10146 ? 103 MMP A C41   1 
HETATM 666 C C42   . MMP D 4 .  ? -6.95468  7.22258   -1.29664  1.000 72.91093 ? 103 MMP A C42   1 
HETATM 667 C C43   . MMP D 4 .  ? -5.71082  7.77716   -1.48304  1.000 69.24716 ? 103 MMP A C43   1 
HETATM 668 C C44   . MMP D 4 .  ? -4.98500  7.58371   -0.22657  1.000 64.95786 ? 103 MMP A C44   1 
HETATM 669 C C45   . MMP D 4 .  ? -3.66094  7.96468   0.07050   1.000 59.24022 ? 103 MMP A C45   1 
HETATM 670 C C46   . MMP D 4 .  ? -5.14088  8.44939   -2.68626  1.000 67.83437 ? 103 MMP A C46   1 
HETATM 671 C C47   . MMP D 4 .  ? -8.09934  7.13309   -2.25713  1.000 77.76370 ? 103 MMP A C47   1 
HETATM 672 C C48   . MMP D 4 .  ? -8.63211  8.48873   -2.73071  1.000 77.34651 ? 103 MMP A C48   1 
HETATM 673 K K     . K   E 5 .  ? 1.54802   -2.69197  -1.87416  1.000 29.94399 ? 104 K   A K     1 
HETATM 674 K K     . K   F 5 .  ? -0.37674  -0.08329  -0.58385  1.000 24.62998 ? 105 K   A K     1 
HETATM 675 K K     . K   G 5 .  ? -2.21524  2.61339   0.66544   1.000 24.23750 ? 106 K   A K     1 
HETATM 676 O O     . HOH H 6 .  ? -6.80788  -1.80708  6.31517   0.984 62.06639 ? 201 HOH A O     1 
HETATM 677 O O     . HOH H 6 .  ? 6.68410   1.72734   3.87657   1.000 47.64695 ? 202 HOH A O     1 
HETATM 678 O O     . HOH H 6 .  ? 0.00407   5.43297   -12.95332 1.000 58.40545 ? 203 HOH A O     1 
HETATM 679 O O     . HOH H 6 .  ? -3.78775  -8.06238  7.41003   1.000 51.63904 ? 204 HOH A O     1 
HETATM 680 O O     . HOH H 6 .  ? -8.06054  -7.73333  4.47456   1.000 42.15178 ? 205 HOH A O     1 
HETATM 681 O O     . HOH H 6 .  ? 4.87789   6.41164   -2.30401  0.959 54.77930 ? 206 HOH A O     1 
HETATM 682 O O     . HOH H 6 .  ? -2.34732  -5.66702  5.28118   0.855 40.98259 ? 207 HOH A O     1 
HETATM 683 O O     . HOH H 6 .  ? 12.76590  5.35265   -2.07095  0.834 57.40351 ? 208 HOH A O     1 
HETATM 684 O O     . HOH H 6 .  ? 3.49335   4.32942   6.63843   1.000 36.36887 ? 209 HOH A O     1 
HETATM 685 O O     . HOH H 6 .  ? 8.01248   9.30552   -3.78098  0.924 56.47951 ? 210 HOH A O     1 
HETATM 686 O O     . HOH H 6 .  ? 8.71550   1.95539   6.01620   1.000 57.99746 ? 211 HOH A O     1 
HETATM 687 O O     . HOH H 6 .  ? 3.96109   1.29321   6.74688   1.000 63.89165 ? 212 HOH A O     1 
HETATM 688 O O     . HOH H 6 .  ? -8.99476  -10.94285 -5.83389  1.000 39.68761 ? 213 HOH A O     1 
HETATM 689 O O     . HOH H 6 .  ? -9.89500  -10.49802 -1.78982  0.903 43.44381 ? 214 HOH A O     1 
HETATM 690 O O     . HOH H 6 .  ? -6.97641  -4.46451  2.45003   0.736 34.01952 ? 215 HOH A O     1 
HETATM 691 O O     . HOH H 6 .  ? 10.80202  6.97567   3.07070   0.820 52.30272 ? 216 HOH A O     1 
HETATM 692 O O     . HOH H 6 .  ? -2.89974  1.32403   10.17812  1.000 52.06297 ? 217 HOH A O     1 
HETATM 693 O O     . HOH H 6 .  ? 5.32535   -7.85729  -5.97288  1.000 66.18414 ? 218 HOH A O     1 
HETATM 694 O O     . HOH H 6 .  ? -6.77811  0.12850   -10.84476 1.000 59.00879 ? 219 HOH A O     1 
HETATM 695 O O     . HOH H 6 .  ? -10.68330 -6.96820  4.18697   1.000 65.18120 ? 220 HOH A O     1 
HETATM 696 O O     . HOH H 6 .  ? -10.42039 1.73519   -2.07660  1.000 37.29075 ? 221 HOH A O     1 
HETATM 697 O O     . HOH H 6 .  ? 4.30362   5.81049   -8.95359  1.000 62.37568 ? 222 HOH A O     1 
HETATM 698 O O     . HOH H 6 .  ? 6.22117   -7.97020  -0.00150  0.737 40.83814 ? 223 HOH A O     1 
HETATM 699 O O     . HOH H 6 .  ? 4.80489   -6.73268  10.63208  1.000 59.21291 ? 224 HOH A O     1 
HETATM 700 O O     . HOH H 6 .  ? -8.51103  -3.61190  -7.55175  1.000 72.85481 ? 225 HOH A O     1 
HETATM 701 O O     . HOH H 6 .  ? -4.60132  -13.54935 -0.31386  1.000 52.30930 ? 226 HOH A O     1 
HETATM 702 O O     . HOH H 6 .  ? -6.07285  -5.80668  4.61782   1.000 54.89123 ? 227 HOH A O     1 
HETATM 703 O O     . HOH H 6 .  ? 12.30688  1.07975   -7.09250  1.000 60.02742 ? 228 HOH A O     1 
HETATM 704 O O     . HOH H 6 .  ? 5.27666   -0.23727  11.65695  1.000 48.90346 ? 229 HOH A O     1 
HETATM 705 O O     . HOH H 6 .  ? -9.68879  -7.15938  -9.00986  1.000 65.55457 ? 230 HOH A O     1 
HETATM 706 O O     . HOH H 6 .  ? -3.25035  -7.49665  -11.17132 1.000 52.10211 ? 231 HOH A O     1 
HETATM 707 O O     . HOH H 6 .  ? -8.28265  1.63164   -5.01085  1.000 37.47274 ? 232 HOH A O     1 
HETATM 708 O O     . HOH H 6 .  ? 3.09876   7.75182   5.45839   0.988 43.10081 ? 233 HOH A O     1 
HETATM 709 O O     . HOH H 6 .  ? -14.63131 -4.45215  8.33215   0.919 61.08081 ? 234 HOH A O     1 
HETATM 710 O O     . HOH H 6 .  ? -14.96942 -1.16611  0.98078   1.000 59.15778 ? 235 HOH A O     1 
HETATM 711 O O     . HOH H 6 .  ? 14.00547  1.75324   -0.13978  0.844 55.02258 ? 236 HOH A O     1 
HETATM 712 O O     . HOH H 6 .  ? 4.09924   8.39455   9.06754   1.000 54.89476 ? 237 HOH A O     1 
HETATM 713 O O     . HOH H 6 .  ? 14.87358  3.18112   -8.36556  1.000 61.95922 ? 238 HOH A O     1 
HETATM 714 O O     . HOH H 6 .  ? 3.63788   9.71538   3.49257   0.966 38.56792 ? 239 HOH A O     1 
HETATM 715 O O     . HOH H 6 .  ? -4.36476  8.29192   -6.59158  1.000 65.96666 ? 240 HOH A O     1 
HETATM 716 O O     . HOH H 6 .  ? -12.38820 -5.77358  -3.82400  1.000 65.04299 ? 241 HOH A O     1 
HETATM 717 O O     . HOH H 6 .  ? 10.67659  8.39224   0.72600   1.000 73.05876 ? 242 HOH A O     1 
HETATM 718 O O     . HOH H 6 .  ? -6.50800  -2.91957  -5.60243  0.919 37.43742 ? 243 HOH A O     1 
HETATM 719 O O     . HOH H 6 .  ? 11.04297  -5.36600  -2.35309  0.972 49.70542 ? 244 HOH A O     1 
HETATM 720 O O     . HOH H 6 .  ? -1.53350  9.09411   -5.24530  1.000 50.88358 ? 245 HOH A O     1 
HETATM 721 O O     . HOH H 6 .  ? -5.09694  0.30072   8.56366   1.000 44.92655 ? 246 HOH A O     1 
HETATM 722 O O     . HOH H 6 .  ? 3.67096   -7.76991  -1.51829  0.978 57.20329 ? 247 HOH A O     1 
HETATM 723 O O     . HOH H 6 .  ? 2.87585   4.27495   -7.06300  0.913 33.08513 ? 248 HOH A O     1 
HETATM 724 O O     . HOH H 6 .  ? -7.04257  -12.28818 4.46180   1.000 64.92462 ? 249 HOH A O     1 
HETATM 725 O O     . HOH H 6 .  ? -11.46141 0.41464   0.38688   0.973 50.17543 ? 250 HOH A O     1 
HETATM 726 O O     . HOH H 6 .  ? -14.64088 -0.85430  -6.77851  1.000 63.86305 ? 251 HOH A O     1 
HETATM 727 O O     . HOH H 6 .  ? 6.84858   -6.44274  -8.52409  1.000 70.53836 ? 252 HOH A O     1 
HETATM 728 O O     . HOH H 6 .  ? 3.56002   6.33857   -4.88268  1.000 77.22436 ? 253 HOH A O     1 
HETATM 729 O O     . HOH H 6 .  ? 11.13895  -5.82003  -5.09735  0.905 49.15468 ? 254 HOH A O     1 
HETATM 730 O O     . HOH H 6 .  ? -3.66227  0.59010   14.49484  1.000 62.08884 ? 255 HOH A O     1 
HETATM 731 O O     . HOH H 6 .  ? -6.80415  -10.12089 -10.24027 1.000 69.98639 ? 256 HOH A O     1 
HETATM 732 O O     . HOH H 6 .  ? -7.09879  -0.32306  -6.66637  1.000 65.32244 ? 257 HOH A O     1 
HETATM 733 O O     . HOH H 6 .  ? -15.95058 -5.92239  6.45508   1.000 65.06602 ? 258 HOH A O     1 
HETATM 734 O O     . HOH H 6 .  ? 4.64186   11.00821  7.61146   1.000 59.29076 ? 259 HOH A O     1 
HETATM 735 O O     . HOH H 6 .  ? -9.56951  -13.40722 -2.93177  1.000 51.91611 ? 260 HOH A O     1 
HETATM 736 O O     . HOH H 6 .  ? -8.96900  -9.89722  -8.49470  1.000 46.35481 ? 261 HOH A O     1 
HETATM 737 O O     . HOH H 6 .  ? -13.39098 0.73414   3.25282   1.000 67.56883 ? 262 HOH A O     1 
# 
loop_
_atom_site_anisotrop.id 
_atom_site_anisotrop.type_symbol 
_atom_site_anisotrop.pdbx_label_atom_id 
_atom_site_anisotrop.pdbx_label_alt_id 
_atom_site_anisotrop.pdbx_label_comp_id 
_atom_site_anisotrop.pdbx_label_asym_id 
_atom_site_anisotrop.pdbx_label_seq_id 
_atom_site_anisotrop.pdbx_PDB_ins_code 
_atom_site_anisotrop.U[1][1] 
_atom_site_anisotrop.U[2][2] 
_atom_site_anisotrop.U[3][3] 
_atom_site_anisotrop.U[1][2] 
_atom_site_anisotrop.U[1][3] 
_atom_site_anisotrop.U[2][3] 
_atom_site_anisotrop.pdbx_auth_seq_id 
_atom_site_anisotrop.pdbx_auth_comp_id 
_atom_site_anisotrop.pdbx_auth_asym_id 
_atom_site_anisotrop.pdbx_auth_atom_id 
1   O "O5'" . DG  A 1  ? 0.39890 0.67317 0.45438 -0.02054 0.14248  -0.12384 1   DG  A "O5'" 
2   C "C5'" . DG  A 1  ? 0.31595 0.63704 0.43030 0.00757  0.06880  -0.15475 1   DG  A "C5'" 
3   C "C4'" . DG  A 1  ? 0.25533 0.52665 0.44655 -0.04344 0.05531  -0.20187 1   DG  A "C4'" 
4   O "O4'" . DG  A 1  ? 0.28413 0.44875 0.43690 -0.02249 0.09755  -0.12905 1   DG  A "O4'" 
5   C "C3'" . DG  A 1  ? 0.26394 0.48781 0.47333 0.01301  0.04594  -0.16745 1   DG  A "C3'" 
6   O "O3'" . DG  A 1  ? 0.26425 0.62790 0.58344 -0.00233 0.04484  -0.17926 1   DG  A "O3'" 
7   C "C2'" . DG  A 1  ? 0.28738 0.55396 0.45634 0.08653  0.06173  -0.21649 1   DG  A "C2'" 
8   C "C1'" . DG  A 1  ? 0.24371 0.41148 0.51245 -0.00614 0.08612  -0.21274 1   DG  A "C1'" 
9   N N9    . DG  A 1  ? 0.23365 0.46688 0.43637 -0.02525 0.09938  -0.21533 1   DG  A N9    
10  C C8    . DG  A 1  ? 0.26689 0.43830 0.43403 0.03128  0.11278  -0.17901 1   DG  A C8    
11  N N7    . DG  A 1  ? 0.26749 0.45027 0.38953 0.03048  0.12199  -0.15603 1   DG  A N7    
12  C C5    . DG  A 1  ? 0.21877 0.42353 0.40286 -0.01662 0.09806  -0.18754 1   DG  A C5    
13  C C6    . DG  A 1  ? 0.21284 0.41867 0.39993 0.07194  0.07872  -0.12446 1   DG  A C6    
14  O O6    . DG  A 1  ? 0.24022 0.42766 0.37767 0.04004  0.05188  -0.15732 1   DG  A O6    
15  N N1    . DG  A 1  ? 0.20657 0.43018 0.42202 0.10992  0.06497  -0.08954 1   DG  A N1    
16  C C2    . DG  A 1  ? 0.19439 0.44270 0.38197 0.05640  0.05440  -0.11316 1   DG  A C2    
17  N N2    . DG  A 1  ? 0.25323 0.48101 0.44295 0.09116  0.02231  -0.18521 1   DG  A N2    
18  N N3    . DG  A 1  ? 0.19539 0.40007 0.44221 0.03698  0.08120  -0.14404 1   DG  A N3    
19  C C4    . DG  A 1  ? 0.22928 0.46383 0.34134 0.03847  0.07140  -0.16857 1   DG  A C4    
20  P P     . DT  A 2  ? 0.27106 0.57101 0.68426 -0.00459 0.01568  -0.23119 2   DT  A P     
21  O OP1   . DT  A 2  ? 0.33536 0.70824 0.73612 0.00542  0.04255  -0.25570 2   DT  A OP1   
22  O OP2   . DT  A 2  ? 0.22103 0.57865 0.77520 -0.00581 0.00193  -0.18192 2   DT  A OP2   
23  O "O5'" . DT  A 2  ? 0.25660 0.51262 0.74779 0.04285  0.00182  -0.20309 2   DT  A "O5'" 
24  C "C5'" . DT  A 2  ? 0.27482 0.59240 0.70734 0.05053  -0.04225 -0.22540 2   DT  A "C5'" 
25  C "C4'" . DT  A 2  ? 0.28497 0.49466 0.76492 0.11761  -0.06860 -0.22928 2   DT  A "C4'" 
26  O "O4'" . DT  A 2  ? 0.27410 0.54797 0.82860 0.07429  -0.03767 -0.27982 2   DT  A "O4'" 
27  C "C3'" . DT  A 2  ? 0.27862 0.54657 0.83849 0.10796  -0.07673 -0.20169 2   DT  A "C3'" 
28  O "O3'" . DT  A 2  ? 0.32838 0.58899 0.90731 0.05909  -0.05937 -0.14273 2   DT  A "O3'" 
29  C "C2'" . DT  A 2  ? 0.28650 0.62396 0.81194 0.12329  -0.06019 -0.22633 2   DT  A "C2'" 
30  C "C1'" . DT  A 2  ? 0.29560 0.59595 0.85026 0.10444  -0.03060 -0.26551 2   DT  A "C1'" 
31  N N1    . DT  A 2  ? 0.38440 0.45397 0.87769 0.11114  0.04643  -0.23444 2   DT  A N1    
32  C C2    . DT  A 2  ? 0.39496 0.57886 0.84553 0.03608  0.06999  -0.32319 2   DT  A C2    
33  O O2    . DT  A 2  ? 0.43396 0.58855 0.75957 0.14906  0.06961  -0.27019 2   DT  A O2    
34  N N3    . DT  A 2  ? 0.43751 0.65066 0.91517 0.02891  0.11422  -0.32146 2   DT  A N3    
35  C C4    . DT  A 2  ? 0.46413 0.68381 0.82670 0.06329  0.08592  -0.30599 2   DT  A C4    
36  O O4    . DT  A 2  ? 0.53645 0.78627 0.81020 0.08559  0.12566  -0.28309 2   DT  A O4    
37  C C5    . DT  A 2  ? 0.42837 0.47562 0.78958 0.09667  0.03761  -0.29537 2   DT  A C5    
38  C C7    . DT  A 2  ? 0.39450 0.58544 0.77410 0.10730  0.00245  -0.25895 2   DT  A C7    
39  C C6    . DT  A 2  ? 0.37037 0.56710 0.81889 0.16956  -0.00176 -0.23722 2   DT  A C6    
40  P P     . DG  A 3  ? 0.34047 0.54698 0.84439 0.02850  -0.12149 -0.05033 3   DG  A P     
41  O OP1   . DG  A 3  ? 0.34554 0.73599 0.90112 0.06614  -0.11091 0.00048  3   DG  A OP1   
42  O OP2   . DG  A 3  ? 0.37622 0.54047 0.92325 0.08381  -0.07501 0.05525  3   DG  A OP2   
43  O "O5'" . DG  A 3  ? 0.33215 0.56123 0.74149 -0.00481 -0.14446 -0.04013 3   DG  A "O5'" 
44  C "C5'" . DG  A 3  ? 0.37292 0.51099 0.66240 -0.00585 -0.13825 -0.03129 3   DG  A "C5'" 
45  C "C4'" . DG  A 3  ? 0.34328 0.60981 0.73214 0.05102  -0.15584 -0.05897 3   DG  A "C4'" 
46  O "O4'" . DG  A 3  ? 0.31318 0.48055 0.75794 0.01244  -0.15107 -0.16000 3   DG  A "O4'" 
47  C "C3'" . DG  A 3  ? 0.32259 0.53810 0.67139 0.04795  -0.22251 -0.10932 3   DG  A "C3'" 
48  O "O3'" . DG  A 3  ? 0.42015 0.51782 0.80797 0.05828  -0.13654 -0.00468 3   DG  A "O3'" 
49  C "C2'" . DG  A 3  ? 0.34189 0.47333 0.63090 0.00321  -0.18663 -0.21303 3   DG  A "C2'" 
50  C "C1'" . DG  A 3  ? 0.32584 0.38164 0.68907 0.03702  -0.14458 -0.16249 3   DG  A "C1'" 
51  N N9    . DG  A 3  ? 0.29398 0.48635 0.67186 0.11509  -0.10929 -0.13695 3   DG  A N9    
52  C C8    . DG  A 3  ? 0.27774 0.46151 0.67581 0.11112  -0.09326 -0.25831 3   DG  A C8    
53  N N7    . DG  A 3  ? 0.28171 0.49353 0.67231 0.13623  -0.04917 -0.20111 3   DG  A N7    
54  C C5    . DG  A 3  ? 0.30210 0.44803 0.63811 0.06455  -0.03264 -0.26401 3   DG  A C5    
55  C C6    . DG  A 3  ? 0.32619 0.43624 0.55577 0.04681  0.00630  -0.24266 3   DG  A C6    
56  O O6    . DG  A 3  ? 0.35055 0.47214 0.64368 0.11841  0.05183  -0.23209 3   DG  A O6    
57  N N1    . DG  A 3  ? 0.42278 0.30830 0.55530 0.10431  0.07366  -0.10214 3   DG  A N1    
58  C C2    . DG  A 3  ? 0.35676 0.48729 0.50438 0.09208  -0.02652 -0.09213 3   DG  A C2    
59  N N2    . DG  A 3  ? 0.33794 0.43697 0.54193 0.10966  -0.03946 -0.10159 3   DG  A N2    
60  N N3    . DG  A 3  ? 0.33282 0.44830 0.52260 0.05286  -0.05533 -0.11002 3   DG  A N3    
61  C C4    . DG  A 3  ? 0.27375 0.54318 0.53460 0.06153  -0.11380 -0.18888 3   DG  A C4    
62  P P     . DG  A 4  ? 0.50564 0.58848 0.71560 -0.02840 -0.11785 -0.09661 4   DG  A P     
63  O OP1   . DG  A 4  ? 0.48615 0.56406 0.77678 -0.10517 -0.10524 -0.15474 4   DG  A OP1   
64  O OP2   . DG  A 4  ? 0.62105 0.61557 0.82472 -0.02581 0.00302  -0.08177 4   DG  A OP2   
65  O "O5'" . DG  A 4  ? 0.50791 0.68340 0.67963 -0.05327 -0.12161 -0.09290 4   DG  A "O5'" 
66  C "C5'" . DG  A 4  ? 0.48627 0.45416 0.51443 -0.09056 -0.16128 -0.03518 4   DG  A "C5'" 
67  C "C4'" . DG  A 4  ? 0.52935 0.46818 0.43358 -0.08915 -0.10353 -0.03261 4   DG  A "C4'" 
68  O "O4'" . DG  A 4  ? 0.58222 0.49474 0.34884 -0.04229 -0.04411 -0.01741 4   DG  A "O4'" 
69  C "C3'" . DG  A 4  ? 0.50556 0.55124 0.42295 -0.11290 -0.11294 -0.00586 4   DG  A "C3'" 
70  O "O3'" . DG  A 4  ? 0.54600 0.47077 0.50470 -0.07564 -0.10324 0.01414  4   DG  A "O3'" 
71  C "C2'" . DG  A 4  ? 0.49900 0.47768 0.41023 -0.04158 -0.10671 0.01603  4   DG  A "C2'" 
72  C "C1'" . DG  A 4  ? 0.49404 0.37800 0.40524 -0.02385 -0.07985 -0.03027 4   DG  A "C1'" 
73  N N9    . DG  A 4  ? 0.43951 0.40212 0.41859 0.01504  -0.02710 -0.04488 4   DG  A N9    
74  C C8    . DG  A 4  ? 0.42253 0.41367 0.33947 0.06431  -0.04170 -0.08445 4   DG  A C8    
75  N N7    . DG  A 4  ? 0.33862 0.42310 0.43881 0.06731  -0.06453 -0.07893 4   DG  A N7    
76  C C5    . DG  A 4  ? 0.37127 0.38976 0.34121 0.07331  -0.02563 -0.09196 4   DG  A C5    
77  C C6    . DG  A 4  ? 0.30433 0.37974 0.42260 0.06461  0.00271  -0.09420 4   DG  A C6    
78  O O6    . DG  A 4  ? 0.27143 0.35547 0.43797 0.07882  0.03752  -0.18642 4   DG  A O6    
79  N N1    . DG  A 4  ? 0.31495 0.33103 0.43983 0.04936  0.02691  -0.03206 4   DG  A N1    
80  C C2    . DG  A 4  ? 0.31919 0.33418 0.34629 0.00432  -0.01872 -0.05038 4   DG  A C2    
81  N N2    . DG  A 4  ? 0.32332 0.41168 0.39257 -0.01409 0.00910  -0.11524 4   DG  A N2    
82  N N3    . DG  A 4  ? 0.40991 0.43916 0.31683 0.04112  0.00409  -0.05008 4   DG  A N3    
83  C C4    . DG  A 4  ? 0.45324 0.41110 0.29348 0.04731  0.01584  -0.04103 4   DG  A C4    
84  P P     . DT  A 5  ? 0.54723 0.60060 0.50872 -0.00985 -0.14374 -0.00429 5   DT  A P     
85  O OP1   . DT  A 5  ? 0.54753 0.65438 0.57564 -0.14344 -0.05965 0.03247  5   DT  A OP1   
86  O OP2   . DT  A 5  ? 0.57188 0.59015 0.53334 0.05660  -0.16500 -0.02588 5   DT  A OP2   
87  O "O5'" . DT  A 5  ? 0.54569 0.45944 0.51633 0.03269  -0.13017 -0.02045 5   DT  A "O5'" 
88  C "C5'" . DT  A 5  ? 0.47727 0.43621 0.52676 0.02215  -0.12688 -0.02682 5   DT  A "C5'" 
89  C "C4'" . DT  A 5  ? 0.45037 0.43796 0.59799 0.03853  -0.07916 -0.04700 5   DT  A "C4'" 
90  O "O4'" . DT  A 5  ? 0.41323 0.45254 0.61830 0.07943  -0.10026 -0.10558 5   DT  A "O4'" 
91  C "C3'" . DT  A 5  ? 0.41806 0.32594 0.65290 0.02841  -0.06095 -0.03536 5   DT  A "C3'" 
92  O "O3'" . DT  A 5  ? 0.40747 0.48611 0.59868 0.00009  -0.05009 -0.01617 5   DT  A "O3'" 
93  C "C2'" . DT  A 5  ? 0.37724 0.39958 0.63700 0.08889  -0.10350 -0.02121 5   DT  A "C2'" 
94  C "C1'" . DT  A 5  ? 0.32258 0.32930 0.71070 0.04960  -0.11161 -0.08108 5   DT  A "C1'" 
95  N N1    . DT  A 5  ? 0.30943 0.44481 0.75930 0.07290  -0.08112 -0.13978 5   DT  A N1    
96  C C2    . DT  A 5  ? 0.27118 0.53649 0.70971 0.10576  -0.13122 -0.21660 5   DT  A C2    
97  O O2    . DT  A 5  ? 0.36119 0.52805 0.67330 0.08966  -0.05335 -0.24895 5   DT  A O2    
98  N N3    . DT  A 5  ? 0.34596 0.65315 0.58821 0.14937  -0.12070 -0.21840 5   DT  A N3    
99  C C4    . DT  A 5  ? 0.35560 0.63751 0.66090 0.22389  -0.11027 -0.17880 5   DT  A C4    
100 O O4    . DT  A 5  ? 0.41983 0.62009 0.74980 0.17319  -0.01131 -0.21820 5   DT  A O4    
101 C C5    . DT  A 5  ? 0.35311 0.62520 0.68302 0.20622  -0.08868 -0.14342 5   DT  A C5    
102 C C7    . DT  A 5  ? 0.36172 0.76218 0.51090 0.23600  -0.12897 -0.12554 5   DT  A C7    
103 C C6    . DT  A 5  ? 0.32296 0.53398 0.70857 0.15683  -0.09948 -0.08680 5   DT  A C6    
104 P P     . DG  A 6  ? 0.40416 0.51925 0.53088 0.00999  -0.06616 -0.02118 6   DG  A P     
105 O OP1   . DG  A 6  ? 0.49652 0.47391 0.49011 -0.02896 -0.00212 -0.02134 6   DG  A OP1   
106 O OP2   . DG  A 6  ? 0.43321 0.56734 0.54307 0.01435  -0.04931 0.02703  6   DG  A OP2   
107 O "O5'" . DG  A 6  ? 0.39670 0.50102 0.46986 0.03620  -0.04918 0.02171  6   DG  A "O5'" 
108 C "C5'" . DG  A 6  ? 0.29723 0.37979 0.51036 -0.00811 -0.04529 0.00395  6   DG  A "C5'" 
109 C "C4'" . DG  A 6  ? 0.30823 0.49987 0.37887 -0.01815 -0.04306 -0.03447 6   DG  A "C4'" 
110 O "O4'" . DG  A 6  ? 0.37807 0.38595 0.42703 0.01930  0.01023  -0.07397 6   DG  A "O4'" 
111 C "C3'" . DG  A 6  ? 0.36159 0.41861 0.39417 -0.02937 0.00746  -0.12098 6   DG  A "C3'" 
112 O "O3'" . DG  A 6  ? 0.36235 0.45485 0.42785 -0.00437 0.04979  -0.07006 6   DG  A "O3'" 
113 C "C2'" . DG  A 6  ? 0.38071 0.45329 0.50732 -0.00479 0.04004  -0.11723 6   DG  A "C2'" 
114 C "C1'" . DG  A 6  ? 0.37131 0.39445 0.46053 0.01017  0.02831  -0.10205 6   DG  A "C1'" 
115 N N9    . DG  A 6  ? 0.34029 0.46536 0.35238 0.01317  -0.00779 -0.10929 6   DG  A N9    
116 C C8    . DG  A 6  ? 0.32927 0.45538 0.48767 -0.01534 0.01280  -0.14313 6   DG  A C8    
117 N N7    . DG  A 6  ? 0.33537 0.43117 0.43029 0.02816  0.01603  -0.11361 6   DG  A N7    
118 C C5    . DG  A 6  ? 0.35270 0.45746 0.46652 0.08046  0.05740  -0.18653 6   DG  A C5    
119 C C6    . DG  A 6  ? 0.27553 0.50548 0.44478 0.12256  -0.00558 -0.19687 6   DG  A C6    
120 O O6    . DG  A 6  ? 0.27614 0.51881 0.63072 0.07882  0.01036  -0.26009 6   DG  A O6    
121 N N1    . DG  A 6  ? 0.27542 0.38690 0.41256 0.06568  0.03455  -0.14850 6   DG  A N1    
122 C C2    . DG  A 6  ? 0.25024 0.48041 0.41177 0.04014  0.01078  -0.16066 6   DG  A C2    
123 N N2    . DG  A 6  ? 0.28150 0.47233 0.39501 0.03549  0.00754  -0.17742 6   DG  A N2    
124 N N3    . DG  A 6  ? 0.25559 0.46211 0.43088 0.00095  0.02692  -0.17662 6   DG  A N3    
125 C C4    . DG  A 6  ? 0.33571 0.46440 0.40549 0.03602  0.03499  -0.19974 6   DG  A C4    
126 P P     . DG  A 7  ? 0.37236 0.46405 0.41688 -0.02930 0.05327  -0.09963 7   DG  A P     
127 O OP1   . DG  A 7  ? 0.40766 0.64609 0.34211 0.03044  0.05178  -0.07673 7   DG  A OP1   
128 O OP2   . DG  A 7  ? 0.40900 0.50122 0.41994 -0.04544 0.08734  -0.10933 7   DG  A OP2   
129 O "O5'" . DG  A 7  ? 0.26520 0.48490 0.46413 -0.02553 0.00757  -0.08716 7   DG  A "O5'" 
130 C "C5'" . DG  A 7  ? 0.22150 0.48570 0.38620 0.05624  -0.01505 -0.01936 7   DG  A "C5'" 
131 C "C4'" . DG  A 7  ? 0.26948 0.45399 0.40593 -0.02380 0.06028  -0.09955 7   DG  A "C4'" 
132 O "O4'" . DG  A 7  ? 0.30199 0.47252 0.34299 -0.01518 0.07701  -0.08045 7   DG  A "O4'" 
133 C "C3'" . DG  A 7  ? 0.30996 0.52660 0.40744 -0.02476 0.08925  -0.09117 7   DG  A "C3'" 
134 O "O3'" . DG  A 7  ? 0.29325 0.57984 0.31126 -0.03251 0.03818  -0.05230 7   DG  A "O3'" 
135 C "C2'" . DG  A 7  ? 0.32409 0.42905 0.40597 -0.07582 0.10756  -0.11792 7   DG  A "C2'" 
136 C "C1'" . DG  A 7  ? 0.29326 0.46632 0.38573 -0.04540 0.09058  -0.06527 7   DG  A "C1'" 
137 N N9    . DG  A 7  ? 0.27132 0.46527 0.27858 -0.00097 0.05680  -0.03879 7   DG  A N9    
138 C C8    . DG  A 7  ? 0.26576 0.42038 0.32577 0.03740  0.03265  -0.10650 7   DG  A C8    
139 N N7    . DG  A 7  ? 0.26781 0.37065 0.32729 0.01983  0.01833  -0.12847 7   DG  A N7    
140 C C5    . DG  A 7  ? 0.29061 0.34251 0.37435 0.00814  0.07844  -0.15917 7   DG  A C5    
141 C C6    . DG  A 7  ? 0.23311 0.47136 0.27019 0.03428  -0.01373 -0.12200 7   DG  A C6    
142 O O6    . DG  A 7  ? 0.24786 0.41670 0.27518 0.01265  0.04186  -0.10158 7   DG  A O6    
143 N N1    . DG  A 7  ? 0.31866 0.40497 0.27065 0.00469  0.03903  -0.14765 7   DG  A N1    
144 C C2    . DG  A 7  ? 0.25360 0.43897 0.25065 -0.03297 0.00147  -0.14014 7   DG  A C2    
145 N N2    . DG  A 7  ? 0.30494 0.48816 0.28019 0.00176  0.05741  -0.07700 7   DG  A N2    
146 N N3    . DG  A 7  ? 0.27256 0.46702 0.31682 -0.05384 0.04584  -0.12091 7   DG  A N3    
147 C C4    . DG  A 7  ? 0.28224 0.37824 0.31422 -0.00094 0.05623  -0.08415 7   DG  A C4    
148 P P     . DT  A 8  ? 0.30041 0.56155 0.42143 -0.04770 0.05600  -0.09396 8   DT  A P     
149 O OP1   . DT  A 8  ? 0.26065 0.48740 0.54218 -0.05375 0.03847  -0.09260 8   DT  A OP1   
150 O OP2   . DT  A 8  ? 0.29872 0.58604 0.38411 -0.07170 0.07881  -0.03807 8   DT  A OP2   
151 O "O5'" . DT  A 8  ? 0.35650 0.56283 0.39377 -0.08255 0.05733  -0.10313 8   DT  A "O5'" 
152 C "C5'" . DT  A 8  ? 0.43261 0.53240 0.30423 -0.16897 0.13066  -0.10855 8   DT  A "C5'" 
153 C "C4'" . DT  A 8  ? 0.31390 0.72385 0.32484 -0.16922 0.00535  -0.13632 8   DT  A "C4'" 
154 O "O4'" . DT  A 8  ? 0.37370 0.64670 0.42357 -0.14964 0.05105  -0.23594 8   DT  A "O4'" 
155 C "C3'" . DT  A 8  ? 0.39543 0.67221 0.38628 -0.22204 0.07597  -0.15747 8   DT  A "C3'" 
156 O "O3'" . DT  A 8  ? 0.47951 0.62059 0.42441 -0.23441 0.14029  -0.13559 8   DT  A "O3'" 
157 C "C2'" . DT  A 8  ? 0.38441 0.64327 0.36788 -0.20520 0.04822  -0.16795 8   DT  A "C2'" 
158 C "C1'" . DT  A 8  ? 0.42418 0.56832 0.36574 -0.18547 0.06604  -0.20362 8   DT  A "C1'" 
159 N N1    . DT  A 8  ? 0.41897 0.57776 0.35779 -0.14324 0.06232  -0.15034 8   DT  A N1    
160 C C2    . DT  A 8  ? 0.41040 0.55105 0.43646 -0.21841 0.12351  -0.10183 8   DT  A C2    
161 O O2    . DT  A 8  ? 0.32668 0.72148 0.43416 -0.19564 0.05446  -0.06918 8   DT  A O2    
162 N N3    . DT  A 8  ? 0.40451 0.65964 0.36952 -0.16611 0.07105  -0.21010 8   DT  A N3    
163 C C4    . DT  A 8  ? 0.48377 0.64180 0.46075 -0.11921 0.16115  -0.11799 8   DT  A C4    
164 O O4    . DT  A 8  ? 0.46488 0.65711 0.42274 -0.08567 0.12027  -0.12943 8   DT  A O4    
165 C C5    . DT  A 8  ? 0.46841 0.55740 0.33446 -0.14086 0.11548  -0.14267 8   DT  A C5    
166 C C7    . DT  A 8  ? 0.47289 0.53263 0.40446 -0.14310 0.14301  -0.12969 8   DT  A C7    
167 C C6    . DT  A 8  ? 0.42339 0.54081 0.38006 -0.17839 0.07495  -0.18567 8   DT  A C6    
168 P P     . DG  A 9  ? 0.52876 0.74769 0.37893 -0.18865 0.12538  -0.17428 9   DG  A P     
169 O OP1   . DG  A 9  ? 0.45503 0.75458 0.40068 -0.16373 0.06696  -0.21359 9   DG  A OP1   
170 O OP2   . DG  A 9  ? 0.55621 0.86323 0.35536 -0.16923 0.14544  -0.09472 9   DG  A OP2   
171 O "O5'" . DG  A 9  ? 0.45294 0.70502 0.34995 -0.23903 0.06154  -0.16793 9   DG  A "O5'" 
172 C "C5'" . DG  A 9  ? 0.47649 0.71068 0.35760 -0.18984 0.07348  -0.09071 9   DG  A "C5'" 
173 C "C4'" . DG  A 9  ? 0.45317 0.70968 0.35906 -0.20038 0.04429  -0.12632 9   DG  A "C4'" 
174 O "O4'" . DG  A 9  ? 0.52759 0.70871 0.34255 -0.18832 0.09513  -0.21585 9   DG  A "O4'" 
175 C "C3'" . DG  A 9  ? 0.48447 0.68808 0.38456 -0.24965 0.06478  -0.14256 9   DG  A "C3'" 
176 O "O3'" . DG  A 9  ? 0.51115 0.66429 0.35433 -0.24576 0.04989  -0.14662 9   DG  A "O3'" 
177 C "C2'" . DG  A 9  ? 0.55359 0.67700 0.32552 -0.20368 0.09220  -0.20882 9   DG  A "C2'" 
178 C "C1'" . DG  A 9  ? 0.53355 0.69336 0.42899 -0.15784 0.10947  -0.21391 9   DG  A "C1'" 
179 N N9    . DG  A 9  ? 0.47048 0.63681 0.39341 -0.14537 0.09092  -0.20774 9   DG  A N9    
180 C C8    . DG  A 9  ? 0.44545 0.66584 0.27612 -0.12383 0.05017  -0.15504 9   DG  A C8    
181 N N7    . DG  A 9  ? 0.41719 0.68765 0.31204 -0.18031 0.07423  -0.16891 9   DG  A N7    
182 C C5    . DG  A 9  ? 0.42354 0.48654 0.34712 -0.20545 0.12314  -0.17720 9   DG  A C5    
183 C C6    . DG  A 9  ? 0.41768 0.58823 0.38337 -0.14846 0.13903  -0.21490 9   DG  A C6    
184 O O6    . DG  A 9  ? 0.41190 0.51822 0.51397 -0.14291 0.18227  -0.28109 9   DG  A O6    
185 N N1    . DG  A 9  ? 0.43572 0.57720 0.29855 -0.09039 0.15115  -0.15459 9   DG  A N1    
186 C C2    . DG  A 9  ? 0.44679 0.59560 0.34178 -0.09704 0.13759  -0.21200 9   DG  A C2    
187 N N2    . DG  A 9  ? 0.41883 0.60757 0.38013 -0.05081 0.14334  -0.22400 9   DG  A N2    
188 N N3    . DG  A 9  ? 0.42354 0.70582 0.32622 -0.12842 0.12524  -0.18967 9   DG  A N3    
189 C C4    . DG  A 9  ? 0.45403 0.64752 0.46376 -0.14361 0.14700  -0.18084 9   DG  A C4    
190 P P     . DG  A 10 ? 0.51082 0.77569 0.42839 -0.25751 0.07422  -0.08165 10  DG  A P     
191 O OP1   . DG  A 10 ? 0.44350 0.83965 0.41379 -0.25898 0.03020  -0.02248 10  DG  A OP1   
192 O OP2   . DG  A 10 ? 0.51640 0.74562 0.45092 -0.24569 0.06802  -0.03465 10  DG  A OP2   
193 O "O5'" . DG  A 10 ? 0.44888 0.84378 0.32518 -0.21882 0.03009  -0.03346 10  DG  A "O5'" 
194 C "C5'" . DG  A 10 ? 0.41937 0.86088 0.35044 -0.15334 0.05527  0.04696  10  DG  A "C5'" 
195 C "C4'" . DG  A 10 ? 0.33674 0.77576 0.29452 -0.19380 0.02776  -0.05559 10  DG  A "C4'" 
196 O "O4'" . DG  A 10 ? 0.28785 0.73903 0.33405 -0.06432 -0.00439 0.01443  10  DG  A "O4'" 
197 C "C3'" . DG  A 10 ? 0.39339 0.91656 0.29521 -0.14698 0.07951  -0.10207 10  DG  A "C3'" 
198 O "O3'" . DG  A 10 ? 0.40268 0.88872 0.36999 -0.20168 0.13009  -0.15514 10  DG  A "O3'" 
199 C "C2'" . DG  A 10 ? 0.37711 0.82027 0.28097 -0.15466 0.07062  -0.16156 10  DG  A "C2'" 
200 C "C1'" . DG  A 10 ? 0.35846 0.73486 0.27132 -0.06282 0.04776  -0.14724 10  DG  A "C1'" 
201 N N9    . DG  A 10 ? 0.34303 0.59345 0.28460 -0.05175 0.12710  -0.05515 10  DG  A N9    
202 C C8    . DG  A 10 ? 0.37707 0.52418 0.26105 -0.05468 0.15795  -0.07171 10  DG  A C8    
203 N N7    . DG  A 10 ? 0.31032 0.53174 0.28704 -0.09889 0.12028  -0.13173 10  DG  A N7    
204 C C5    . DG  A 10 ? 0.30077 0.53077 0.25785 -0.02994 0.06709  -0.17466 10  DG  A C5    
205 C C6    . DG  A 10 ? 0.29006 0.55323 0.27435 -0.01152 0.09139  -0.15436 10  DG  A C6    
206 O O6    . DG  A 10 ? 0.30370 0.43175 0.40442 -0.03397 0.13314  -0.19797 10  DG  A O6    
207 N N1    . DG  A 10 ? 0.28778 0.40956 0.35431 0.01267  0.12764  -0.13091 10  DG  A N1    
208 C C2    . DG  A 10 ? 0.27561 0.49416 0.30388 -0.04395 0.11500  -0.13106 10  DG  A C2    
209 N N2    . DG  A 10 ? 0.21409 0.44054 0.45123 0.00028  0.12067  -0.13919 10  DG  A N2    
210 N N3    . DG  A 10 ? 0.25503 0.50970 0.33438 -0.00435 0.07927  -0.06415 10  DG  A N3    
211 C C4    . DG  A 10 ? 0.30866 0.57101 0.31211 0.00365  0.11404  -0.08628 10  DG  A C4    
212 P P     . DT  A 11 ? 0.45524 0.85693 0.36076 -0.20222 0.15243  -0.12501 11  DT  A P     
213 O OP1   . DT  A 11 ? 0.53074 0.85789 0.42767 -0.21460 0.21122  -0.12368 11  DT  A OP1   
214 O OP2   . DT  A 11 ? 0.47144 0.94398 0.36511 -0.21106 0.13484  -0.17482 11  DT  A OP2   
215 O "O5'" . DT  A 11 ? 0.47224 0.87095 0.36160 -0.16216 0.15623  -0.15794 11  DT  A "O5'" 
216 C "C5'" . DT  A 11 ? 0.43021 0.74615 0.30568 -0.13295 0.11817  -0.17441 11  DT  A "C5'" 
217 C "C4'" . DT  A 11 ? 0.43722 0.85936 0.30965 -0.08584 0.12123  -0.12922 11  DT  A "C4'" 
218 O "O4'" . DT  A 11 ? 0.43062 0.85303 0.36147 -0.09752 0.14540  -0.17059 11  DT  A "O4'" 
219 C "C3'" . DT  A 11 ? 0.37397 0.83672 0.30425 -0.17021 0.08707  -0.17426 11  DT  A "C3'" 
220 O "O3'" . DT  A 11 ? 0.40465 0.78558 0.40414 -0.14812 0.14036  -0.25167 11  DT  A "O3'" 
221 C "C2'" . DT  A 11 ? 0.43235 0.86630 0.31455 -0.11643 0.10859  -0.16174 11  DT  A "C2'" 
222 C "C1'" . DT  A 11 ? 0.45081 0.80285 0.37976 -0.13361 0.14026  -0.23313 11  DT  A "C1'" 
223 N N1    . DT  A 11 ? 0.37751 0.83193 0.38868 -0.14065 0.09063  -0.27003 11  DT  A N1    
224 C C2    . DT  A 11 ? 0.42994 0.77728 0.43146 -0.09491 0.14894  -0.26334 11  DT  A C2    
225 O O2    . DT  A 11 ? 0.46980 0.77231 0.53499 -0.09057 0.21119  -0.27411 11  DT  A O2    
226 N N3    . DT  A 11 ? 0.45350 0.68536 0.43681 -0.10605 0.19020  -0.23272 11  DT  A N3    
227 C C4    . DT  A 11 ? 0.39653 0.80656 0.37031 -0.07313 0.08508  -0.21966 11  DT  A C4    
228 O O4    . DT  A 11 ? 0.40432 0.74160 0.55433 -0.09064 0.15137  -0.29126 11  DT  A O4    
229 C C5    . DT  A 11 ? 0.43831 0.72659 0.54233 -0.07372 0.12146  -0.22342 11  DT  A C5    
230 C C7    . DT  A 11 ? 0.41099 0.70701 0.49056 -0.08045 0.04589  -0.20685 11  DT  A C7    
231 C C6    . DT  A 11 ? 0.41227 0.65613 0.43629 -0.10642 0.10124  -0.21770 11  DT  A C6    
232 P P     . DG  A 12 ? 0.35062 0.76132 0.49359 -0.09301 0.15360  -0.19030 12  DG  A P     
233 O OP1   . DG  A 12 ? 0.35702 0.89200 0.36513 -0.04842 0.11721  -0.08880 12  DG  A OP1   
234 O OP2   . DG  A 12 ? 0.35869 0.87205 0.61296 -0.09022 0.19778  -0.16948 12  DG  A OP2   
235 O "O5'" . DG  A 12 ? 0.39581 0.75411 0.55227 -0.15404 0.20729  -0.23715 12  DG  A "O5'" 
236 C "C5'" . DG  A 12 ? 0.33701 0.74244 0.43007 -0.15391 0.14402  -0.22215 12  DG  A "C5'" 
237 C "C4'" . DG  A 12 ? 0.35030 0.70111 0.44349 -0.14469 0.16012  -0.23037 12  DG  A "C4'" 
238 O "O4'" . DG  A 12 ? 0.41101 0.58513 0.60863 -0.07784 0.21640  -0.27311 12  DG  A "O4'" 
239 C "C3'" . DG  A 12 ? 0.32574 0.84752 0.41346 -0.12667 0.09254  -0.28213 12  DG  A "C3'" 
240 O "O3'" . DG  A 12 ? 0.39690 0.80798 0.57287 -0.19149 0.18935  -0.29118 12  DG  A "O3'" 
241 C "C2'" . DG  A 12 ? 0.39786 0.77692 0.51351 -0.08788 0.17498  -0.27137 12  DG  A "C2'" 
242 C "C1'" . DG  A 12 ? 0.31492 0.61084 0.50740 -0.09788 0.13951  -0.27852 12  DG  A "C1'" 
243 N N9    . DG  A 12 ? 0.32407 0.64211 0.49319 -0.02851 0.11764  -0.27740 12  DG  A N9    
244 C C8    . DG  A 12 ? 0.29319 0.66057 0.39759 0.02589  0.09091  -0.15380 12  DG  A C8    
245 N N7    . DG  A 12 ? 0.41585 0.51303 0.43907 0.06188  0.15468  -0.19545 12  DG  A N7    
246 C C5    . DG  A 12 ? 0.28788 0.57744 0.41984 0.00839  0.04524  -0.22123 12  DG  A C5    
247 C C6    . DG  A 12 ? 0.34557 0.37741 0.56579 0.06051  0.08302  -0.21786 12  DG  A C6    
248 O O6    . DG  A 12 ? 0.34282 0.46292 0.61720 0.01443  0.12551  -0.25986 12  DG  A O6    
249 N N1    . DG  A 12 ? 0.25969 0.44793 0.58563 0.07313  0.00368  -0.25261 12  DG  A N1    
250 C C2    . DG  A 12 ? 0.24348 0.45087 0.55592 0.10648  -0.02284 -0.20948 12  DG  A C2    
251 N N2    . DG  A 12 ? 0.24860 0.51724 0.61047 0.10611  -0.06217 -0.24677 12  DG  A N2    
252 N N3    . DG  A 12 ? 0.30667 0.44184 0.49911 0.07220  0.05197  -0.19445 12  DG  A N3    
253 C C4    . DG  A 12 ? 0.27400 0.45469 0.48300 0.01965  0.05590  -0.18287 12  DG  A C4    
254 P P     . DA  A 13 ? 0.37057 0.84412 0.51870 -0.18050 0.13770  -0.25868 13  DA  A P     
255 O OP1   . DA  A 13 ? 0.37815 0.87362 0.55888 -0.13093 0.14189  -0.23135 13  DA  A OP1   
256 O OP2   . DA  A 13 ? 0.43963 0.84242 0.57846 -0.13578 0.15153  -0.26841 13  DA  A OP2   
257 O "O5'" . DA  A 13 ? 0.40581 0.74270 0.68990 -0.09676 0.18395  -0.25971 13  DA  A "O5'" 
258 C "C5'" . DA  A 13 ? 0.38220 0.73976 0.68801 -0.06577 0.12338  -0.29885 13  DA  A "C5'" 
259 C "C4'" . DA  A 13 ? 0.33503 0.71177 0.61431 -0.09584 0.05499  -0.28860 13  DA  A "C4'" 
260 O "O4'" . DA  A 13 ? 0.36725 0.68289 0.62572 -0.07999 0.10402  -0.16409 13  DA  A "O4'" 
261 C "C3'" . DA  A 13 ? 0.36418 0.73797 0.54887 -0.09273 0.02831  -0.35859 13  DA  A "C3'" 
262 O "O3'" . DA  A 13 ? 0.48043 0.94764 0.76978 0.01460  0.13071  -0.31396 13  DA  A "O3'" 
263 C "C2'" . DA  A 13 ? 0.37950 0.75035 0.50929 -0.07938 0.05124  -0.30005 13  DA  A "C2'" 
264 C "C1'" . DA  A 13 ? 0.39078 0.71834 0.58464 -0.05174 0.10452  -0.19087 13  DA  A "C1'" 
265 N N9    . DA  A 13 ? 0.35155 0.68820 0.56276 -0.11626 0.11063  -0.17706 13  DA  A N9    
266 C C8    . DA  A 13 ? 0.34570 0.78695 0.50237 -0.12598 0.10777  -0.17125 13  DA  A C8    
267 N N7    . DA  A 13 ? 0.36294 0.75845 0.55858 -0.14811 0.15212  -0.18436 13  DA  A N7    
268 C C5    . DA  A 13 ? 0.35860 0.74766 0.45741 -0.08876 0.09994  -0.17122 13  DA  A C5    
269 C C6    . DA  A 13 ? 0.43053 0.66557 0.54803 -0.13705 0.19319  -0.21332 13  DA  A C6    
270 N N6    . DA  A 13 ? 0.47943 0.67075 0.64027 -0.10139 0.23835  -0.28430 13  DA  A N6    
271 N N1    . DA  A 13 ? 0.34547 0.71766 0.43818 -0.16811 0.08985  -0.26078 13  DA  A N1    
272 C C2    . DA  A 13 ? 0.37356 0.64821 0.49048 -0.13569 0.12418  -0.19363 13  DA  A C2    
273 N N3    . DA  A 13 ? 0.31770 0.51855 0.58008 -0.13572 0.10674  -0.17263 13  DA  A N3    
274 C C4    . DA  A 13 ? 0.36354 0.47389 0.56795 -0.16105 0.14251  -0.16733 13  DA  A C4    
275 P P     . DT  A 14 ? 0.56086 1.11117 0.85865 0.10305  0.14009  -0.31028 14  DT  A P     
276 O OP1   . DT  A 14 ? 0.62550 1.20003 1.00813 0.13814  0.21365  -0.27181 14  DT  A OP1   
277 O OP2   . DT  A 14 ? 0.60502 1.14641 0.98530 0.18469  0.19950  -0.19530 14  DT  A OP2   
278 O "O5'" . DT  A 14 ? 0.41813 1.08078 0.65114 0.00686  -0.03361 -0.37902 14  DT  A "O5'" 
279 C "C5'" . DT  A 14 ? 0.49370 0.82508 0.64797 -0.10370 0.03654  -0.38749 14  DT  A "C5'" 
280 C "C4'" . DT  A 14 ? 0.58352 0.78062 0.74892 -0.16835 0.16967  -0.27302 14  DT  A "C4'" 
281 O "O4'" . DT  A 14 ? 0.61712 0.77557 0.74884 -0.22266 0.21081  -0.24868 14  DT  A "O4'" 
282 C "C3'" . DT  A 14 ? 0.62803 0.79233 0.87198 -0.15278 0.25224  -0.17452 14  DT  A "C3'" 
283 O "O3'" . DT  A 14 ? 0.64381 0.71636 0.96212 -0.13343 0.28969  -0.14851 14  DT  A "O3'" 
284 C "C2'" . DT  A 14 ? 0.62605 0.80544 0.82987 -0.19426 0.24371  -0.19774 14  DT  A "C2'" 
285 C "C1'" . DT  A 14 ? 0.64772 0.87240 0.81066 -0.19083 0.25645  -0.17927 14  DT  A "C1'" 
286 N N1    . DT  A 14 ? 0.66705 0.99928 0.83968 -0.15883 0.25188  -0.20948 14  DT  A N1    
287 C C2    . DT  A 14 ? 0.67151 1.09144 0.90398 -0.13717 0.23763  -0.29008 14  DT  A C2    
288 O O2    . DT  A 14 ? 0.69240 1.23960 0.87960 -0.06066 0.21274  -0.29950 14  DT  A O2    
289 N N3    . DT  A 14 ? 0.58753 0.97426 0.84026 -0.22275 0.18219  -0.32015 14  DT  A N3    
290 C C4    . DT  A 14 ? 0.61769 1.01493 0.84609 -0.15346 0.18615  -0.27030 14  DT  A C4    
291 O O4    . DT  A 14 ? 0.67715 1.07871 0.79368 -0.06634 0.20828  -0.17785 14  DT  A O4    
292 C C5    . DT  A 14 ? 0.54495 0.99052 0.73286 -0.20879 0.10923  -0.28614 14  DT  A C5    
293 C C7    . DT  A 14 ? 0.48456 0.92594 0.68552 -0.25544 0.03131  -0.34487 14  DT  A C7    
294 C C6    . DT  A 14 ? 0.59384 1.06620 0.71894 -0.15820 0.15766  -0.19393 14  DT  A C6    
295 P P     . DG  A 15 ? 0.62227 0.71065 0.95367 -0.09824 0.28959  -0.11546 15  DG  A P     
296 O OP1   . DG  A 15 ? 0.66355 0.80329 1.15676 -0.03607 0.34352  -0.08237 15  DG  A OP1   
297 O OP2   . DG  A 15 ? 0.62528 0.57563 0.84401 -0.14159 0.23378  -0.15958 15  DG  A OP2   
298 O "O5'" . DG  A 15 ? 0.45412 0.74366 0.44862 -0.16852 0.06026  -0.18132 15  DG  A "O5'" 
299 C "C5'" . DG  A 15 ? 0.38047 0.64970 0.41580 -0.12486 0.00300  0.02493  15  DG  A "C5'" 
300 C "C4'" . DG  A 15 ? 0.39007 0.77055 0.38794 -0.12523 0.02342  0.08989  15  DG  A "C4'" 
301 O "O4'" . DG  A 15 ? 0.33966 0.67583 0.40668 -0.16521 0.03470  0.06138  15  DG  A "O4'" 
302 C "C3'" . DG  A 15 ? 0.39054 0.84635 0.50560 -0.10339 0.02975  0.19599  15  DG  A "C3'" 
303 O "O3'" . DG  A 15 ? 0.42767 1.10948 0.56869 -0.07095 0.00408  0.36832  15  DG  A "O3'" 
304 C "C2'" . DG  A 15 ? 0.33982 0.74633 0.42141 -0.09778 0.01613  0.16818  15  DG  A "C2'" 
305 C "C1'" . DG  A 15 ? 0.34711 0.66414 0.37150 -0.08145 0.05325  0.10607  15  DG  A "C1'" 
306 N N9    . DG  A 15 ? 0.32025 0.60298 0.28159 -0.01962 0.05310  0.04583  15  DG  A N9    
307 C C8    . DG  A 15 ? 0.27382 0.62081 0.25234 -0.01148 0.02337  -0.08056 15  DG  A C8    
308 N N7    . DG  A 15 ? 0.27121 0.49265 0.25304 0.01414  0.04998  -0.08695 15  DG  A N7    
309 C C5    . DG  A 15 ? 0.24088 0.46410 0.32148 0.01022  0.04987  -0.02547 15  DG  A C5    
310 C C6    . DG  A 15 ? 0.22510 0.41358 0.29061 0.02510  0.03728  -0.04356 15  DG  A C6    
311 O O6    . DG  A 15 ? 0.23756 0.38218 0.30040 0.05632  0.04924  -0.07719 15  DG  A O6    
312 N N1    . DG  A 15 ? 0.22758 0.45589 0.28367 0.02727  0.00201  -0.08628 15  DG  A N1    
313 C C2    . DG  A 15 ? 0.20942 0.52997 0.28763 -0.00177 -0.04211 -0.07306 15  DG  A C2    
314 N N2    . DG  A 15 ? 0.23805 0.51575 0.36885 -0.03192 -0.02296 -0.03500 15  DG  A N2    
315 N N3    . DG  A 15 ? 0.34043 0.59141 0.40678 0.00069  0.10919  -0.01141 15  DG  A N3    
316 C C4    . DG  A 15 ? 0.30816 0.55275 0.32729 0.05084  0.05640  0.01981  15  DG  A C4    
317 P P     . DG  A 16 ? 0.39320 1.27910 0.69211 -0.06254 -0.07345 0.40720  16  DG  A P     
318 O OP1   . DG  A 16 ? 0.50469 1.38135 0.66076 -0.05654 -0.00341 0.42595  16  DG  A OP1   
319 O OP2   . DG  A 16 ? 0.46884 1.20482 0.82817 -0.04489 -0.02143 0.36997  16  DG  A OP2   
320 O "O5'" . DG  A 16 ? 0.38213 1.17252 0.71027 -0.12873 -0.04111 0.32028  16  DG  A "O5'" 
321 C "C5'" . DG  A 16 ? 0.40372 0.92404 0.68817 -0.17134 0.00527  0.24775  16  DG  A "C5'" 
322 C "C4'" . DG  A 16 ? 0.35017 0.85762 0.46206 -0.12197 -0.08383 0.18830  16  DG  A "C4'" 
323 O "O4'" . DG  A 16 ? 0.37032 0.90329 0.42238 -0.13451 -0.05506 0.07196  16  DG  A "O4'" 
324 C "C3'" . DG  A 16 ? 0.40121 0.71438 0.56025 -0.06997 -0.03628 0.15455  16  DG  A "C3'" 
325 O "O3'" . DG  A 16 ? 0.36485 0.77960 0.53398 -0.10935 -0.07546 0.14468  16  DG  A "O3'" 
326 C "C2'" . DG  A 16 ? 0.42889 0.70990 0.53407 -0.01180 -0.00938 0.10981  16  DG  A "C2'" 
327 C "C1'" . DG  A 16 ? 0.36573 0.71208 0.48566 -0.04749 -0.03119 0.05876  16  DG  A "C1'" 
328 N N9    . DG  A 16 ? 0.29398 0.63731 0.44045 0.00391  -0.02360 0.04517  16  DG  A N9    
329 C C8    . DG  A 16 ? 0.27969 0.60480 0.47387 0.00218  0.00147  -0.01417 16  DG  A C8    
330 N N7    . DG  A 16 ? 0.29461 0.50882 0.37045 0.01503  0.03559  -0.00351 16  DG  A N7    
331 C C5    . DG  A 16 ? 0.27596 0.46776 0.39445 0.00632  0.02613  -0.00546 16  DG  A C5    
332 C C6    . DG  A 16 ? 0.25931 0.44160 0.38263 0.01787  0.04584  0.02804  16  DG  A C6    
333 O O6    . DG  A 16 ? 0.26620 0.40039 0.40288 0.06345  0.04181  -0.03742 16  DG  A O6    
334 N N1    . DG  A 16 ? 0.19430 0.42926 0.45047 0.02011  0.01983  -0.05444 16  DG  A N1    
335 C C2    . DG  A 16 ? 0.23924 0.43822 0.44426 -0.02211 0.05661  -0.00245 16  DG  A C2    
336 N N2    . DG  A 16 ? 0.18705 0.53831 0.46701 -0.01283 0.03751  0.02260  16  DG  A N2    
337 N N3    . DG  A 16 ? 0.24948 0.61764 0.42865 -0.00361 0.03018  0.04724  16  DG  A N3    
338 C C4    . DG  A 16 ? 0.29724 0.51708 0.40354 -0.04096 0.04025  -0.01312 16  DG  A C4    
339 P P     . DT  A 17 ? 0.39628 1.00663 0.56521 -0.06388 -0.06070 0.16114  17  DT  A P     
340 O OP1   . DT  A 17 ? 0.35105 1.00252 0.58983 -0.03808 -0.09349 0.16295  17  DT  A OP1   
341 O OP2   . DT  A 17 ? 0.39342 0.95821 0.58772 0.00038  -0.05062 0.25931  17  DT  A OP2   
342 O "O5'" . DT  A 17 ? 0.42150 1.00978 0.46225 -0.00791 -0.07355 0.21893  17  DT  A "O5'" 
343 C "C5'" . DT  A 17 ? 0.35836 0.82565 0.49774 -0.05314 -0.08271 0.16719  17  DT  A "C5'" 
344 C "C4'" . DT  A 17 ? 0.33650 0.75879 0.45723 -0.07849 -0.08996 0.09678  17  DT  A "C4'" 
345 O "O4'" . DT  A 17 ? 0.33644 0.67088 0.54120 -0.05161 -0.05845 0.15315  17  DT  A "O4'" 
346 C "C3'" . DT  A 17 ? 0.39075 0.63802 0.52313 -0.08899 -0.00524 0.05140  17  DT  A "C3'" 
347 O "O3'" . DT  A 17 ? 0.37228 0.80109 0.41634 -0.03292 -0.03121 0.05395  17  DT  A "O3'" 
348 C "C2'" . DT  A 17 ? 0.37364 0.68388 0.61774 -0.03936 -0.01620 0.08031  17  DT  A "C2'" 
349 C "C1'" . DT  A 17 ? 0.35384 0.74716 0.51166 -0.01127 -0.06806 0.12212  17  DT  A "C1'" 
350 N N1    . DT  A 17 ? 0.36605 0.83291 0.42652 -0.05082 -0.06538 0.10460  17  DT  A N1    
351 C C2    . DT  A 17 ? 0.34628 0.96743 0.41404 -0.04082 -0.08203 0.09836  17  DT  A C2    
352 O O2    . DT  A 17 ? 0.40108 0.98052 0.50780 -0.02332 -0.00783 0.07280  17  DT  A O2    
353 N N3    . DT  A 17 ? 0.37231 1.06060 0.43312 -0.02332 -0.06037 0.15814  17  DT  A N3    
354 C C4    . DT  A 17 ? 0.41625 0.97967 0.36411 -0.09896 -0.02872 0.09512  17  DT  A C4    
355 O O4    . DT  A 17 ? 0.39968 0.98626 0.49232 -0.14027 -0.00289 0.07014  17  DT  A O4    
356 C C5    . DT  A 17 ? 0.42687 0.81219 0.48546 -0.10327 -0.00015 0.05522  17  DT  A C5    
357 C C7    . DT  A 17 ? 0.46137 0.77809 0.42149 -0.12532 -0.01835 -0.05248 17  DT  A C7    
358 C C6    . DT  A 17 ? 0.40540 0.78228 0.48944 -0.10170 -0.00090 0.09320  17  DT  A C6    
359 P P     . DG  A 18 ? 0.34214 0.72153 0.44844 -0.11078 0.00780  0.04262  18  DG  A P     
360 O OP1   . DG  A 18 ? 0.31143 0.78196 0.48016 -0.11213 0.00801  0.11345  18  DG  A OP1   
361 O OP2   . DG  A 18 ? 0.31622 0.83789 0.43688 -0.06362 -0.02975 0.07058  18  DG  A OP2   
362 O "O5'" . DG  A 18 ? 0.27143 0.73777 0.42644 -0.02615 -0.04201 0.09380  18  DG  A "O5'" 
363 C "C5'" . DG  A 18 ? 0.24950 0.66950 0.45436 -0.07212 -0.00940 0.02414  18  DG  A "C5'" 
364 C "C4'" . DG  A 18 ? 0.21773 0.62780 0.36830 -0.08210 -0.02481 0.02555  18  DG  A "C4'" 
365 O "O4'" . DG  A 18 ? 0.27606 0.53511 0.33095 -0.06400 0.00213  -0.01552 18  DG  A "O4'" 
366 C "C3'" . DG  A 18 ? 0.29990 0.44653 0.33807 -0.03656 0.00949  -0.00603 18  DG  A "C3'" 
367 O "O3'" . DG  A 18 ? 0.26609 0.52292 0.43306 -0.07158 0.01239  0.03434  18  DG  A "O3'" 
368 C "C2'" . DG  A 18 ? 0.21805 0.55112 0.38802 -0.04744 -0.02332 -0.00184 18  DG  A "C2'" 
369 C "C1'" . DG  A 18 ? 0.25203 0.48687 0.35406 -0.07809 0.01705  0.00324  18  DG  A "C1'" 
370 N N9    . DG  A 18 ? 0.29588 0.42847 0.21950 -0.00289 0.02577  -0.00617 18  DG  A N9    
371 C C8    . DG  A 18 ? 0.28906 0.49260 0.21861 0.01688  0.00943  -0.04131 18  DG  A C8    
372 N N7    . DG  A 18 ? 0.22287 0.49477 0.32029 0.01429  -0.01813 -0.08365 18  DG  A N7    
373 C C5    . DG  A 18 ? 0.25760 0.43870 0.30292 0.01410  0.02712  -0.08384 18  DG  A C5    
374 C C6    . DG  A 18 ? 0.24344 0.38712 0.25991 0.03066  0.00829  -0.10058 18  DG  A C6    
375 O O6    . DG  A 18 ? 0.24418 0.37875 0.35976 0.02059  0.04180  -0.11416 18  DG  A O6    
376 N N1    . DG  A 18 ? 0.24005 0.37557 0.27085 0.00016  0.07516  -0.05939 18  DG  A N1    
377 C C2    . DG  A 18 ? 0.25613 0.36869 0.26003 0.05187  0.04837  -0.04065 18  DG  A C2    
378 N N2    . DG  A 18 ? 0.28557 0.39296 0.26718 0.05007  0.06705  -0.06420 18  DG  A N2    
379 N N3    . DG  A 18 ? 0.24773 0.42554 0.29035 0.04184  0.02194  -0.11879 18  DG  A N3    
380 C C4    . DG  A 18 ? 0.26895 0.44827 0.23932 0.03688  0.02979  -0.03185 18  DG  A C4    
381 P P     . DG  A 19 ? 0.30852 0.67772 0.44795 -0.09436 0.04882  0.02119  19  DG  A P     
382 O OP1   . DG  A 19 ? 0.35353 0.80792 0.48615 -0.11067 0.07600  0.01499  19  DG  A OP1   
383 O OP2   . DG  A 19 ? 0.33894 0.87803 0.44565 -0.05030 0.02752  -0.03347 19  DG  A OP2   
384 O "O5'" . DG  A 19 ? 0.28686 0.63859 0.46868 -0.01424 -0.00598 0.04520  19  DG  A "O5'" 
385 C "C5'" . DG  A 19 ? 0.37213 0.60725 0.39426 -0.02325 0.04143  -0.01654 19  DG  A "C5'" 
386 C "C4'" . DG  A 19 ? 0.40191 0.56788 0.39071 -0.02953 0.08664  -0.07673 19  DG  A "C4'" 
387 O "O4'" . DG  A 19 ? 0.43166 0.52676 0.40546 0.03070  0.12197  -0.02330 19  DG  A "O4'" 
388 C "C3'" . DG  A 19 ? 0.40482 0.50159 0.46937 -0.01306 0.10637  -0.07477 19  DG  A "C3'" 
389 O "O3'" . DG  A 19 ? 0.41028 0.66892 0.49264 -0.08446 0.11764  -0.06157 19  DG  A "O3'" 
390 C "C2'" . DG  A 19 ? 0.37361 0.47242 0.40723 -0.00852 0.09965  -0.06505 19  DG  A "C2'" 
391 C "C1'" . DG  A 19 ? 0.40342 0.50475 0.32571 0.06183  0.08493  -0.08796 19  DG  A "C1'" 
392 N N9    . DG  A 19 ? 0.32233 0.54337 0.32129 0.06624  0.08009  -0.01297 19  DG  A N9    
393 C C8    . DG  A 19 ? 0.28250 0.57394 0.33073 0.07253  0.06810  -0.00250 19  DG  A C8    
394 N N7    . DG  A 19 ? 0.28362 0.48812 0.36388 0.07771  0.06826  -0.06319 19  DG  A N7    
395 C C5    . DG  A 19 ? 0.22206 0.39428 0.40530 0.05056  0.06246  -0.07480 19  DG  A C5    
396 C C6    . DG  A 19 ? 0.23926 0.36710 0.36762 -0.02509 0.09452  -0.11071 19  DG  A C6    
397 O O6    . DG  A 19 ? 0.26092 0.38936 0.40555 0.03971  0.12816  -0.06087 19  DG  A O6    
398 N N1    . DG  A 19 ? 0.26785 0.39867 0.28139 0.02073  0.08183  -0.10567 19  DG  A N1    
399 C C2    . DG  A 19 ? 0.28432 0.50877 0.29652 0.00278  0.09739  -0.08773 19  DG  A C2    
400 N N2    . DG  A 19 ? 0.31043 0.46429 0.33487 0.02392  0.10614  -0.07568 19  DG  A N2    
401 N N3    . DG  A 19 ? 0.27113 0.46080 0.32154 0.01531  0.09735  -0.10195 19  DG  A N3    
402 C C4    . DG  A 19 ? 0.25415 0.48557 0.33655 0.02627  0.06274  -0.06019 19  DG  A C4    
403 P P     A DT  A 20 ? 0.44036 0.70097 0.42122 -0.08156 0.12660  -0.01601 20  DT  A P     
404 P P     B DT  A 20 ? 0.43828 0.65875 0.51400 -0.06344 0.10222  -0.06210 20  DT  A P     
405 O OP1   A DT  A 20 ? 0.45530 0.65569 0.52968 -0.08132 0.16388  -0.01549 20  DT  A OP1   
406 O OP1   B DT  A 20 ? 0.45276 0.64373 0.56724 -0.06510 0.12288  -0.07286 20  DT  A OP1   
407 O OP2   A DT  A 20 ? 0.55652 0.78793 0.43203 -0.03465 0.20391  -0.09663 20  DT  A OP2   
408 O OP2   B DT  A 20 ? 0.50169 0.72639 0.53081 -0.03732 0.14616  -0.08344 20  DT  A OP2   
409 O "O5'" A DT  A 20 ? 0.50905 0.63581 0.46071 -0.15208 0.15985  0.00834  20  DT  A "O5'" 
410 O "O5'" B DT  A 20 ? 0.48614 0.58437 0.55295 -0.09075 0.11260  -0.06020 20  DT  A "O5'" 
411 C "C5'" A DT  A 20 ? 0.56982 0.65352 0.45691 -0.13431 0.14375  0.03542  20  DT  A "C5'" 
412 C "C5'" B DT  A 20 ? 0.51439 0.57621 0.53263 -0.07764 0.08390  -0.03903 20  DT  A "C5'" 
413 C "C4'" A DT  A 20 ? 0.61218 0.76814 0.35280 -0.10833 0.09801  0.07966  20  DT  A "C4'" 
414 C "C4'" B DT  A 20 ? 0.53208 0.61809 0.50518 -0.06335 0.04728  -0.02164 20  DT  A "C4'" 
415 O "O4'" A DT  A 20 ? 0.65188 0.75855 0.39227 -0.12486 0.11157  0.08944  20  DT  A "O4'" 
416 O "O4'" B DT  A 20 ? 0.55240 0.63451 0.53426 -0.07160 0.04562  -0.03423 20  DT  A "O4'" 
417 C "C3'" A DT  A 20 ? 0.58127 0.79134 0.28155 -0.10904 0.03610  0.06865  20  DT  A "C3'" 
418 C "C3'" B DT  A 20 ? 0.51500 0.55928 0.46317 -0.05871 0.01022  -0.00134 20  DT  A "C3'" 
419 O "O3'" A DT  A 20 ? 0.53719 0.83183 0.40201 -0.11241 0.05936  0.10302  20  DT  A "O3'" 
420 O "O3'" B DT  A 20 ? 0.47805 0.46029 0.46418 -0.06591 -0.01347 -0.00157 20  DT  A "O3'" 
421 C "C2'" A DT  A 20 ? 0.64591 0.65619 0.33498 -0.15679 0.08472  0.02447  20  DT  A "C2'" 
422 C "C2'" B DT  A 20 ? 0.54241 0.56134 0.47358 -0.07109 0.02298  -0.00535 20  DT  A "C2'" 
423 C "C1'" A DT  A 20 ? 0.66607 0.61538 0.47473 -0.14784 0.11364  0.06329  20  DT  A "C1'" 
424 C "C1'" B DT  A 20 ? 0.55074 0.55136 0.55250 -0.08141 0.03902  0.00123  20  DT  A "C1'" 
425 N N1    A DT  A 20 ? 0.68172 0.68725 0.64347 -0.14422 0.10697  0.03604  20  DT  A N1    
426 N N1    B DT  A 20 ? 0.54559 0.58070 0.63030 -0.09131 0.02670  0.01259  20  DT  A N1    
427 C C2    A DT  A 20 ? 0.68770 0.71630 0.63605 -0.12091 0.07971  0.06827  20  DT  A C2    
428 C C2    B DT  A 20 ? 0.51370 0.59726 0.58543 -0.09741 -0.02368 0.02777  20  DT  A C2    
429 O O2    A DT  A 20 ? 0.71270 0.74070 0.59901 -0.10232 0.07607  0.04596  20  DT  A O2    
430 O O2    B DT  A 20 ? 0.45929 0.57041 0.44854 -0.13302 -0.11083 -0.04009 20  DT  A O2    
431 N N3    A DT  A 20 ? 0.70949 0.74172 0.73468 -0.09636 0.11065  0.13301  20  DT  A N3    
432 N N3    B DT  A 20 ? 0.54710 0.59366 0.68262 -0.09283 0.02440  0.06236  20  DT  A N3    
433 C C4    A DT  A 20 ? 0.74871 0.82414 0.87119 -0.08032 0.17033  0.15315  20  DT  A C4    
434 C C4    B DT  A 20 ? 0.58514 0.63351 0.76143 -0.08631 0.07020  0.07226  20  DT  A C4    
435 O O4    A DT  A 20 ? 0.77172 0.89698 0.91755 -0.06117 0.19219  0.18098  20  DT  A O4    
436 O O4    B DT  A 20 ? 0.59881 0.65846 0.79860 -0.09126 0.08386  0.06528  20  DT  A O4    
437 C C5    A DT  A 20 ? 0.73935 0.80767 0.87795 -0.09607 0.17061  0.11469  20  DT  A C5    
438 C C5    B DT  A 20 ? 0.58591 0.64536 0.73139 -0.07597 0.06541  0.07598  20  DT  A C5    
439 C C7    A DT  A 20 ? 0.73232 0.79759 0.90361 -0.10623 0.17398  0.12308  20  DT  A C7    
440 C C7    B DT  A 20 ? 0.58211 0.62623 0.71958 -0.09260 0.06486  0.09049  20  DT  A C7    
441 C C6    A DT  A 20 ? 0.69400 0.73325 0.73448 -0.12718 0.11903  0.08374  20  DT  A C6    
442 C C6    B DT  A 20 ? 0.55708 0.60728 0.65273 -0.08152 0.03138  0.05805  20  DT  A C6    
443 P P     A DG  A 21 ? 0.53400 0.85212 0.43944 -0.09823 0.07192  0.09122  21  DG  A P     
444 P P     B DG  A 21 ? 0.51898 0.63222 0.31880 -0.02556 -0.01445 -0.01897 21  DG  A P     
445 O OP1   A DG  A 21 ? 0.60482 0.70449 0.74955 -0.12890 0.23085  0.13995  21  DG  A OP1   
446 O OP1   B DG  A 21 ? 0.52637 0.71581 0.39646 0.02160  0.00463  0.01952  21  DG  A OP1   
447 O OP2   A DG  A 21 ? 0.44668 0.85277 0.45783 -0.11959 0.03432  0.15741  21  DG  A OP2   
448 O OP2   B DG  A 21 ? 0.54481 0.56006 0.51787 -0.04126 0.07948  0.02798  21  DG  A OP2   
449 O "O5'" A DG  A 21 ? 0.47235 0.81385 0.31154 -0.13913 -0.01473 -0.00524 21  DG  A "O5'" 
450 O "O5'" B DG  A 21 ? 0.52981 0.60013 0.43757 -0.00793 0.03511  0.06557  21  DG  A "O5'" 
451 C "C5'" A DG  A 21 ? 0.51456 0.81429 0.33202 -0.07776 0.00813  -0.02829 21  DG  A "C5'" 
452 C "C5'" B DG  A 21 ? 0.51243 0.46848 0.46088 -0.06694 0.02539  0.00880  21  DG  A "C5'" 
453 C "C4'" A DG  A 21 ? 0.49930 0.76186 0.21472 -0.02684 -0.03384 0.00349  21  DG  A "C4'" 
454 C "C4'" B DG  A 21 ? 0.48169 0.50542 0.37554 -0.08621 -0.02696 -0.03620 21  DG  A "C4'" 
455 O "O4'" A DG  A 21 ? 0.52457 0.57763 0.38971 -0.00162 0.04939  0.00198  21  DG  A "O4'" 
456 O "O4'" B DG  A 21 ? 0.44844 0.41980 0.35987 -0.10094 -0.06337 -0.12295 21  DG  A "O4'" 
457 C "C3'" A DG  A 21 ? 0.50510 0.72789 0.22535 -0.01527 -0.04679 -0.02312 21  DG  A "C3'" 
458 C "C3'" B DG  A 21 ? 0.50770 0.56012 0.34446 -0.05738 -0.03248 -0.03491 21  DG  A "C3'" 
459 O "O3'" A DG  A 21 ? 0.54711 0.68970 0.32809 -0.04058 -0.02048 -0.03105 21  DG  A "O3'" 
460 O "O3'" B DG  A 21 ? 0.53204 0.61399 0.33402 -0.08176 -0.03423 -0.04918 21  DG  A "O3'" 
461 C "C2'" A DG  A 21 ? 0.51201 0.54944 0.30505 -0.06052 0.03663  -0.01842 21  DG  A "C2'" 
462 C "C2'" B DG  A 21 ? 0.49498 0.46363 0.33648 -0.06712 -0.02672 -0.05279 21  DG  A "C2'" 
463 C "C1'" A DG  A 21 ? 0.47646 0.46805 0.35464 -0.04573 0.03957  -0.03441 21  DG  A "C1'" 
464 C "C1'" B DG  A 21 ? 0.46949 0.40737 0.35064 -0.04559 -0.03962 -0.07390 21  DG  A "C1'" 
465 N N9    A DG  A 21 ? 0.37023 0.45418 0.29366 -0.04481 0.03021  0.00588  21  DG  A N9    
466 N N9    B DG  A 21 ? 0.40782 0.41727 0.28789 0.00697  -0.07868 -0.07294 21  DG  A N9    
467 C C8    A DG  A 21 ? 0.35519 0.39929 0.28284 -0.05495 0.03522  -0.01044 21  DG  A C8    
468 C C8    B DG  A 21 ? 0.42205 0.48951 0.19531 0.05028  -0.09340 -0.09928 21  DG  A C8    
469 N N7    A DG  A 21 ? 0.27188 0.42831 0.23124 -0.05552 -0.01047 -0.05761 21  DG  A N7    
470 N N7    B DG  A 21 ? 0.46342 0.39589 0.29210 0.08922  -0.01324 -0.06076 21  DG  A N7    
471 C C5    A DG  A 21 ? 0.26175 0.30567 0.34038 -0.04899 0.03569  -0.04645 21  DG  A C5    
472 C C5    B DG  A 21 ? 0.44705 0.35223 0.30598 0.07434  -0.01907 -0.09337 21  DG  A C5    
473 C C6    A DG  A 21 ? 0.22395 0.38103 0.32274 0.03150  0.05962  0.02349  21  DG  A C6    
474 C C6    B DG  A 21 ? 0.43946 0.35768 0.24148 0.10074  -0.02244 -0.12529 21  DG  A C6    
475 O O6    A DG  A 21 ? 0.15102 0.43591 0.31998 -0.01836 0.05209  -0.07873 21  DG  A O6    
476 O O6    B DG  A 21 ? 0.43631 0.29764 0.35112 0.18747  0.03045  -0.06711 21  DG  A O6    
477 N N1    A DG  A 21 ? 0.19701 0.40891 0.37399 0.10530  0.03305  -0.03464 21  DG  A N1    
478 N N1    B DG  A 21 ? 0.39475 0.34339 0.24736 0.05349  -0.06320 -0.15804 21  DG  A N1    
479 C C2    A DG  A 21 ? 0.21517 0.32060 0.31800 0.02751  0.03635  -0.01759 21  DG  A C2    
480 C C2    B DG  A 21 ? 0.43422 0.41525 0.22140 0.06986  -0.05483 -0.14922 21  DG  A C2    
481 N N2    A DG  A 21 ? 0.17717 0.39706 0.41293 0.02302  0.03344  -0.11874 21  DG  A N2    
482 N N2    B DG  A 21 ? 0.50485 0.41235 0.35979 0.05435  0.04138  -0.17740 21  DG  A N2    
483 N N3    A DG  A 21 ? 0.34750 0.37236 0.32465 0.01628  0.10342  0.00688  21  DG  A N3    
484 N N3    B DG  A 21 ? 0.48623 0.31558 0.33715 0.07119  0.00627  -0.12917 21  DG  A N3    
485 C C4    A DG  A 21 ? 0.35442 0.35451 0.31485 0.00488  0.06671  0.01118  21  DG  A C4    
486 C C4    B DG  A 21 ? 0.45959 0.34196 0.33448 0.06550  -0.01538 -0.07960 21  DG  A C4    
487 P P     . DG  A 22 ? 0.57741 0.68746 0.32688 -0.10787 0.00184  -0.04721 22  DG  A P     
488 O OP1   . DG  A 22 ? 0.62042 0.72692 0.38425 -0.07294 0.01718  0.01348  22  DG  A OP1   
489 O OP2   . DG  A 22 ? 0.59775 0.70191 0.31386 -0.08652 0.02590  -0.03476 22  DG  A OP2   
490 O "O5'" . DG  A 22 ? 0.53491 0.59340 0.37983 -0.16549 0.04299  -0.02628 22  DG  A "O5'" 
491 C "C5'" . DG  A 22 ? 0.51444 0.59818 0.41659 -0.13131 0.04722  -0.02778 22  DG  A "C5'" 
492 C "C4'" . DG  A 22 ? 0.50834 0.57664 0.33299 -0.10916 0.04837  -0.04116 22  DG  A "C4'" 
493 O "O4'" . DG  A 22 ? 0.44412 0.69255 0.30650 -0.09887 0.01349  -0.10150 22  DG  A "O4'" 
494 C "C3'" . DG  A 22 ? 0.53865 0.57275 0.40279 -0.06052 0.07614  -0.10199 22  DG  A "C3'" 
495 O "O3'" . DG  A 22 ? 0.47423 0.64869 0.38369 -0.11537 -0.02782 -0.11925 22  DG  A "O3'" 
496 C "C2'" . DG  A 22 ? 0.45957 0.54878 0.36302 0.05242  0.01818  -0.04225 22  DG  A "C2'" 
497 C "C1'" . DG  A 22 ? 0.36044 0.58639 0.30759 -0.00576 -0.01951 -0.06199 22  DG  A "C1'" 
498 N N9    . DG  A 22 ? 0.36797 0.52400 0.25595 -0.01763 0.05748  -0.07785 22  DG  A N9    
499 C C8    . DG  A 22 ? 0.42328 0.55150 0.39582 0.01023  0.14189  -0.09927 22  DG  A C8    
500 N N7    . DG  A 22 ? 0.36820 0.46346 0.29271 0.00367  0.08845  -0.09640 22  DG  A N7    
501 C C5    . DG  A 22 ? 0.32944 0.37115 0.27898 -0.00619 0.08517  -0.13093 22  DG  A C5    
502 C C6    . DG  A 22 ? 0.26677 0.42205 0.33529 0.02858  0.07773  -0.10487 22  DG  A C6    
503 O O6    . DG  A 22 ? 0.24650 0.42078 0.39340 0.00299  0.07091  -0.17671 22  DG  A O6    
504 N N1    . DG  A 22 ? 0.24952 0.40942 0.36036 0.03547  0.08587  -0.16078 22  DG  A N1    
505 C C2    . DG  A 22 ? 0.24751 0.50498 0.27629 0.01098  0.05715  -0.15278 22  DG  A C2    
506 N N2    . DG  A 22 ? 0.24049 0.51295 0.42848 0.01009  0.10964  -0.11223 22  DG  A N2    
507 N N3    . DG  A 22 ? 0.30021 0.40579 0.35691 -0.01322 0.10749  -0.08020 22  DG  A N3    
508 C C4    . DG  A 22 ? 0.34489 0.43573 0.22922 0.01445  0.05905  -0.10339 22  DG  A C4    
509 P P     A DT  A 23 ? 0.51162 0.65888 0.33824 -0.14884 -0.03507 -0.14170 23  DT  A P     
510 P P     B DT  A 23 ? 0.53344 0.62713 0.41149 -0.06555 -0.01485 -0.09458 23  DT  A P     
511 O OP1   A DT  A 23 ? 0.53040 0.61918 0.51751 -0.17203 0.04607  -0.06297 23  DT  A OP1   
512 O OP1   B DT  A 23 ? 0.53415 0.61797 0.45871 -0.06721 -0.00456 -0.07017 23  DT  A OP1   
513 O OP2   A DT  A 23 ? 0.65140 0.70463 0.38367 -0.07525 0.08576  -0.09970 23  DT  A OP2   
514 O OP2   B DT  A 23 ? 0.58355 0.63566 0.45272 -0.04107 0.03167  -0.08344 23  DT  A OP2   
515 O "O5'" A DT  A 23 ? 0.48216 0.67136 0.44250 -0.07453 -0.03275 -0.01302 23  DT  A "O5'" 
516 O "O5'" B DT  A 23 ? 0.52912 0.57390 0.43741 -0.03418 -0.02966 -0.07747 23  DT  A "O5'" 
517 C "C5'" A DT  A 23 ? 0.46199 0.71371 0.49119 -0.01234 -0.04913 -0.01978 23  DT  A "C5'" 
518 C "C5'" B DT  A 23 ? 0.52060 0.40771 0.41020 -0.05236 -0.06603 -0.15816 23  DT  A "C5'" 
519 C "C4'" A DT  A 23 ? 0.45566 0.61993 0.52357 -0.01994 -0.03803 -0.07227 23  DT  A "C4'" 
520 C "C4'" B DT  A 23 ? 0.52467 0.39706 0.35505 -0.02439 -0.09096 -0.19052 23  DT  A "C4'" 
521 O "O4'" A DT  A 23 ? 0.48666 0.48110 0.52244 -0.05090 -0.04602 -0.18878 23  DT  A "O4'" 
522 O "O4'" B DT  A 23 ? 0.51772 0.39318 0.28786 0.01483  -0.12957 -0.15184 23  DT  A "O4'" 
523 C "C3'" A DT  A 23 ? 0.39422 0.52355 0.41344 -0.00602 -0.09636 -0.07981 23  DT  A "C3'" 
524 C "C3'" B DT  A 23 ? 0.49763 0.34747 0.36540 -0.04438 -0.08612 -0.19058 23  DT  A "C3'" 
525 O "O3'" A DT  A 23 ? 0.39875 0.69919 0.40753 0.04146  -0.03965 -0.12148 23  DT  A "O3'" 
526 O "O3'" B DT  A 23 ? 0.55139 0.44331 0.37653 -0.00052 -0.04378 -0.22869 23  DT  A "O3'" 
527 C "C2'" A DT  A 23 ? 0.44179 0.47830 0.50718 -0.00693 -0.06612 -0.09679 23  DT  A "C2'" 
528 C "C2'" B DT  A 23 ? 0.50651 0.29746 0.37719 -0.01896 -0.10084 -0.16957 23  DT  A "C2'" 
529 C "C1'" A DT  A 23 ? 0.51538 0.42958 0.58133 -0.02477 -0.01242 -0.12431 23  DT  A "C1'" 
530 C "C1'" B DT  A 23 ? 0.53656 0.27693 0.43661 -0.01850 -0.06777 -0.16026 23  DT  A "C1'" 
531 N N1    A DT  A 23 ? 0.53353 0.54342 0.58059 -0.02824 -0.03042 -0.08060 23  DT  A N1    
532 N N1    B DT  A 23 ? 0.49544 0.39266 0.44115 -0.03528 -0.10966 -0.16580 23  DT  A N1    
533 C C2    A DT  A 23 ? 0.51115 0.60336 0.49795 -0.04822 -0.09836 -0.11345 23  DT  A C2    
534 C C2    B DT  A 23 ? 0.47856 0.42676 0.40150 -0.01993 -0.14982 -0.17660 23  DT  A C2    
535 O O2    A DT  A 23 ? 0.50245 0.57765 0.48983 -0.06652 -0.12585 -0.13588 23  DT  A O2    
536 O O2    B DT  A 23 ? 0.49287 0.37821 0.39442 0.02375  -0.15371 -0.18955 23  DT  A O2    
537 N N3    A DT  A 23 ? 0.53476 0.65840 0.44761 -0.00690 -0.10681 -0.07621 23  DT  A N3    
538 N N3    B DT  A 23 ? 0.47932 0.46071 0.41926 -0.04698 -0.14104 -0.19177 23  DT  A N3    
539 C C4    A DT  A 23 ? 0.58635 0.66765 0.67180 -0.03344 -0.01892 -0.15969 23  DT  A C4    
540 C C4    B DT  A 23 ? 0.47875 0.53108 0.47731 -0.07135 -0.12237 -0.18987 23  DT  A C4    
541 O O4    A DT  A 23 ? 0.62463 0.73355 0.79952 -0.01143 0.02649  -0.20697 23  DT  A O4    
542 O O4    B DT  A 23 ? 0.50841 0.49352 0.59831 -0.12353 -0.06548 -0.25639 23  DT  A O4    
543 C C5    A DT  A 23 ? 0.58012 0.64564 0.65815 -0.06223 -0.01292 -0.14970 23  DT  A C5    
544 C C5    B DT  A 23 ? 0.46246 0.54815 0.46124 -0.06143 -0.12950 -0.14258 23  DT  A C5    
545 C C7    A DT  A 23 ? 0.62294 0.59880 0.72090 -0.09378 0.04941  -0.14408 23  DT  A C7    
546 C C7    B DT  A 23 ? 0.41414 0.39452 0.54645 -0.14524 -0.11251 -0.11974 23  DT  A C7    
547 C C6    A DT  A 23 ? 0.57198 0.62436 0.62572 -0.03330 -0.01465 -0.11385 23  DT  A C6    
548 C C6    B DT  A 23 ? 0.47067 0.51265 0.41504 -0.06135 -0.14491 -0.20817 23  DT  A C6    
549 P P     A DG  A 24 ? 0.35913 0.55064 0.39807 -0.04343 0.01631  -0.16504 24  DG  A P     
550 P P     B DG  A 24 ? 0.56697 0.62618 0.47668 0.03387  0.01262  -0.20010 24  DG  A P     
551 O OP1   A DG  A 24 ? 0.38140 0.55826 0.56136 -0.12762 0.08091  -0.25135 24  DG  A OP1   
552 O OP1   B DG  A 24 ? 0.59536 0.73370 0.54633 0.08340  0.04847  -0.13809 24  DG  A OP1   
553 O OP2   A DG  A 24 ? 0.36554 0.54789 0.37054 0.02496  -0.01066 -0.16573 24  DG  A OP2   
554 O OP2   B DG  A 24 ? 0.60685 0.73472 0.41032 0.08347  0.01385  -0.20246 24  DG  A OP2   
555 O "O5'" A DG  A 24 ? 0.32071 0.47900 0.42706 -0.01207 0.01668  -0.08959 24  DG  A "O5'" 
556 O "O5'" B DG  A 24 ? 0.49806 0.51174 0.57234 0.01584  0.02425  -0.14503 24  DG  A "O5'" 
557 C "C5'" A DG  A 24 ? 0.26680 0.44296 0.42789 -0.05652 -0.00012 -0.15756 24  DG  A "C5'" 
558 C "C5'" B DG  A 24 ? 0.42951 0.46148 0.52440 -0.00969 -0.00097 -0.09136 24  DG  A "C5'" 
559 C "C4'" A DG  A 24 ? 0.24094 0.47661 0.38321 -0.02137 0.01145  -0.06726 24  DG  A "C4'" 
560 C "C4'" B DG  A 24 ? 0.36752 0.38061 0.42826 -0.02546 -0.03086 -0.01008 24  DG  A "C4'" 
561 O "O4'" A DG  A 24 ? 0.21507 0.50525 0.34434 0.00532  0.02217  -0.11839 24  DG  A "O4'" 
562 O "O4'" B DG  A 24 ? 0.36145 0.39432 0.40493 -0.01865 -0.02451 0.01006  24  DG  A "O4'" 
563 C "C3'" A DG  A 24 ? 0.26621 0.41623 0.43235 -0.05610 0.03452  -0.11561 24  DG  A "C3'" 
564 C "C3'" B DG  A 24 ? 0.35277 0.35757 0.46858 -0.04933 -0.01238 -0.04394 24  DG  A "C3'" 
565 O "O3'" A DG  A 24 ? 0.30572 0.44669 0.53823 -0.04083 0.05202  -0.11494 24  DG  A "O3'" 
566 O "O3'" B DG  A 24 ? 0.36314 0.42034 0.51453 -0.04351 0.02261  -0.06966 24  DG  A "O3'" 
567 C "C2'" A DG  A 24 ? 0.25163 0.38429 0.40153 0.02504  0.02893  -0.11154 24  DG  A "C2'" 
568 C "C2'" B DG  A 24 ? 0.33724 0.34068 0.44835 -0.04885 -0.02818 -0.03826 24  DG  A "C2'" 
569 C "C1'" A DG  A 24 ? 0.20811 0.40854 0.35592 0.01328  0.02625  -0.15169 24  DG  A "C1'" 
570 C "C1'" B DG  A 24 ? 0.31201 0.40489 0.42762 -0.06754 -0.04973 -0.04993 24  DG  A "C1'" 
571 N N9    A DG  A 24 ? 0.23656 0.34660 0.32084 0.04985  0.08406  -0.13567 24  DG  A N9    
572 N N9    B DG  A 24 ? 0.27323 0.34280 0.42903 -0.08466 -0.06158 -0.02531 24  DG  A N9    
573 C C8    A DG  A 24 ? 0.24418 0.30724 0.44272 0.06995  0.10984  -0.10192 24  DG  A C8    
574 C C8    B DG  A 24 ? 0.20000 0.36612 0.37433 -0.09468 -0.11131 -0.02702 24  DG  A C8    
575 N N7    A DG  A 24 ? 0.26671 0.34740 0.27337 0.06489  0.09171  -0.11680 24  DG  A N7    
576 N N7    B DG  A 24 ? 0.20971 0.46510 0.36589 -0.05357 -0.13852 -0.02291 24  DG  A N7    
577 C C5    A DG  A 24 ? 0.23028 0.32098 0.27205 0.04819  0.06848  -0.13019 24  DG  A C5    
578 C C5    B DG  A 24 ? 0.25022 0.42873 0.39438 -0.03658 -0.09735 -0.03076 24  DG  A C5    
579 C C6    A DG  A 24 ? 0.18112 0.30244 0.29004 0.05437  0.07338  -0.09728 24  DG  A C6    
580 C C6    B DG  A 24 ? 0.30234 0.37363 0.40416 -0.05302 -0.04077 -0.03824 24  DG  A C6    
581 O O6    A DG  A 24 ? 0.17921 0.33460 0.28585 0.07322  0.07118  -0.07984 24  DG  A O6    
582 O O6    B DG  A 24 ? 0.35281 0.40088 0.49023 -0.08119 0.04070  -0.00577 24  DG  A O6    
583 N N1    A DG  A 24 ? 0.20919 0.33326 0.31619 0.07028  0.11027  -0.06936 24  DG  A N1    
584 N N1    B DG  A 24 ? 0.32738 0.41104 0.33026 -0.03055 -0.05878 -0.10323 24  DG  A N1    
585 C C2    A DG  A 24 ? 0.21335 0.32310 0.29511 0.02764  0.10813  -0.10083 24  DG  A C2    
586 C C2    B DG  A 24 ? 0.30285 0.44330 0.30602 -0.02007 -0.08543 -0.09240 24  DG  A C2    
587 N N2    A DG  A 24 ? 0.29785 0.40490 0.39803 0.11054  0.16515  -0.02372 24  DG  A N2    
588 N N2    B DG  A 24 ? 0.29153 0.46175 0.25931 -0.00282 -0.11598 -0.11789 24  DG  A N2    
589 N N3    A DG  A 24 ? 0.25167 0.36202 0.30351 0.05186  0.10262  -0.12031 24  DG  A N3    
590 N N3    B DG  A 24 ? 0.29037 0.42912 0.35595 -0.02391 -0.07660 -0.06561 24  DG  A N3    
591 C C4    A DG  A 24 ? 0.21218 0.35209 0.33339 0.01204  0.07602  -0.16318 24  DG  A C4    
592 C C4    B DG  A 24 ? 0.25022 0.40792 0.39293 -0.05146 -0.09320 -0.03840 24  DG  A C4    
593 P P     . DG  A 25 ? 0.38404 0.53008 0.51363 -0.03100 0.04922  -0.08046 25  DG  A P     
594 O OP1   . DG  A 25 ? 0.34180 0.60281 0.62076 -0.08083 0.06379  -0.02943 25  DG  A OP1   
595 O OP2   . DG  A 25 ? 0.41257 0.55083 0.57745 -0.04274 0.07752  -0.05367 25  DG  A OP2   
596 O "O5'" . DG  A 25 ? 0.38641 0.62615 0.46546 -0.07922 0.07827  -0.07333 25  DG  A "O5'" 
597 C "C5'" . DG  A 25 ? 0.41034 0.75294 0.45419 -0.02015 0.09988  -0.00780 25  DG  A "C5'" 
598 C "C4'" . DG  A 25 ? 0.34258 0.69478 0.47870 -0.04541 0.04186  -0.02180 25  DG  A "C4'" 
599 O "O4'" . DG  A 25 ? 0.38974 0.65594 0.43613 -0.01622 0.06924  -0.01190 25  DG  A "O4'" 
600 C "C3'" . DG  A 25 ? 0.37373 0.67638 0.46601 0.01023  0.02363  -0.01681 25  DG  A "C3'" 
601 O "O3'" . DG  A 25 ? 0.42994 0.69412 0.48583 -0.00247 0.04994  0.01557  25  DG  A "O3'" 
602 C "C2'" . DG  A 25 ? 0.39733 0.56606 0.49258 0.02341  0.06490  -0.08498 25  DG  A "C2'" 
603 C "C1'" . DG  A 25 ? 0.34914 0.47837 0.46883 -0.00079 0.05220  -0.08179 25  DG  A "C1'" 
604 N N9    . DG  A 25 ? 0.31471 0.39620 0.40851 0.04479  0.05413  -0.02919 25  DG  A N9    
605 C C8    . DG  A 25 ? 0.25232 0.41116 0.41269 -0.00377 0.03612  -0.07185 25  DG  A C8    
606 N N7    . DG  A 25 ? 0.28274 0.34596 0.47291 0.04367  0.08842  -0.11510 25  DG  A N7    
607 C C5    . DG  A 25 ? 0.26952 0.29887 0.42063 0.04768  0.07522  -0.06389 25  DG  A C5    
608 C C6    . DG  A 25 ? 0.27539 0.32496 0.34433 0.05013  0.07046  -0.02310 25  DG  A C6    
609 O O6    . DG  A 25 ? 0.26872 0.36640 0.34955 0.06709  0.04342  -0.06849 25  DG  A O6    
610 N N1    . DG  A 25 ? 0.32532 0.37075 0.29630 0.06979  0.06636  -0.03724 25  DG  A N1    
611 C C2    . DG  A 25 ? 0.31931 0.35919 0.31943 0.04424  0.06644  0.05126  25  DG  A C2    
612 N N2    . DG  A 25 ? 0.32921 0.54577 0.33669 0.08131  0.05289  0.04063  25  DG  A N2    
613 N N3    . DG  A 25 ? 0.30739 0.45026 0.39610 0.04793  0.05608  -0.05075 25  DG  A N3    
614 C C4    . DG  A 25 ? 0.26394 0.33919 0.34865 0.04535  0.01555  -0.05108 25  DG  A C4    
615 N N1    . SPK B .  ? 0.80944 0.87659 1.31772 -0.04806 0.20158  -0.44119 101 SPK A N1    
616 C C2    . SPK B .  ? 0.84235 0.93283 1.30015 -0.00511 0.21845  -0.41945 101 SPK A C2    
617 C C3    . SPK B .  ? 0.86693 0.99130 1.24949 0.07016  0.21302  -0.37350 101 SPK A C3    
618 C C4    . SPK B .  ? 0.89344 1.03746 1.16043 0.17019  0.19522  -0.30940 101 SPK A C4    
619 N N5    . SPK B .  ? 0.92870 0.88054 1.10231 0.21735  0.20518  -0.27517 101 SPK A N5    
620 C C6    . SPK B .  ? 0.97452 0.63271 1.02892 0.24888  0.21349  -0.30843 101 SPK A C6    
621 C C7    . SPK B .  ? 0.95121 0.66290 1.01930 0.25787  0.20284  -0.32453 101 SPK A C7    
622 C C8    . SPK B .  ? 0.90901 0.70173 1.04419 0.25369  0.18969  -0.34488 101 SPK A C8    
623 C C9    . SPK B .  ? 0.84660 0.58358 0.99694 0.20759  0.12786  -0.32845 101 SPK A C9    
624 N N10   . SPK B .  ? 0.76453 0.59413 0.96859 0.16017  0.07552  -0.37070 101 SPK A N10   
625 C C11   . SPK B .  ? 0.74087 0.66196 0.92860 0.17570  0.04550  -0.38677 101 SPK A C11   
626 C C12   . SPK B .  ? 0.72616 0.61229 0.82203 0.17385  -0.00774 -0.37602 101 SPK A C12   
627 C C13   . SPK B .  ? 0.75647 0.57017 0.79455 0.22704  0.00866  -0.29758 101 SPK A C13   
628 N N14   . SPK B .  ? 0.70947 0.59117 0.68299 0.24016  -0.05541 -0.17155 101 SPK A N14   
629 C C1    . MPD C .  ? 0.60330 0.67121 0.78402 0.10820  0.25845  -0.11613 102 MPD A C1    
630 C C2    . MPD C .  ? 0.58705 0.92712 0.69442 0.08902  0.22460  -0.19315 102 MPD A C2    
631 O O2    . MPD C .  ? 0.56455 1.00367 0.82162 0.03044  0.24828  -0.24699 102 MPD A O2    
632 C CM    . MPD C .  ? 0.47665 1.02770 0.37534 0.14089  0.03746  -0.16245 102 MPD A CM    
633 C C3    . MPD C .  ? 0.64668 0.93996 0.73227 0.09934  0.28994  -0.23006 102 MPD A C3    
634 C C4    . MPD C .  ? 0.65602 0.75162 0.71972 0.10679  0.29289  -0.25259 102 MPD A C4    
635 O O4    . MPD C .  ? 0.52237 0.71348 0.52598 0.01016  0.15496  -0.26019 102 MPD A O4    
636 C C5    . MPD C .  ? 0.66586 0.61202 0.62921 0.18156  0.25729  -0.17315 102 MPD A C5    
637 C C1    . MMP D .  ? 0.69331 0.62808 0.69557 0.35751  0.08269  -0.10548 103 MMP A C1    
638 N N1    . MMP D .  ? 0.75639 0.68721 0.76223 0.37739  0.10432  -0.14936 103 MMP A N1    
639 C C11   . MMP D .  ? 0.77434 0.48898 0.76820 0.27903  0.12098  -0.16994 103 MMP A C11   
640 C C12   . MMP D .  ? 0.79774 0.51519 0.86729 0.24925  0.13406  -0.24065 103 MMP A C12   
641 C C13   . MMP D .  ? 0.80186 0.55552 0.95647 0.30240  0.14583  -0.20356 103 MMP A C13   
642 C C14   . MMP D .  ? 0.78148 0.52089 0.87487 0.28954  0.13124  -0.20158 103 MMP A C14   
643 C C15   . MMP D .  ? 0.83518 0.69083 0.88571 0.37195  0.15831  -0.18479 103 MMP A C15   
644 C C16   . MMP D .  ? 0.77656 0.91331 0.64591 0.32798  0.09592  -0.10110 103 MMP A C16   
645 C C17   . MMP D .  ? 0.81847 0.84554 1.01602 0.39627  0.16640  -0.21274 103 MMP A C17   
646 C C18   . MMP D .  ? 0.90583 0.63659 1.07732 0.32429  0.13436  -0.27270 103 MMP A C18   
647 N N2    . MMP D .  ? 0.91542 0.78836 0.78650 0.41115  0.14164  -0.18942 103 MMP A N2    
648 C C21   . MMP D .  ? 0.89258 0.77619 0.81274 0.39333  0.14816  -0.20802 103 MMP A C21   
649 C C22   . MMP D .  ? 0.89235 0.86349 0.71515 0.40185  0.08811  -0.24592 103 MMP A C22   
650 C C23   . MMP D .  ? 0.93363 0.99999 0.69793 0.42189  0.11941  -0.23687 103 MMP A C23   
651 C C24   . MMP D .  ? 0.91854 0.87393 0.76955 0.39027  0.12433  -0.23604 103 MMP A C24   
652 C C25   . MMP D .  ? 0.89980 0.73899 0.75242 0.28887  0.07589  -0.29655 103 MMP A C25   
653 C C26   . MMP D .  ? 0.86494 0.90606 0.70968 0.40984  0.07215  -0.25316 103 MMP A C26   
654 C C27   . MMP D .  ? 0.96679 1.13855 0.76807 0.44184  0.15586  -0.15421 103 MMP A C27   
655 N N3    . MMP D .  ? 0.91729 0.63332 0.92590 0.18970  0.14704  -0.27264 103 MMP A N3    
656 C C31   . MMP D .  ? 0.89641 0.55326 0.88202 0.20275  0.10768  -0.28594 103 MMP A C31   
657 C C32   . MMP D .  ? 0.87404 0.74604 0.87514 0.19831  0.08566  -0.26114 103 MMP A C32   
658 C C33   . MMP D .  ? 0.94979 0.82253 0.99889 0.24074  0.18143  -0.23435 103 MMP A C33   
659 C C34   . MMP D .  ? 0.92430 0.72334 0.93814 0.24301  0.15797  -0.21607 103 MMP A C34   
660 C C35   . MMP D .  ? 0.89754 0.85480 0.87733 0.36663  0.13552  -0.11668 103 MMP A C35   
661 C C36   . MMP D .  ? 0.80204 0.79971 0.71022 0.16963  -0.01216 -0.22558 103 MMP A C36   
662 C C37   . MMP D .  ? 1.03624 0.96549 1.12064 0.27043  0.27597  -0.23758 103 MMP A C37   
663 C C38   . MMP D .  ? 1.08241 1.09686 1.17720 0.28313  0.33138  -0.21259 103 MMP A C38   
664 N N4    . MMP D .  ? 0.84823 0.83766 0.82601 0.46930  0.08914  -0.12282 103 MMP A N4    
665 C C41   . MMP D .  ? 0.86415 0.92886 0.87054 0.47672  0.11752  -0.10992 103 MMP A C41   
666 C C42   . MMP D .  ? 0.85090 0.99852 0.92087 0.50954  0.10919  -0.12857 103 MMP A C42   
667 C C43   . MMP D .  ? 0.83038 0.88188 0.91882 0.48770  0.11383  -0.07607 103 MMP A C43   
668 C C44   . MMP D .  ? 0.81325 0.79240 0.86245 0.44943  0.09887  -0.11100 103 MMP A C44   
669 C C45   . MMP D .  ? 0.76538 0.67800 0.80749 0.39214  0.09471  -0.12853 103 MMP A C45   
670 C C46   . MMP D .  ? 0.81937 0.84744 0.91058 0.48535  0.12135  -0.00367 103 MMP A C46   
671 C C47   . MMP D .  ? 0.86033 1.12893 0.96540 0.48403  0.12219  -0.25261 103 MMP A C47   
672 C C48   . MMP D .  ? 0.85335 1.10234 0.98313 0.45696  0.10919  -0.29986 103 MMP A C48   
673 K K     . K   E .  ? 0.25696 0.43496 0.44581 0.02752  0.05832  -0.19506 104 K   A K     
674 K K     . K   F .  ? 0.24050 0.36592 0.32941 0.04616  0.05051  -0.10598 105 K   A K     
675 K K     . K   G .  ? 0.23581 0.38524 0.29987 0.04500  0.05194  -0.08985 106 K   A K     
676 O O     . HOH H .  ? 0.86210 0.98144 0.51471 -0.49232 -0.24846 0.24355  201 HOH A O     
677 O O     . HOH H .  ? 0.49893 0.64582 0.66562 -0.04844 -0.23132 -0.05477 202 HOH A O     
678 O O     . HOH H .  ? 0.44443 1.25544 0.51928 -0.00670 0.16371  0.00164  203 HOH A O     
679 O O     . HOH H .  ? 0.76222 0.80188 0.39795 -0.05354 -0.06847 -0.10964 204 HOH A O     
680 O O     . HOH H .  ? 0.52345 0.64755 0.43057 -0.11474 0.11157  -0.18059 205 HOH A O     
681 O O     . HOH H .  ? 0.45886 0.76939 0.85311 -0.28767 -0.11361 0.21879  206 HOH A O     
682 O O     . HOH H .  ? 0.74275 0.42466 0.38973 -0.01051 -0.16199 -0.00387 207 HOH A O     
683 O O     . HOH H .  ? 0.76646 0.86119 0.55341 -0.39795 0.16099  -0.28267 208 HOH A O     
684 O O     . HOH H .  ? 0.35851 0.64957 0.37377 -0.01385 0.01342  -0.05094 209 HOH A O     
685 O O     . HOH H .  ? 1.14504 0.53017 0.47075 -0.02803 0.25191  -0.13622 210 HOH A O     
686 O O     . HOH H .  ? 0.52652 1.01166 0.66545 0.11004  -0.14091 -0.15003 211 HOH A O     
687 O O     . HOH H .  ? 0.90759 1.03491 0.48508 0.43299  -0.21906 -0.24786 212 HOH A O     
688 O O     . HOH H .  ? 0.30409 0.68315 0.52071 0.02232  -0.02898 -0.18822 213 HOH A O     
689 O O     . HOH H .  ? 0.51534 0.65174 0.48359 -0.20419 -0.04965 0.01090  214 HOH A O     
690 O O     . HOH H .  ? 0.33478 0.59158 0.36622 -0.03535 0.00230  -0.07649 215 HOH A O     
691 O O     . HOH H .  ? 0.44294 0.61402 0.93030 -0.08285 -0.08415 -0.34227 216 HOH A O     
692 O O     . HOH H .  ? 0.77098 0.73740 0.46979 -0.07743 0.26698  -0.05546 217 HOH A O     
693 O O     . HOH H .  ? 0.47582 0.91478 1.12409 -0.05432 -0.22683 -0.32117 218 HOH A O     
694 O O     . HOH H .  ? 0.86747 0.70235 0.67225 -0.18471 -0.00031 -0.14968 219 HOH A O     
695 O O     . HOH H .  ? 0.90560 0.78699 0.78400 0.15701  0.44314  -0.10674 220 HOH A O     
696 O O     . HOH H .  ? 0.22515 0.60269 0.58904 0.07037  0.03412  -0.05532 221 HOH A O     
697 O O     . HOH H .  ? 0.38458 0.77643 1.20899 -0.19425 -0.00266 0.05534  222 HOH A O     
698 O O     . HOH H .  ? 0.36495 0.58011 0.60660 -0.16244 0.21651  -0.20092 223 HOH A O     
699 O O     . HOH H .  ? 0.69601 0.86606 0.68776 0.17689  -0.33705 -0.22199 224 HOH A O     
700 O O     . HOH H .  ? 0.80892 1.32599 0.63325 -0.15226 -0.27234 0.32438  225 HOH A O     
702 O O     . HOH H .  ? 0.54857 1.13488 0.40216 0.17291  0.12669  -0.08732 227 HOH A O     
703 O O     . HOH H .  ? 0.71474 1.02608 0.53995 0.17956  0.23021  -0.09148 228 HOH A O     
704 O O     . HOH H .  ? 0.52128 0.71156 0.62526 0.11027  -0.03138 -0.18998 229 HOH A O     
705 O O     . HOH H .  ? 1.15121 0.69512 0.64446 0.06606  -0.04106 -0.11632 230 HOH A O     
706 O O     . HOH H .  ? 0.77801 0.61150 0.59013 0.08091  0.29623  -0.06644 231 HOH A O     
707 O O     . HOH H .  ? 0.37016 0.66777 0.38586 -0.03554 0.03746  0.10187  232 HOH A O     
708 O O     . HOH H .  ? 0.35940 0.62315 0.65508 -0.02689 -0.01784 -0.34907 233 HOH A O     
709 O O     . HOH H .  ? 0.57121 1.25697 0.49262 -0.30082 0.05113  0.18679  234 HOH A O     
711 O O     . HOH H .  ? 0.38687 0.68642 1.01732 -0.14430 0.08227  -0.10151 236 HOH A O     
712 O O     . HOH H .  ? 0.68176 0.82888 0.57510 0.16699  -0.21309 -0.33885 237 HOH A O     
713 O O     . HOH H .  ? 0.71620 0.70210 0.93587 0.01039  0.04291  -0.16987 238 HOH A O     
714 O O     . HOH H .  ? 0.37853 0.52159 0.56529 0.02128  0.06704  -0.14985 239 HOH A O     
715 O O     . HOH H .  ? 0.76717 0.92172 0.81753 -0.36985 -0.20083 0.35636  240 HOH A O     
716 O O     . HOH H .  ? 0.90403 1.05659 0.51072 -0.40364 -0.04010 0.04003  241 HOH A O     
717 O O     . HOH H .  ? 1.05795 0.69144 1.02651 -0.32585 -0.53766 0.15632  242 HOH A O     
718 O O     . HOH H .  ? 0.30208 0.70152 0.41885 -0.15240 -0.01420 -0.00881 243 HOH A O     
719 O O     . HOH H .  ? 0.48283 0.48565 0.92009 0.00818  0.27722  -0.22190 244 HOH A O     
720 O O     . HOH H .  ? 0.88539 0.56119 0.48677 -0.13889 -0.00412 0.13200  245 HOH A O     
721 O O     . HOH H .  ? 0.43267 0.89870 0.37564 -0.02523 0.15558  -0.11475 246 HOH A O     
722 O O     . HOH H .  ? 0.43920 0.72567 1.00859 0.17365  -0.16518 -0.44467 247 HOH A O     
723 O O     . HOH H .  ? 0.29786 0.53860 0.42063 0.00111  0.13946  -0.08319 248 HOH A O     
724 O O     . HOH H .  ? 1.11005 0.72289 0.63390 -0.36295 0.09759  0.06840  249 HOH A O     
725 O O     . HOH H .  ? 0.28088 0.73264 0.89291 -0.10598 0.09349  0.09982  250 HOH A O     
726 O O     . HOH H .  ? 0.41058 1.17535 0.84057 -0.05386 -0.16974 0.05729  251 HOH A O     
727 O O     . HOH H .  ? 1.22126 0.44456 1.01432 -0.03231 -0.19793 -0.07899 252 HOH A O     
728 O O     . HOH H .  ? 1.29834 1.03324 0.60260 -0.33895 -0.34667 0.05982  253 HOH A O     
729 O O     . HOH H .  ? 0.63868 0.53866 0.69031 0.14003  0.04782  -0.25933 254 HOH A O     
731 O O     . HOH H .  ? 1.18467 0.88041 0.59408 0.13929  -0.08991 -0.37845 256 HOH A O     
732 O O     . HOH H .  ? 0.41756 0.86526 1.19913 0.02894  0.16994  0.07629  257 HOH A O     
733 O O     . HOH H .  ? 1.00267 0.84843 0.62112 -0.02134 -0.16047 -0.10157 258 HOH A O     
734 O O     . HOH H .  ? 0.66949 0.67907 0.90423 0.07060  -0.23960 0.00043  259 HOH A O     
735 O O     . HOH H .  ? 0.31416 0.72175 0.93667 -0.06478 0.19730  -0.03917 260 HOH A O     
736 O O     . HOH H .  ? 0.69385 0.59882 0.46860 0.04309  -0.03414 -0.19975 261 HOH A O     
737 O O     . HOH H .  ? 0.38915 1.03301 1.14515 0.05299  -0.12497 0.05796  262 HOH A O     
# 
